data_4E0L
# 
_entry.id   4E0L 
# 
_audit_conform.dict_name       mmcif_pdbx.dic 
_audit_conform.dict_version    5.381 
_audit_conform.dict_location   http://mmcif.pdb.org/dictionaries/ascii/mmcif_pdbx.dic 
# 
loop_
_database_2.database_id 
_database_2.database_code 
_database_2.pdbx_database_accession 
_database_2.pdbx_DOI 
PDB   4E0L         pdb_00004e0l 10.2210/pdb4e0l/pdb 
RCSB  RCSB071017   ?            ?                   
WWPDB D_1000071017 ?            ?                   
# 
loop_
_pdbx_database_related.db_name 
_pdbx_database_related.db_id 
_pdbx_database_related.details 
_pdbx_database_related.content_type 
PDB 4E0K . unspecified 
PDB 4E0M . unspecified 
PDB 4E0N . unspecified 
PDB 4E0O . unspecified 
# 
_pdbx_database_status.entry_id                        4E0L 
_pdbx_database_status.status_code                     REL 
_pdbx_database_status.deposit_site                    RCSB 
_pdbx_database_status.process_site                    RCSB 
_pdbx_database_status.recvd_initial_deposition_date   2012-03-04 
_pdbx_database_status.status_code_sf                  REL 
_pdbx_database_status.status_code_mr                  ? 
_pdbx_database_status.SG_entry                        ? 
_pdbx_database_status.status_code_cs                  ? 
_pdbx_database_status.methods_development_category    ? 
_pdbx_database_status.pdb_format_compatible           Y 
_pdbx_database_status.status_code_nmr_data            ? 
# 
loop_
_audit_author.name 
_audit_author.pdbx_ordinal 
'Zhao, M.'      1 
'Liu, C.'       2 
'Michael, S.R.' 3 
'Eisenberg, D.' 4 
# 
_citation.id                        primary 
_citation.title                     'Out-of-register beta-sheets suggest a pathway to toxic amyloid aggregates.' 
_citation.journal_abbrev            Proc.Natl.Acad.Sci.USA 
_citation.journal_volume            109 
_citation.page_first                20913 
_citation.page_last                 20918 
_citation.year                      2012 
_citation.journal_id_ASTM           PNASA6 
_citation.country                   US 
_citation.journal_id_ISSN           0027-8424 
_citation.journal_id_CSD            0040 
_citation.book_publisher            ? 
_citation.pdbx_database_id_PubMed   23213214 
_citation.pdbx_database_id_DOI      10.1073/pnas.1218792109 
# 
loop_
_citation_author.citation_id 
_citation_author.name 
_citation_author.ordinal 
_citation_author.identifier_ORCID 
primary 'Liu, C.'        1  ? 
primary 'Zhao, M.'       2  ? 
primary 'Jiang, L.'      3  ? 
primary 'Cheng, P.N.'    4  ? 
primary 'Park, J.'       5  ? 
primary 'Sawaya, M.R.'   6  ? 
primary 'Pensalfini, A.' 7  ? 
primary 'Gou, D.'        8  ? 
primary 'Berk, A.J.'     9  ? 
primary 'Glabe, C.G.'    10 ? 
primary 'Nowick, J.'     11 ? 
primary 'Eisenberg, D.'  12 ? 
# 
_cell.entry_id           4E0L 
_cell.length_a           66.990 
_cell.length_b           40.780 
_cell.length_c           23.990 
_cell.angle_alpha        90.00 
_cell.angle_beta         98.76 
_cell.angle_gamma        90.00 
_cell.Z_PDB              16 
_cell.pdbx_unique_axis   ? 
_cell.length_a_esd       ? 
_cell.length_b_esd       ? 
_cell.length_c_esd       ? 
_cell.angle_alpha_esd    ? 
_cell.angle_beta_esd     ? 
_cell.angle_gamma_esd    ? 
# 
_symmetry.entry_id                         4E0L 
_symmetry.space_group_name_H-M             'C 1 2 1' 
_symmetry.pdbx_full_space_group_name_H-M   ? 
_symmetry.cell_setting                     ? 
_symmetry.Int_Tables_number                5 
_symmetry.space_group_name_Hall            ? 
# 
loop_
_entity.id 
_entity.type 
_entity.src_method 
_entity.pdbx_description 
_entity.formula_weight 
_entity.pdbx_number_of_molecules 
_entity.pdbx_ec 
_entity.pdbx_mutation 
_entity.pdbx_fragment 
_entity.details 
1 polymer     syn 'Cyclic pseudo-peptide FYLLYYT(ORN)KN(HAO)SA(ORN)' 1847.055 4  ? ? ? ? 
2 non-polymer syn '(4S)-2-METHYL-2,4-PENTANEDIOL'                    118.174  2  ? ? ? ? 
3 water       nat water                                              18.015   16 ? ? ? ? 
# 
_entity_poly.entity_id                      1 
_entity_poly.type                           'polypeptide(L)' 
_entity_poly.nstd_linkage                   no 
_entity_poly.nstd_monomer                   yes 
_entity_poly.pdbx_seq_one_letter_code       '(ORN)FYLLYYT(ORN)KN(HAO)SA' 
_entity_poly.pdbx_seq_one_letter_code_can   AFYLLYYTAKNXSA 
_entity_poly.pdbx_strand_id                 A,B,C,D 
_entity_poly.pdbx_target_identifier         ? 
# 
loop_
_entity_poly_seq.entity_id 
_entity_poly_seq.num 
_entity_poly_seq.mon_id 
_entity_poly_seq.hetero 
1 1  ORN n 
1 2  PHE n 
1 3  TYR n 
1 4  LEU n 
1 5  LEU n 
1 6  TYR n 
1 7  TYR n 
1 8  THR n 
1 9  ORN n 
1 10 LYS n 
1 11 ASN n 
1 12 HAO n 
1 13 SER n 
1 14 ALA n 
# 
_pdbx_entity_src_syn.entity_id              1 
_pdbx_entity_src_syn.pdbx_src_id            1 
_pdbx_entity_src_syn.pdbx_alt_source_flag   sample 
_pdbx_entity_src_syn.pdbx_beg_seq_num       ? 
_pdbx_entity_src_syn.pdbx_end_seq_num       ? 
_pdbx_entity_src_syn.organism_scientific    ? 
_pdbx_entity_src_syn.organism_common_name   ? 
_pdbx_entity_src_syn.ncbi_taxonomy_id       ? 
_pdbx_entity_src_syn.details                'Synthetic molecule' 
# 
_struct_ref.id                         1 
_struct_ref.db_name                    PDB 
_struct_ref.db_code                    4E0L 
_struct_ref.pdbx_db_accession          4E0L 
_struct_ref.entity_id                  1 
_struct_ref.pdbx_align_begin           1 
_struct_ref.pdbx_seq_one_letter_code   '(ORN)FYLLYYT(ORN)KN(HAO)SA' 
_struct_ref.pdbx_db_isoform            ? 
# 
loop_
_struct_ref_seq.align_id 
_struct_ref_seq.ref_id 
_struct_ref_seq.pdbx_PDB_id_code 
_struct_ref_seq.pdbx_strand_id 
_struct_ref_seq.seq_align_beg 
_struct_ref_seq.pdbx_seq_align_beg_ins_code 
_struct_ref_seq.seq_align_end 
_struct_ref_seq.pdbx_seq_align_end_ins_code 
_struct_ref_seq.pdbx_db_accession 
_struct_ref_seq.db_align_beg 
_struct_ref_seq.pdbx_db_align_beg_ins_code 
_struct_ref_seq.db_align_end 
_struct_ref_seq.pdbx_db_align_end_ins_code 
_struct_ref_seq.pdbx_auth_seq_align_beg 
_struct_ref_seq.pdbx_auth_seq_align_end 
1 1 4E0L A 1 ? 14 ? 4E0L 0 ? 13 ? 0 13 
2 1 4E0L B 1 ? 14 ? 4E0L 0 ? 13 ? 0 13 
3 1 4E0L C 1 ? 14 ? 4E0L 0 ? 13 ? 0 13 
4 1 4E0L D 1 ? 14 ? 4E0L 0 ? 13 ? 0 13 
# 
loop_
_chem_comp.id 
_chem_comp.type 
_chem_comp.mon_nstd_flag 
_chem_comp.name 
_chem_comp.pdbx_synonyms 
_chem_comp.formula 
_chem_comp.formula_weight 
ALA 'L-peptide linking' y ALANINE                                                          ? 'C3 H7 N O2'     89.093  
ASN 'L-peptide linking' y ASPARAGINE                                                       ? 'C4 H8 N2 O3'    132.118 
HAO peptide-like        . '{[3-(hydrazinocarbonyl)-4-methoxyphenyl]amino}(oxo)acetic acid' ? 'C10 H11 N3 O5'  253.211 
HOH non-polymer         . WATER                                                            ? 'H2 O'           18.015  
LEU 'L-peptide linking' y LEUCINE                                                          ? 'C6 H13 N O2'    131.173 
LYS 'L-peptide linking' y LYSINE                                                           ? 'C6 H15 N2 O2 1' 147.195 
MPD non-polymer         . '(4S)-2-METHYL-2,4-PENTANEDIOL'                                  ? 'C6 H14 O2'      118.174 
ORN 'L-peptide linking' n L-ornithine                                                      ? 'C5 H12 N2 O2'   132.161 
PHE 'L-peptide linking' y PHENYLALANINE                                                    ? 'C9 H11 N O2'    165.189 
SER 'L-peptide linking' y SERINE                                                           ? 'C3 H7 N O3'     105.093 
THR 'L-peptide linking' y THREONINE                                                        ? 'C4 H9 N O3'     119.119 
TYR 'L-peptide linking' y TYROSINE                                                         ? 'C9 H11 N O3'    181.189 
# 
_exptl.entry_id          4E0L 
_exptl.method            'X-RAY DIFFRACTION' 
_exptl.crystals_number   1 
# 
_exptl_crystal.id                    1 
_exptl_crystal.density_meas          ? 
_exptl_crystal.density_Matthews      2.19 
_exptl_crystal.density_percent_sol   43.88 
_exptl_crystal.description           ? 
_exptl_crystal.F_000                 ? 
_exptl_crystal.preparation           ? 
# 
_exptl_crystal_grow.crystal_id      1 
_exptl_crystal_grow.method          'VAPOR DIFFUSION, HANGING DROP' 
_exptl_crystal_grow.temp            290 
_exptl_crystal_grow.temp_details    ? 
_exptl_crystal_grow.pH              6.2 
_exptl_crystal_grow.pdbx_pH_range   ? 
_exptl_crystal_grow.pdbx_details    
'0.1M Na/K phosphate buffer pH 6.2, 35% (v/v) 2-methyl-2,4-pentanediol, vapor diffusion, hanging drop, temperature 290K' 
# 
_diffrn.id                     1 
_diffrn.ambient_temp           100 
_diffrn.ambient_temp_details   ? 
_diffrn.crystal_id             1 
# 
_diffrn_detector.diffrn_id              1 
_diffrn_detector.detector               CCD 
_diffrn_detector.type                   'ADSC QUANTUM 315' 
_diffrn_detector.pdbx_collection_date   2011-04-25 
_diffrn_detector.details                ? 
# 
_diffrn_radiation.diffrn_id                        1 
_diffrn_radiation.wavelength_id                    1 
_diffrn_radiation.pdbx_monochromatic_or_laue_m_l   M 
_diffrn_radiation.monochromator                    ? 
_diffrn_radiation.pdbx_diffrn_protocol             'SINGLE WAVELENGTH' 
_diffrn_radiation.pdbx_scattering_type             x-ray 
# 
_diffrn_radiation_wavelength.id           1 
_diffrn_radiation_wavelength.wavelength   0.97949 
_diffrn_radiation_wavelength.wt           1.0 
# 
_diffrn_source.diffrn_id                   1 
_diffrn_source.source                      SYNCHROTRON 
_diffrn_source.type                        'APS BEAMLINE 24-ID-C' 
_diffrn_source.pdbx_synchrotron_site       APS 
_diffrn_source.pdbx_synchrotron_beamline   24-ID-C 
_diffrn_source.pdbx_wavelength             ? 
_diffrn_source.pdbx_wavelength_list        0.97949 
# 
_reflns.pdbx_diffrn_id               1 
_reflns.pdbx_ordinal                 1 
_reflns.entry_id                     4E0L 
_reflns.observed_criterion_sigma_I   -3.000 
_reflns.observed_criterion_sigma_F   ? 
_reflns.d_resolution_low             19.4100 
_reflns.d_resolution_high            1.700 
_reflns.number_obs                   6471 
_reflns.number_all                   ? 
_reflns.percent_possible_obs         91.500 
_reflns.pdbx_Rmerge_I_obs            0.104 
_reflns.pdbx_Rsym_value              ? 
_reflns.pdbx_netI_over_sigmaI        10.040 
_reflns.B_iso_Wilson_estimate        14.51 
_reflns.pdbx_redundancy              ? 
_reflns.R_free_details               ? 
_reflns.limit_h_max                  ? 
_reflns.limit_h_min                  ? 
_reflns.limit_k_max                  ? 
_reflns.limit_k_min                  ? 
_reflns.limit_l_max                  ? 
_reflns.limit_l_min                  ? 
_reflns.observed_criterion_F_max     ? 
_reflns.observed_criterion_F_min     ? 
_reflns.pdbx_chi_squared             ? 
_reflns.pdbx_scaling_rejects         ? 
# 
loop_
_reflns_shell.pdbx_diffrn_id 
_reflns_shell.pdbx_ordinal 
_reflns_shell.d_res_high 
_reflns_shell.d_res_low 
_reflns_shell.percent_possible_all 
_reflns_shell.Rmerge_I_obs 
_reflns_shell.pdbx_Rsym_value 
_reflns_shell.meanI_over_sigI_obs 
_reflns_shell.pdbx_redundancy 
_reflns_shell.percent_possible_obs 
_reflns_shell.number_unique_all 
_reflns_shell.number_measured_all 
_reflns_shell.number_measured_obs 
_reflns_shell.number_unique_obs 
_reflns_shell.pdbx_chi_squared 
1 1  1.700 1.750 64.500 0.530 ? 2.380  ? ? ? ? ? ? ? 
1 2  1.750 1.800 75.600 0.429 ? 3.140  ? ? ? ? ? ? ? 
1 3  1.800 1.850 93.800 0.412 ? 3.540  ? ? ? ? ? ? ? 
1 4  1.850 1.910 95.500 0.259 ? 5.390  ? ? ? ? ? ? ? 
1 5  1.910 1.970 96.300 0.322 ? 5.360  ? ? ? ? ? ? ? 
1 6  1.970 2.040 93.800 0.241 ? 6.690  ? ? ? ? ? ? ? 
1 7  2.040 2.110 96.500 0.249 ? 7.170  ? ? ? ? ? ? ? 
1 8  2.110 2.200 94.500 0.235 ? 7.670  ? ? ? ? ? ? ? 
1 9  2.200 2.300 98.500 0.165 ? 9.240  ? ? ? ? ? ? ? 
1 10 2.300 2.410 93.700 0.147 ? 9.740  ? ? ? ? ? ? ? 
1 11 2.410 2.540 99.400 0.146 ? 10.540 ? ? ? ? ? ? ? 
1 12 2.540 2.690 94.600 0.104 ? 12.430 ? ? ? ? ? ? ? 
1 13 2.690 2.880 97.500 0.088 ? 13.020 ? ? ? ? ? ? ? 
1 14 2.880 3.110 94.800 0.079 ? 16.200 ? ? ? ? ? ? ? 
1 15 3.110 3.410 96.500 0.066 ? 18.090 ? ? ? ? ? ? ? 
1 16 3.410 3.810 92.200 0.054 ? 20.350 ? ? ? ? ? ? ? 
1 17 3.810 4.400 90.400 0.051 ? 22.440 ? ? ? ? ? ? ? 
1 18 4.400 5.390 93.400 0.044 ? 24.540 ? ? ? ? ? ? ? 
1 19 5.390 7.620 94.700 0.043 ? 23.460 ? ? ? ? ? ? ? 
1 20 7.620 ?     85.200 0.036 ? 23.420 ? ? ? ? ? ? ? 
# 
_refine.pdbx_refine_id                           'X-RAY DIFFRACTION' 
_refine.entry_id                                 4E0L 
_refine.pdbx_diffrn_id                           1 
_refine.pdbx_TLS_residual_ADP_flag               ? 
_refine.ls_number_reflns_obs                     6471 
_refine.ls_number_reflns_all                     ? 
_refine.pdbx_ls_sigma_I                          ? 
_refine.pdbx_ls_sigma_F                          0.0 
_refine.pdbx_data_cutoff_high_absF               ? 
_refine.pdbx_data_cutoff_low_absF                ? 
_refine.pdbx_data_cutoff_high_rms_absF           ? 
_refine.ls_d_res_low                             19.41 
_refine.ls_d_res_high                            1.70 
_refine.ls_percent_reflns_obs                    91.09 
_refine.ls_R_factor_obs                          0.2311 
_refine.ls_R_factor_all                          ? 
_refine.ls_R_factor_R_work                       0.2282 
_refine.ls_R_factor_R_free                       0.2575 
_refine.ls_R_factor_R_free_error                 ? 
_refine.ls_R_factor_R_free_error_details         ? 
_refine.ls_percent_reflns_R_free                 10.01 
_refine.ls_number_reflns_R_free                  648 
_refine.ls_number_parameters                     ? 
_refine.ls_number_restraints                     ? 
_refine.occupancy_min                            0.600 
_refine.occupancy_max                            1.000 
_refine.correlation_coeff_Fo_to_Fc               0.9173 
_refine.correlation_coeff_Fo_to_Fc_free          0.8930 
_refine.B_iso_mean                               17.69 
_refine.aniso_B[1][1]                            0.1524 
_refine.aniso_B[2][2]                            -0.4799 
_refine.aniso_B[3][3]                            0.3274 
_refine.aniso_B[1][2]                            0.0000 
_refine.aniso_B[1][3]                            0.0563 
_refine.aniso_B[2][3]                            0.0000 
_refine.solvent_model_details                    MASK 
_refine.solvent_model_param_ksol                 ? 
_refine.solvent_model_param_bsol                 ? 
_refine.pdbx_solvent_vdw_probe_radii             1.4000 
_refine.pdbx_solvent_ion_probe_radii             0.8000 
_refine.pdbx_solvent_shrinkage_radii             0.8000 
_refine.pdbx_ls_cross_valid_method               THROUGHOUT 
_refine.details                                  'HYDROGENS HAVE BEEN ADDED IN THE RIDING POSITIONS; U VALUES: RESIDUAL ONLY' 
_refine.pdbx_starting_model                      ? 
_refine.pdbx_method_to_determine_struct          'MOLECULAR REPLACEMENT' 
_refine.pdbx_isotropic_thermal_model             ? 
_refine.pdbx_stereochemistry_target_values       'MAXIMUM LIKELIHOOD' 
_refine.pdbx_stereochem_target_val_spec_case     ? 
_refine.pdbx_R_Free_selection_details            RANDOM 
_refine.pdbx_overall_ESU_R                       0.1460 
_refine.pdbx_overall_ESU_R_Free                  0.1380 
_refine.overall_SU_ML                            0.0980 
_refine.pdbx_overall_phase_error                 ? 
_refine.overall_SU_B                             6.9170 
_refine.overall_SU_R_Cruickshank_DPI             0.1455 
_refine.pdbx_overall_SU_R_free_Cruickshank_DPI   ? 
_refine.pdbx_overall_SU_R_Blow_DPI               ? 
_refine.pdbx_overall_SU_R_free_Blow_DPI          ? 
_refine.ls_redundancy_reflns_obs                 ? 
_refine.B_iso_min                                ? 
_refine.B_iso_max                                ? 
_refine.overall_SU_R_free                        ? 
_refine.ls_wR_factor_R_free                      ? 
_refine.ls_wR_factor_R_work                      ? 
_refine.overall_FOM_free_R_set                   ? 
_refine.overall_FOM_work_R_set                   ? 
# 
_refine_analyze.pdbx_refine_id                  'X-RAY DIFFRACTION' 
_refine_analyze.entry_id                        4E0L 
_refine_analyze.Luzzati_coordinate_error_obs    0.256 
_refine_analyze.Luzzati_sigma_a_obs             ? 
_refine_analyze.Luzzati_d_res_low_obs           ? 
_refine_analyze.Luzzati_coordinate_error_free   ? 
_refine_analyze.Luzzati_sigma_a_free            ? 
_refine_analyze.Luzzati_d_res_low_free          ? 
_refine_analyze.number_disordered_residues      ? 
_refine_analyze.occupancy_sum_hydrogen          ? 
_refine_analyze.occupancy_sum_non_hydrogen      ? 
_refine_analyze.pdbx_Luzzati_d_res_high_obs     ? 
# 
_refine_hist.pdbx_refine_id                   'X-RAY DIFFRACTION' 
_refine_hist.cycle_id                         LAST 
_refine_hist.pdbx_number_atoms_protein        524 
_refine_hist.pdbx_number_atoms_nucleic_acid   0 
_refine_hist.pdbx_number_atoms_ligand         16 
_refine_hist.number_atoms_solvent             16 
_refine_hist.number_atoms_total               556 
_refine_hist.d_res_high                       1.70 
_refine_hist.d_res_low                        19.41 
# 
loop_
_refine_ls_restr.type 
_refine_ls_restr.dev_ideal 
_refine_ls_restr.dev_ideal_target 
_refine_ls_restr.weight 
_refine_ls_restr.number 
_refine_ls_restr.pdbx_refine_id 
_refine_ls_restr.pdbx_restraint_function 
t_bond_d                  0.008 ? 2.00  558 'X-RAY DIFFRACTION' HARMONIC   
t_angle_deg               0.96  ? 2.00  684 'X-RAY DIFFRACTION' HARMONIC   
t_dihedral_angle_d        ?     ? 2.00  152 'X-RAY DIFFRACTION' SINUSOIDAL 
t_incorr_chiral_ct        ?     ? ?     ?   'X-RAY DIFFRACTION' ?          
t_pseud_angle             ?     ? ?     ?   'X-RAY DIFFRACTION' ?          
t_trig_c_planes           ?     ? 2.00  4   'X-RAY DIFFRACTION' HARMONIC   
t_gen_planes              ?     ? 5.00  60  'X-RAY DIFFRACTION' HARMONIC   
t_it                      ?     ? 20.00 558 'X-RAY DIFFRACTION' HARMONIC   
t_nbd                     ?     ? ?     ?   'X-RAY DIFFRACTION' ?          
t_omega_torsion           ?     ? ?     ?   'X-RAY DIFFRACTION' ?          
t_other_torsion           ?     ? ?     ?   'X-RAY DIFFRACTION' ?          
t_improper_torsion        ?     ? ?     ?   'X-RAY DIFFRACTION' ?          
t_chiral_improper_torsion ?     ? ?     ?   'X-RAY DIFFRACTION' ?          
t_sum_occupancies         ?     ? ?     ?   'X-RAY DIFFRACTION' ?          
t_utility_distance        ?     ? ?     ?   'X-RAY DIFFRACTION' ?          
t_utility_angle           ?     ? ?     ?   'X-RAY DIFFRACTION' ?          
t_utility_torsion         ?     ? ?     ?   'X-RAY DIFFRACTION' ?          
t_ideal_dist_contact      ?     ? ?     ?   'X-RAY DIFFRACTION' ?          
# 
_refine_ls_shell.pdbx_refine_id                   'X-RAY DIFFRACTION' 
_refine_ls_shell.pdbx_total_number_of_bins_used   5 
_refine_ls_shell.d_res_high                       1.70 
_refine_ls_shell.d_res_low                        1.90 
_refine_ls_shell.number_reflns_R_work             1445 
_refine_ls_shell.R_factor_R_work                  0.1937 
_refine_ls_shell.percent_reflns_obs               91.09 
_refine_ls_shell.R_factor_R_free                  0.2188 
_refine_ls_shell.R_factor_R_free_error            ? 
_refine_ls_shell.percent_reflns_R_free            8.89 
_refine_ls_shell.number_reflns_R_free             141 
_refine_ls_shell.number_reflns_all                1586 
_refine_ls_shell.R_factor_all                     0.1959 
_refine_ls_shell.redundancy_reflns_obs            ? 
_refine_ls_shell.number_reflns_obs                ? 
# 
_struct.entry_id                  4E0L 
_struct.title                     
'FYLLYYT segment from human Beta 2 Microglobulin (62-68) displayed on 54-membered macrocycle scaffold' 
_struct.pdbx_model_details        ? 
_struct.pdbx_CASP_flag            ? 
_struct.pdbx_model_type_details   ? 
# 
_struct_keywords.entry_id        4E0L 
_struct_keywords.text            'amyloid, out-of-register, fiber-forming, macrocycle, PROTEIN FIBRIL' 
_struct_keywords.pdbx_keywords   'PROTEIN FIBRIL' 
# 
loop_
_struct_asym.id 
_struct_asym.pdbx_blank_PDB_chainid_flag 
_struct_asym.pdbx_modified 
_struct_asym.entity_id 
_struct_asym.details 
A N N 1 ? 
B N N 1 ? 
C N N 1 ? 
D N N 1 ? 
E N N 2 ? 
F N N 2 ? 
G N N 3 ? 
H N N 3 ? 
I N N 3 ? 
J N N 3 ? 
# 
_struct_biol.id        1 
_struct_biol.details   ? 
# 
loop_
_struct_conn.id 
_struct_conn.conn_type_id 
_struct_conn.pdbx_leaving_atom_flag 
_struct_conn.pdbx_PDB_id 
_struct_conn.ptnr1_label_asym_id 
_struct_conn.ptnr1_label_comp_id 
_struct_conn.ptnr1_label_seq_id 
_struct_conn.ptnr1_label_atom_id 
_struct_conn.pdbx_ptnr1_label_alt_id 
_struct_conn.pdbx_ptnr1_PDB_ins_code 
_struct_conn.pdbx_ptnr1_standard_comp_id 
_struct_conn.ptnr1_symmetry 
_struct_conn.ptnr2_label_asym_id 
_struct_conn.ptnr2_label_comp_id 
_struct_conn.ptnr2_label_seq_id 
_struct_conn.ptnr2_label_atom_id 
_struct_conn.pdbx_ptnr2_label_alt_id 
_struct_conn.pdbx_ptnr2_PDB_ins_code 
_struct_conn.ptnr1_auth_asym_id 
_struct_conn.ptnr1_auth_comp_id 
_struct_conn.ptnr1_auth_seq_id 
_struct_conn.ptnr2_auth_asym_id 
_struct_conn.ptnr2_auth_comp_id 
_struct_conn.ptnr2_auth_seq_id 
_struct_conn.ptnr2_symmetry 
_struct_conn.pdbx_ptnr3_label_atom_id 
_struct_conn.pdbx_ptnr3_label_seq_id 
_struct_conn.pdbx_ptnr3_label_comp_id 
_struct_conn.pdbx_ptnr3_label_asym_id 
_struct_conn.pdbx_ptnr3_label_alt_id 
_struct_conn.pdbx_ptnr3_PDB_ins_code 
_struct_conn.details 
_struct_conn.pdbx_dist_value 
_struct_conn.pdbx_value_order 
_struct_conn.pdbx_role 
covale1  covale both ? A ORN 1  C  ? ? ? 1_555 A PHE 2  N  ? ? A ORN 0  A PHE 1  1_555 ? ? ? ? ? ? ? 1.386 ? ? 
covale2  covale both ? A ORN 1  NE ? ? ? 1_555 A ALA 14 C  ? ? A ORN 0  A ALA 13 1_555 ? ? ? ? ? ? ? 1.343 ? ? 
covale3  covale both ? A THR 8  C  ? ? ? 1_555 A ORN 9  NE ? ? A THR 7  A ORN 8  1_555 ? ? ? ? ? ? ? 1.339 ? ? 
covale4  covale both ? A ORN 9  C  ? ? ? 1_555 A LYS 10 N  ? ? A ORN 8  A LYS 9  1_555 ? ? ? ? ? ? ? 1.352 ? ? 
covale5  covale both ? A ASN 11 C  ? ? ? 1_555 A HAO 12 N  ? ? A ASN 10 A HAO 11 1_555 ? ? ? ? ? ? ? 1.358 ? ? 
covale6  covale both ? A HAO 12 C  ? ? ? 1_555 A SER 13 N  ? ? A HAO 11 A SER 12 1_555 ? ? ? ? ? ? ? 1.375 ? ? 
covale7  covale both ? B ORN 1  C  ? ? ? 1_555 B PHE 2  N  ? ? B ORN 0  B PHE 1  1_555 ? ? ? ? ? ? ? 1.384 ? ? 
covale8  covale both ? B ORN 1  NE ? ? ? 1_555 B ALA 14 C  ? ? B ORN 0  B ALA 13 1_555 ? ? ? ? ? ? ? 1.421 ? ? 
covale9  covale both ? B THR 8  C  ? ? ? 1_555 B ORN 9  NE ? ? B THR 7  B ORN 8  1_555 ? ? ? ? ? ? ? 1.367 ? ? 
covale10 covale both ? B ORN 9  C  ? ? ? 1_555 B LYS 10 N  ? ? B ORN 8  B LYS 9  1_555 ? ? ? ? ? ? ? 1.364 ? ? 
covale11 covale both ? B ASN 11 C  ? ? ? 1_555 B HAO 12 N  ? ? B ASN 10 B HAO 11 1_555 ? ? ? ? ? ? ? 1.357 ? ? 
covale12 covale both ? B HAO 12 C  ? ? ? 1_555 B SER 13 N  ? ? B HAO 11 B SER 12 1_555 ? ? ? ? ? ? ? 1.394 ? ? 
covale13 covale both ? C ORN 1  C  ? ? ? 1_555 C PHE 2  N  ? ? C ORN 0  C PHE 1  1_555 ? ? ? ? ? ? ? 1.390 ? ? 
covale14 covale both ? C ORN 1  NE ? ? ? 1_555 C ALA 14 C  ? ? C ORN 0  C ALA 13 1_555 ? ? ? ? ? ? ? 1.366 ? ? 
covale15 covale both ? C THR 8  C  ? ? ? 1_555 C ORN 9  NE ? ? C THR 7  C ORN 8  1_555 ? ? ? ? ? ? ? 1.389 ? ? 
covale16 covale both ? C ORN 9  C  ? ? ? 1_555 C LYS 10 N  ? ? C ORN 8  C LYS 9  1_555 ? ? ? ? ? ? ? 1.350 ? ? 
covale17 covale both ? C ASN 11 C  ? ? ? 1_555 C HAO 12 N  ? ? C ASN 10 C HAO 11 1_555 ? ? ? ? ? ? ? 1.372 ? ? 
covale18 covale both ? C HAO 12 C  ? ? ? 1_555 C SER 13 N  ? ? C HAO 11 C SER 12 1_555 ? ? ? ? ? ? ? 1.356 ? ? 
covale19 covale both ? D ORN 1  C  ? ? ? 1_555 D PHE 2  N  ? ? D ORN 0  D PHE 1  1_555 ? ? ? ? ? ? ? 1.354 ? ? 
covale20 covale both ? D ORN 1  NE ? ? ? 1_555 D ALA 14 C  ? ? D ORN 0  D ALA 13 1_555 ? ? ? ? ? ? ? 1.383 ? ? 
covale21 covale both ? D THR 8  C  ? ? ? 1_555 D ORN 9  NE ? ? D THR 7  D ORN 8  1_555 ? ? ? ? ? ? ? 1.351 ? ? 
covale22 covale both ? D ORN 9  C  ? ? ? 1_555 D LYS 10 N  ? ? D ORN 8  D LYS 9  1_555 ? ? ? ? ? ? ? 1.388 ? ? 
covale23 covale both ? D ASN 11 C  ? ? ? 1_555 D HAO 12 N  ? ? D ASN 10 D HAO 11 1_555 ? ? ? ? ? ? ? 1.350 ? ? 
covale24 covale both ? D HAO 12 C  ? ? ? 1_555 D SER 13 N  ? ? D HAO 11 D SER 12 1_555 ? ? ? ? ? ? ? 1.377 ? ? 
# 
_struct_conn_type.id          covale 
_struct_conn_type.criteria    ? 
_struct_conn_type.reference   ? 
# 
loop_
_struct_sheet.id 
_struct_sheet.type 
_struct_sheet.number_strands 
_struct_sheet.details 
A ? 2 ? 
B ? 2 ? 
# 
loop_
_struct_sheet_order.sheet_id 
_struct_sheet_order.range_id_1 
_struct_sheet_order.range_id_2 
_struct_sheet_order.offset 
_struct_sheet_order.sense 
A 1 2 ? anti-parallel 
B 1 2 ? anti-parallel 
# 
loop_
_struct_sheet_range.sheet_id 
_struct_sheet_range.id 
_struct_sheet_range.beg_label_comp_id 
_struct_sheet_range.beg_label_asym_id 
_struct_sheet_range.beg_label_seq_id 
_struct_sheet_range.pdbx_beg_PDB_ins_code 
_struct_sheet_range.end_label_comp_id 
_struct_sheet_range.end_label_asym_id 
_struct_sheet_range.end_label_seq_id 
_struct_sheet_range.pdbx_end_PDB_ins_code 
_struct_sheet_range.beg_auth_comp_id 
_struct_sheet_range.beg_auth_asym_id 
_struct_sheet_range.beg_auth_seq_id 
_struct_sheet_range.end_auth_comp_id 
_struct_sheet_range.end_auth_asym_id 
_struct_sheet_range.end_auth_seq_id 
A 1 TYR A 3 ? TYR A 7 ? TYR A 2 TYR A 6 
A 2 TYR B 3 ? TYR B 7 ? TYR B 2 TYR B 6 
B 1 TYR C 3 ? TYR C 7 ? TYR C 2 TYR C 6 
B 2 TYR D 3 ? TYR D 7 ? TYR D 2 TYR D 6 
# 
loop_
_pdbx_struct_sheet_hbond.sheet_id 
_pdbx_struct_sheet_hbond.range_id_1 
_pdbx_struct_sheet_hbond.range_id_2 
_pdbx_struct_sheet_hbond.range_1_label_atom_id 
_pdbx_struct_sheet_hbond.range_1_label_comp_id 
_pdbx_struct_sheet_hbond.range_1_label_asym_id 
_pdbx_struct_sheet_hbond.range_1_label_seq_id 
_pdbx_struct_sheet_hbond.range_1_PDB_ins_code 
_pdbx_struct_sheet_hbond.range_1_auth_atom_id 
_pdbx_struct_sheet_hbond.range_1_auth_comp_id 
_pdbx_struct_sheet_hbond.range_1_auth_asym_id 
_pdbx_struct_sheet_hbond.range_1_auth_seq_id 
_pdbx_struct_sheet_hbond.range_2_label_atom_id 
_pdbx_struct_sheet_hbond.range_2_label_comp_id 
_pdbx_struct_sheet_hbond.range_2_label_asym_id 
_pdbx_struct_sheet_hbond.range_2_label_seq_id 
_pdbx_struct_sheet_hbond.range_2_PDB_ins_code 
_pdbx_struct_sheet_hbond.range_2_auth_atom_id 
_pdbx_struct_sheet_hbond.range_2_auth_comp_id 
_pdbx_struct_sheet_hbond.range_2_auth_asym_id 
_pdbx_struct_sheet_hbond.range_2_auth_seq_id 
A 1 2 N TYR A 3 ? N TYR A 2 O TYR B 7 ? O TYR B 6 
B 1 2 N TYR C 3 ? N TYR C 2 O TYR D 7 ? O TYR D 6 
# 
loop_
_struct_site.id 
_struct_site.pdbx_evidence_code 
_struct_site.pdbx_auth_asym_id 
_struct_site.pdbx_auth_comp_id 
_struct_site.pdbx_auth_seq_id 
_struct_site.pdbx_auth_ins_code 
_struct_site.pdbx_num_residues 
_struct_site.details 
AC1 Software A MPD 101 ? 3 'BINDING SITE FOR RESIDUE MPD A 101' 
AC2 Software C MPD 101 ? 2 'BINDING SITE FOR RESIDUE MPD C 101' 
# 
loop_
_struct_site_gen.id 
_struct_site_gen.site_id 
_struct_site_gen.pdbx_num_res 
_struct_site_gen.label_comp_id 
_struct_site_gen.label_asym_id 
_struct_site_gen.label_seq_id 
_struct_site_gen.pdbx_auth_ins_code 
_struct_site_gen.auth_comp_id 
_struct_site_gen.auth_asym_id 
_struct_site_gen.auth_seq_id 
_struct_site_gen.label_atom_id 
_struct_site_gen.label_alt_id 
_struct_site_gen.symmetry 
_struct_site_gen.details 
1 AC1 3 HOH G . ? HOH A 204 . ? 1_555 ? 
2 AC1 3 ORN B 1 ? ORN B 0   . ? 1_556 ? 
3 AC1 3 ORN D 1 ? ORN D 0   . ? 4_555 ? 
4 AC2 2 ORN B 1 ? ORN B 0   . ? 4_545 ? 
5 AC2 2 ORN D 1 ? ORN D 0   . ? 1_556 ? 
# 
_atom_sites.entry_id                    4E0L 
_atom_sites.fract_transf_matrix[1][1]   -0.01069503 
_atom_sites.fract_transf_matrix[1][2]   -0.00893937 
_atom_sites.fract_transf_matrix[1][3]   -0.00581713 
_atom_sites.fract_transf_matrix[2][1]   -0.01397146 
_atom_sites.fract_transf_matrix[2][2]   0.01964373 
_atom_sites.fract_transf_matrix[2][3]   -0.00450006 
_atom_sites.fract_transf_matrix[3][1]   0.01284006 
_atom_sites.fract_transf_matrix[3][2]   -0.00007079 
_atom_sites.fract_transf_matrix[3][3]   -0.04017391 
_atom_sites.fract_transf_vector[1]      0.248701 
_atom_sites.fract_transf_vector[2]      -0.090886 
_atom_sites.fract_transf_vector[3]      0.060226 
# 
loop_
_atom_type.symbol 
C 
N 
O 
# 
loop_
_atom_site.group_PDB 
_atom_site.id 
_atom_site.type_symbol 
_atom_site.label_atom_id 
_atom_site.label_alt_id 
_atom_site.label_comp_id 
_atom_site.label_asym_id 
_atom_site.label_entity_id 
_atom_site.label_seq_id 
_atom_site.pdbx_PDB_ins_code 
_atom_site.Cartn_x 
_atom_site.Cartn_y 
_atom_site.Cartn_z 
_atom_site.occupancy 
_atom_site.B_iso_or_equiv 
_atom_site.pdbx_formal_charge 
_atom_site.auth_seq_id 
_atom_site.auth_comp_id 
_atom_site.auth_asym_id 
_atom_site.auth_atom_id 
_atom_site.pdbx_PDB_model_num 
HETATM 1   N N   . ORN A 1 1  ? -1.125  -2.340  -19.275 1.00 13.56 ? 0   ORN A N   1 
HETATM 2   C CA  . ORN A 1 1  ? -0.092  -1.634  -18.518 1.00 13.94 ? 0   ORN A CA  1 
HETATM 3   C CB  . ORN A 1 1  ? 0.111   -0.225  -19.055 1.00 12.84 ? 0   ORN A CB  1 
HETATM 4   C CG  . ORN A 1 1  ? 0.771   -0.190  -20.457 1.00 12.02 ? 0   ORN A CG  1 
HETATM 5   C CD  . ORN A 1 1  ? 2.260   -0.564  -20.510 1.00 12.21 ? 0   ORN A CD  1 
HETATM 6   N NE  . ORN A 1 1  ? 3.058   0.241   -19.585 1.00 13.68 ? 0   ORN A NE  1 
HETATM 7   C C   . ORN A 1 1  ? -0.345  -1.612  -17.012 1.00 16.52 ? 0   ORN A C   1 
HETATM 8   O O   . ORN A 1 1  ? -1.464  -1.846  -16.562 1.00 21.20 ? 0   ORN A O   1 
ATOM   9   N N   . PHE A 1 2  ? 0.801   -1.587  -16.232 1.00 13.16 ? 1   PHE A N   1 
ATOM   10  C CA  . PHE A 1 2  ? 0.725   -1.462  -14.770 1.00 10.66 ? 1   PHE A CA  1 
ATOM   11  C C   . PHE A 1 2  ? 0.831   0.015   -14.344 1.00 11.40 ? 1   PHE A C   1 
ATOM   12  O O   . PHE A 1 2  ? 1.837   0.652   -14.586 1.00 10.14 ? 1   PHE A O   1 
ATOM   13  C CB  . PHE A 1 2  ? 1.838   -2.288  -14.112 1.00 12.35 ? 1   PHE A CB  1 
ATOM   14  C CG  . PHE A 1 2  ? 2.001   -2.140  -12.614 1.00 12.09 ? 1   PHE A CG  1 
ATOM   15  C CD1 . PHE A 1 2  ? 3.253   -1.913  -12.055 1.00 13.47 ? 1   PHE A CD1 1 
ATOM   16  C CD2 . PHE A 1 2  ? 0.920   -2.314  -11.755 1.00 14.28 ? 1   PHE A CD2 1 
ATOM   17  C CE1 . PHE A 1 2  ? 3.421   -1.847  -10.668 1.00 13.46 ? 1   PHE A CE1 1 
ATOM   18  C CE2 . PHE A 1 2  ? 1.081   -2.209  -10.370 1.00 16.39 ? 1   PHE A CE2 1 
ATOM   19  C CZ  . PHE A 1 2  ? 2.336   -2.001  -9.835  1.00 14.27 ? 1   PHE A CZ  1 
ATOM   20  N N   . TYR A 1 3  ? -0.223  0.545   -13.714 1.00 9.77  ? 2   TYR A N   1 
ATOM   21  C CA  . TYR A 1 3  ? -0.254  1.951   -13.259 1.00 10.37 ? 2   TYR A CA  1 
ATOM   22  C C   . TYR A 1 3  ? -0.061  1.901   -11.751 1.00 12.77 ? 2   TYR A C   1 
ATOM   23  O O   . TYR A 1 3  ? -0.719  1.100   -11.093 1.00 12.30 ? 2   TYR A O   1 
ATOM   24  C CB  . TYR A 1 3  ? -1.621  2.606   -13.600 1.00 11.54 ? 2   TYR A CB  1 
ATOM   25  C CG  . TYR A 1 3  ? -1.912  2.595   -15.083 1.00 16.28 ? 2   TYR A CG  1 
ATOM   26  C CD1 . TYR A 1 3  ? -1.517  3.654   -15.895 1.00 19.49 ? 2   TYR A CD1 1 
ATOM   27  C CD2 . TYR A 1 3  ? -2.449  1.467   -15.700 1.00 17.22 ? 2   TYR A CD2 1 
ATOM   28  C CE1 . TYR A 1 3  ? -1.733  3.630   -17.273 1.00 20.70 ? 2   TYR A CE1 1 
ATOM   29  C CE2 . TYR A 1 3  ? -2.660  1.426   -17.077 1.00 19.05 ? 2   TYR A CE2 1 
ATOM   30  C CZ  . TYR A 1 3  ? -2.306  2.515   -17.858 1.00 28.06 ? 2   TYR A CZ  1 
ATOM   31  O OH  . TYR A 1 3  ? -2.514  2.492   -19.214 1.00 31.16 ? 2   TYR A OH  1 
ATOM   32  N N   . LEU A 1 4  ? 0.907   2.672   -11.229 1.00 9.72  ? 3   LEU A N   1 
ATOM   33  C CA  . LEU A 1 4  ? 1.235   2.725   -9.804  1.00 9.36  ? 3   LEU A CA  1 
ATOM   34  C C   . LEU A 1 4  ? 1.342   4.167   -9.393  1.00 13.14 ? 3   LEU A C   1 
ATOM   35  O O   . LEU A 1 4  ? 1.944   4.950   -10.126 1.00 12.50 ? 3   LEU A O   1 
ATOM   36  C CB  . LEU A 1 4  ? 2.594   2.040   -9.555  1.00 9.30  ? 3   LEU A CB  1 
ATOM   37  C CG  . LEU A 1 4  ? 3.032   1.912   -8.076  1.00 12.27 ? 3   LEU A CG  1 
ATOM   38  C CD1 . LEU A 1 4  ? 2.094   0.985   -7.293  1.00 11.53 ? 3   LEU A CD1 1 
ATOM   39  C CD2 . LEU A 1 4  ? 4.480   1.354   -8.022  1.00 12.32 ? 3   LEU A CD2 1 
ATOM   40  N N   . LEU A 1 5  ? 0.710   4.520   -8.248  1.00 10.70 ? 4   LEU A N   1 
ATOM   41  C CA  . LEU A 1 5  ? 0.775   5.851   -7.633  1.00 11.62 ? 4   LEU A CA  1 
ATOM   42  C C   . LEU A 1 5  ? 1.039   5.627   -6.162  1.00 13.74 ? 4   LEU A C   1 
ATOM   43  O O   . LEU A 1 5  ? 0.381   4.782   -5.553  1.00 12.02 ? 4   LEU A O   1 
ATOM   44  C CB  . LEU A 1 5  ? -0.560  6.621   -7.782  1.00 12.83 ? 4   LEU A CB  1 
ATOM   45  C CG  . LEU A 1 5  ? -0.728  7.486   -9.039  1.00 20.41 ? 4   LEU A CG  1 
ATOM   46  C CD1 . LEU A 1 5  ? -2.106  8.141   -9.051  1.00 20.73 ? 4   LEU A CD1 1 
ATOM   47  C CD2 . LEU A 1 5  ? 0.315   8.602   -9.084  1.00 27.03 ? 4   LEU A CD2 1 
ATOM   48  N N   . TYR A 1 6  ? 1.989   6.364   -5.580  1.00 10.30 ? 5   TYR A N   1 
ATOM   49  C CA  . TYR A 1 6  ? 2.257   6.196   -4.161  1.00 10.12 ? 5   TYR A CA  1 
ATOM   50  C C   . TYR A 1 6  ? 2.661   7.505   -3.531  1.00 11.70 ? 5   TYR A C   1 
ATOM   51  O O   . TYR A 1 6  ? 3.101   8.423   -4.240  1.00 11.04 ? 5   TYR A O   1 
ATOM   52  C CB  . TYR A 1 6  ? 3.296   5.086   -3.903  1.00 11.21 ? 5   TYR A CB  1 
ATOM   53  C CG  . TYR A 1 6  ? 4.688   5.399   -4.388  1.00 11.29 ? 5   TYR A CG  1 
ATOM   54  C CD1 . TYR A 1 6  ? 5.585   6.099   -3.584  1.00 13.49 ? 5   TYR A CD1 1 
ATOM   55  C CD2 . TYR A 1 6  ? 5.130   4.952   -5.632  1.00 11.58 ? 5   TYR A CD2 1 
ATOM   56  C CE1 . TYR A 1 6  ? 6.875   6.385   -4.022  1.00 16.40 ? 5   TYR A CE1 1 
ATOM   57  C CE2 . TYR A 1 6  ? 6.432   5.199   -6.064  1.00 12.94 ? 5   TYR A CE2 1 
ATOM   58  C CZ  . TYR A 1 6  ? 7.295   5.935   -5.264  1.00 21.30 ? 5   TYR A CZ  1 
ATOM   59  O OH  . TYR A 1 6  ? 8.590   6.162   -5.658  1.00 22.61 ? 5   TYR A OH  1 
ATOM   60  N N   . TYR A 1 7  ? 2.507   7.580   -2.211  1.00 10.12 ? 6   TYR A N   1 
ATOM   61  C CA  . TYR A 1 7  ? 2.833   8.743   -1.390  1.00 10.36 ? 6   TYR A CA  1 
ATOM   62  C C   . TYR A 1 7  ? 3.384   8.213   -0.092  1.00 13.29 ? 6   TYR A C   1 
ATOM   63  O O   . TYR A 1 7  ? 2.693   7.456   0.585   1.00 12.85 ? 6   TYR A O   1 
ATOM   64  C CB  . TYR A 1 7  ? 1.560   9.553   -1.113  1.00 11.19 ? 6   TYR A CB  1 
ATOM   65  C CG  . TYR A 1 7  ? 1.779   10.710  -0.163  1.00 11.76 ? 6   TYR A CG  1 
ATOM   66  C CD1 . TYR A 1 7  ? 2.741   11.678  -0.425  1.00 13.40 ? 6   TYR A CD1 1 
ATOM   67  C CD2 . TYR A 1 7  ? 1.037   10.822  1.015   1.00 12.71 ? 6   TYR A CD2 1 
ATOM   68  C CE1 . TYR A 1 7  ? 2.950   12.743  0.448   1.00 15.20 ? 6   TYR A CE1 1 
ATOM   69  C CE2 . TYR A 1 7  ? 1.227   11.890  1.886   1.00 13.52 ? 6   TYR A CE2 1 
ATOM   70  C CZ  . TYR A 1 7  ? 2.176   12.857  1.589   1.00 21.36 ? 6   TYR A CZ  1 
ATOM   71  O OH  . TYR A 1 7  ? 2.375   13.918  2.440   1.00 22.87 ? 6   TYR A OH  1 
ATOM   72  N N   . THR A 1 8  ? 4.624   8.569   0.242   1.00 11.80 ? 7   THR A N   1 
ATOM   73  C CA  . THR A 1 8  ? 5.300   8.046   1.451   1.00 16.43 ? 7   THR A CA  1 
ATOM   74  C C   . THR A 1 8  ? 5.346   9.049   2.604   1.00 33.99 ? 7   THR A C   1 
ATOM   75  O O   . THR A 1 8  ? 5.872   8.730   3.674   1.00 20.34 ? 7   THR A O   1 
ATOM   76  C CB  . THR A 1 8  ? 6.706   7.567   1.092   1.00 19.70 ? 7   THR A CB  1 
ATOM   77  O OG1 . THR A 1 8  ? 7.478   8.714   0.754   1.00 17.86 ? 7   THR A OG1 1 
ATOM   78  C CG2 . THR A 1 8  ? 6.703   6.581   -0.053  1.00 19.30 ? 7   THR A CG2 1 
HETATM 79  N N   . ORN A 1 9  ? 9.153   12.963  3.035   1.00 35.04 ? 8   ORN A N   1 
HETATM 80  C CA  . ORN A 1 9  ? 8.033   12.313  2.359   1.00 30.86 ? 8   ORN A CA  1 
HETATM 81  C CB  . ORN A 1 9  ? 6.707   12.912  2.843   1.00 31.23 ? 8   ORN A CB  1 
HETATM 82  C CG  . ORN A 1 9  ? 6.004   12.082  3.890   1.00 32.54 ? 8   ORN A CG  1 
HETATM 83  C CD  . ORN A 1 9  ? 4.714   11.451  3.430   1.00 30.80 ? 8   ORN A CD  1 
HETATM 84  N NE  . ORN A 1 9  ? 4.944   10.324  2.528   1.00 32.46 ? 8   ORN A NE  1 
HETATM 85  C C   . ORN A 1 9  ? 8.153   12.472  0.844   1.00 25.37 ? 8   ORN A C   1 
HETATM 86  O O   . ORN A 1 9  ? 8.424   13.568  0.344   1.00 25.74 ? 8   ORN A O   1 
ATOM   87  N N   . LYS A 1 10 ? 7.615   11.664  -0.096  1.00 20.60 ? 9   LYS A N   1 
ATOM   88  C CA  . LYS A 1 10 ? 7.819   11.573  -1.548  1.00 19.69 ? 9   LYS A CA  1 
ATOM   89  C C   . LYS A 1 10 ? 6.569   11.040  -2.255  1.00 19.36 ? 9   LYS A C   1 
ATOM   90  O O   . LYS A 1 10 ? 5.863   10.203  -1.698  1.00 17.79 ? 9   LYS A O   1 
ATOM   91  C CB  . LYS A 1 10 ? 9.037   10.666  -1.855  1.00 23.66 ? 9   LYS A CB  1 
ATOM   92  C CG  . LYS A 1 10 ? 9.531   10.677  -3.303  1.00 42.46 ? 9   LYS A CG  1 
ATOM   93  C CD  . LYS A 1 10 ? 10.336  11.928  -3.658  1.00 52.80 ? 9   LYS A CD  1 
ATOM   94  C CE  . LYS A 1 10 ? 10.556  12.048  -5.148  1.00 59.09 ? 9   LYS A CE  1 
ATOM   95  N NZ  . LYS A 1 10 ? 11.360  13.250  -5.494  1.00 64.04 ? 9   LYS A NZ  1 
ATOM   96  N N   . ASN A 1 11 ? 6.314   11.520  -3.483  1.00 13.83 ? 10  ASN A N   1 
ATOM   97  C CA  . ASN A 1 11 ? 5.221   11.054  -4.339  1.00 15.25 ? 10  ASN A CA  1 
ATOM   98  C C   . ASN A 1 11 ? 5.824   10.191  -5.432  1.00 13.01 ? 10  ASN A C   1 
ATOM   99  O O   . ASN A 1 11 ? 6.882   10.540  -5.968  1.00 15.42 ? 10  ASN A O   1 
ATOM   100 C CB  . ASN A 1 11 ? 4.449   12.208  -4.957  1.00 13.73 ? 10  ASN A CB  1 
ATOM   101 C CG  . ASN A 1 11 ? 3.436   12.771  -4.015  1.00 17.76 ? 10  ASN A CG  1 
ATOM   102 O OD1 . ASN A 1 11 ? 2.247   12.434  -4.063  1.00 13.61 ? 10  ASN A OD1 1 
ATOM   103 N ND2 . ASN A 1 11 ? 3.895   13.625  -3.124  1.00 11.38 ? 10  ASN A ND2 1 
HETATM 104 N N   . HAO A 1 12 ? 5.167   9.089   -5.878  1.00 12.69 ? 11  HAO A N   1 
HETATM 105 N N9  . HAO A 1 12 ? 5.697   8.507   -6.850  1.00 11.77 ? 11  HAO A N9  1 
HETATM 106 C C10 . HAO A 1 12 ? 4.926   7.799   -7.671  1.00 12.52 ? 11  HAO A C10 1 
HETATM 107 O O11 . HAO A 1 12 ? 3.715   7.614   -7.505  1.00 10.70 ? 11  HAO A O11 1 
HETATM 108 C CA  . HAO A 1 12 ? 5.625   7.174   -8.878  1.00 12.59 ? 11  HAO A CA  1 
HETATM 109 C C13 . HAO A 1 12 ? 4.799   6.463   -9.750  1.00 13.90 ? 11  HAO A C13 1 
HETATM 110 C C14 . HAO A 1 12 ? 6.998   7.313   -9.156  1.00 13.49 ? 11  HAO A C14 1 
HETATM 111 C C15 . HAO A 1 12 ? 8.755   8.903   -8.988  1.00 17.11 ? 11  HAO A C15 1 
HETATM 112 O O15 . HAO A 1 12 ? 7.824   8.019   -8.324  1.00 16.48 ? 11  HAO A O15 1 
HETATM 113 C C17 . HAO A 1 12 ? 7.518   6.701   -10.307 1.00 12.20 ? 11  HAO A C17 1 
HETATM 114 C C18 . HAO A 1 12 ? 6.692   5.948   -11.139 1.00 13.23 ? 11  HAO A C18 1 
HETATM 115 C C19 . HAO A 1 12 ? 5.317   5.851   -10.882 1.00 12.48 ? 11  HAO A C19 1 
HETATM 116 N N20 . HAO A 1 12 ? 4.436   5.238   -11.668 1.00 14.99 ? 11  HAO A N20 1 
HETATM 117 C C21 . HAO A 1 12 ? 4.609   4.829   -12.930 1.00 18.26 ? 11  HAO A C21 1 
HETATM 118 O O22 . HAO A 1 12 ? 5.698   4.703   -13.495 1.00 22.34 ? 11  HAO A O22 1 
HETATM 119 C C   . HAO A 1 12 ? 3.363   4.384   -13.679 1.00 15.70 ? 11  HAO A C   1 
HETATM 120 O OXT . HAO A 1 12 ? 2.303   4.252   -13.081 1.00 13.44 ? 11  HAO A OXT 1 
ATOM   121 N N   . SER A 1 13 ? 3.474   4.355   -15.049 0.60 10.68 ? 12  SER A N   1 
ATOM   122 C CA  . SER A 1 13 ? 2.430   3.958   -15.983 0.60 10.13 ? 12  SER A CA  1 
ATOM   123 C C   . SER A 1 13 ? 3.140   3.171   -17.075 0.60 11.58 ? 12  SER A C   1 
ATOM   124 O O   . SER A 1 13 ? 3.328   3.670   -18.172 0.60 10.84 ? 12  SER A O   1 
ATOM   125 C CB  . SER A 1 13 ? 1.731   5.201   -16.544 1.00 14.46 ? 12  SER A CB  1 
ATOM   126 O OG  . SER A 1 13 ? 1.026   5.838   -15.490 1.00 25.74 ? 12  SER A OG  1 
ATOM   127 N N   . ALA A 1 14 ? 3.540   1.933   -16.742 1.00 9.81  ? 13  ALA A N   1 
ATOM   128 C CA  . ALA A 1 14 ? 4.344   1.067   -17.617 1.00 12.85 ? 13  ALA A CA  1 
ATOM   129 C C   . ALA A 1 14 ? 3.508   0.021   -18.340 1.00 14.59 ? 13  ALA A C   1 
ATOM   130 O O   . ALA A 1 14 ? 3.095   -0.990  -17.757 1.00 11.66 ? 13  ALA A O   1 
ATOM   131 C CB  . ALA A 1 14 ? 5.446   0.410   -16.774 1.00 13.99 ? 13  ALA A CB  1 
HETATM 132 N N   . ORN B 1 1  ? -2.190  10.866  5.453   1.00 11.60 ? 0   ORN B N   1 
HETATM 133 C CA  . ORN B 1 1  ? -1.873  9.434   5.460   1.00 12.66 ? 0   ORN B CA  1 
HETATM 134 C CB  . ORN B 1 1  ? -3.157  8.592   5.468   1.00 12.60 ? 0   ORN B CB  1 
HETATM 135 C CG  . ORN B 1 1  ? -3.918  8.565   6.802   1.00 12.23 ? 0   ORN B CG  1 
HETATM 136 C CD  . ORN B 1 1  ? -3.366  7.586   7.858   1.00 11.84 ? 0   ORN B CD  1 
HETATM 137 N NE  . ORN B 1 1  ? -3.416  6.196   7.398   1.00 17.41 ? 0   ORN B NE  1 
HETATM 138 C C   . ORN B 1 1  ? -1.020  9.063   4.248   1.00 14.75 ? 0   ORN B C   1 
HETATM 139 O O   . ORN B 1 1  ? -1.265  9.554   3.142   1.00 16.93 ? 0   ORN B O   1 
ATOM   140 N N   . PHE B 1 2  ? -0.321  7.879   4.398   1.00 12.35 ? 1   PHE B N   1 
ATOM   141 C CA  . PHE B 1 2  ? 0.432   7.336   3.262   1.00 11.21 ? 1   PHE B CA  1 
ATOM   142 C C   . PHE B 1 2  ? -0.490  6.480   2.417   1.00 11.84 ? 1   PHE B C   1 
ATOM   143 O O   . PHE B 1 2  ? -1.479  5.968   2.929   1.00 10.53 ? 1   PHE B O   1 
ATOM   144 C CB  . PHE B 1 2  ? 1.616   6.486   3.775   1.00 12.82 ? 1   PHE B CB  1 
ATOM   145 C CG  . PHE B 1 2  ? 2.367   7.128   4.910   1.00 15.20 ? 1   PHE B CG  1 
ATOM   146 C CD1 . PHE B 1 2  ? 2.802   8.448   4.821   1.00 19.42 ? 1   PHE B CD1 1 
ATOM   147 C CD2 . PHE B 1 2  ? 2.564   6.447   6.105   1.00 18.94 ? 1   PHE B CD2 1 
ATOM   148 C CE1 . PHE B 1 2  ? 3.469   9.056   5.888   1.00 21.26 ? 1   PHE B CE1 1 
ATOM   149 C CE2 . PHE B 1 2  ? 3.227   7.057   7.172   1.00 22.62 ? 1   PHE B CE2 1 
ATOM   150 C CZ  . PHE B 1 2  ? 3.688   8.353   7.049   1.00 21.47 ? 1   PHE B CZ  1 
ATOM   151 N N   . TYR B 1 3  ? -0.156  6.284   1.143   1.00 9.67  ? 2   TYR B N   1 
ATOM   152 C CA  . TYR B 1 3  ? -0.964  5.405   0.286   1.00 9.19  ? 2   TYR B CA  1 
ATOM   153 C C   . TYR B 1 3  ? -0.221  4.858   -0.906  1.00 12.04 ? 2   TYR B C   1 
ATOM   154 O O   . TYR B 1 3  ? 0.831   5.361   -1.271  1.00 10.38 ? 2   TYR B O   1 
ATOM   155 C CB  . TYR B 1 3  ? -2.261  6.103   -0.210  1.00 8.99  ? 2   TYR B CB  1 
ATOM   156 C CG  . TYR B 1 3  ? -2.017  7.349   -1.039  1.00 11.04 ? 2   TYR B CG  1 
ATOM   157 C CD1 . TYR B 1 3  ? -1.751  7.264   -2.406  1.00 12.36 ? 2   TYR B CD1 1 
ATOM   158 C CD2 . TYR B 1 3  ? -2.054  8.613   -0.454  1.00 12.11 ? 2   TYR B CD2 1 
ATOM   159 C CE1 . TYR B 1 3  ? -1.544  8.418   -3.177  1.00 12.13 ? 2   TYR B CE1 1 
ATOM   160 C CE2 . TYR B 1 3  ? -1.848  9.768   -1.213  1.00 12.52 ? 2   TYR B CE2 1 
ATOM   161 C CZ  . TYR B 1 3  ? -1.601  9.663   -2.570  1.00 16.97 ? 2   TYR B CZ  1 
ATOM   162 O OH  . TYR B 1 3  ? -1.419  10.807  -3.300  1.00 16.04 ? 2   TYR B OH  1 
ATOM   163 N N   . LEU B 1 4  ? -0.762  3.776   -1.471  1.00 8.38  ? 3   LEU B N   1 
ATOM   164 C CA  . LEU B 1 4  ? -0.360  3.197   -2.740  1.00 8.04  ? 3   LEU B CA  1 
ATOM   165 C C   . LEU B 1 4  ? -1.653  2.829   -3.462  1.00 11.64 ? 3   LEU B C   1 
ATOM   166 O O   . LEU B 1 4  ? -2.617  2.417   -2.821  1.00 11.91 ? 3   LEU B O   1 
ATOM   167 C CB  . LEU B 1 4  ? 0.634   2.017   -2.653  1.00 7.80  ? 3   LEU B CB  1 
ATOM   168 C CG  . LEU B 1 4  ? 0.208   0.749   -1.903  1.00 11.08 ? 3   LEU B CG  1 
ATOM   169 C CD1 . LEU B 1 4  ? -0.449  -0.242  -2.842  1.00 10.93 ? 3   LEU B CD1 1 
ATOM   170 C CD2 . LEU B 1 4  ? 1.447   0.078   -1.283  1.00 15.53 ? 3   LEU B CD2 1 
ATOM   171 N N   . LEU B 1 5  ? -1.694  3.053   -4.769  1.00 8.90  ? 4   LEU B N   1 
ATOM   172 C CA  . LEU B 1 5  ? -2.835  2.729   -5.632  1.00 9.23  ? 4   LEU B CA  1 
ATOM   173 C C   . LEU B 1 5  ? -2.316  2.124   -6.897  1.00 12.05 ? 4   LEU B C   1 
ATOM   174 O O   . LEU B 1 5  ? -1.282  2.556   -7.401  1.00 13.17 ? 4   LEU B O   1 
ATOM   175 C CB  . LEU B 1 5  ? -3.627  3.990   -6.009  1.00 9.80  ? 4   LEU B CB  1 
ATOM   176 C CG  . LEU B 1 5  ? -4.371  4.686   -4.889  1.00 14.76 ? 4   LEU B CG  1 
ATOM   177 C CD1 . LEU B 1 5  ? -4.899  6.045   -5.377  1.00 14.13 ? 4   LEU B CD1 1 
ATOM   178 C CD2 . LEU B 1 5  ? -5.501  3.818   -4.339  1.00 17.30 ? 4   LEU B CD2 1 
ATOM   179 N N   . TYR B 1 6  ? -3.001  1.112   -7.403  1.00 7.91  ? 5   TYR B N   1 
ATOM   180 C CA  . TYR B 1 6  ? -2.538  0.470   -8.628  1.00 9.53  ? 5   TYR B CA  1 
ATOM   181 C C   . TYR B 1 6  ? -3.658  0.011   -9.495  1.00 12.88 ? 5   TYR B C   1 
ATOM   182 O O   . TYR B 1 6  ? -4.777  -0.153  -9.023  1.00 11.37 ? 5   TYR B O   1 
ATOM   183 C CB  . TYR B 1 6  ? -1.537  -0.666  -8.357  1.00 10.10 ? 5   TYR B CB  1 
ATOM   184 C CG  . TYR B 1 6  ? -2.139  -1.793  -7.549  1.00 9.12  ? 5   TYR B CG  1 
ATOM   185 C CD1 . TYR B 1 6  ? -2.764  -2.868  -8.175  1.00 11.75 ? 5   TYR B CD1 1 
ATOM   186 C CD2 . TYR B 1 6  ? -2.072  -1.793  -6.158  1.00 9.29  ? 5   TYR B CD2 1 
ATOM   187 C CE1 . TYR B 1 6  ? -3.325  -3.904  -7.439  1.00 12.24 ? 5   TYR B CE1 1 
ATOM   188 C CE2 . TYR B 1 6  ? -2.596  -2.848  -5.411  1.00 9.52  ? 5   TYR B CE2 1 
ATOM   189 C CZ  . TYR B 1 6  ? -3.226  -3.898  -6.060  1.00 14.55 ? 5   TYR B CZ  1 
ATOM   190 O OH  . TYR B 1 6  ? -3.755  -4.935  -5.334  1.00 17.49 ? 5   TYR B OH  1 
ATOM   191 N N   . TYR B 1 7  ? -3.345  -0.185  -10.780 1.00 10.84 ? 6   TYR B N   1 
ATOM   192 C CA  . TYR B 1 7  ? -4.309  -0.643  -11.766 1.00 11.53 ? 6   TYR B CA  1 
ATOM   193 C C   . TYR B 1 7  ? -3.581  -1.392  -12.872 1.00 14.38 ? 6   TYR B C   1 
ATOM   194 O O   . TYR B 1 7  ? -2.500  -0.967  -13.273 1.00 13.35 ? 6   TYR B O   1 
ATOM   195 C CB  . TYR B 1 7  ? -5.068  0.561   -12.328 1.00 13.56 ? 6   TYR B CB  1 
ATOM   196 C CG  . TYR B 1 7  ? -6.165  0.205   -13.300 1.00 17.92 ? 6   TYR B CG  1 
ATOM   197 C CD1 . TYR B 1 7  ? -7.403  -0.240  -12.847 1.00 20.71 ? 6   TYR B CD1 1 
ATOM   198 C CD2 . TYR B 1 7  ? -5.994  0.385   -14.668 1.00 20.63 ? 6   TYR B CD2 1 
ATOM   199 C CE1 . TYR B 1 7  ? -8.439  -0.522  -13.736 1.00 22.73 ? 6   TYR B CE1 1 
ATOM   200 C CE2 . TYR B 1 7  ? -7.023  0.109   -15.567 1.00 23.08 ? 6   TYR B CE2 1 
ATOM   201 C CZ  . TYR B 1 7  ? -8.248  -0.332  -15.094 1.00 30.88 ? 6   TYR B CZ  1 
ATOM   202 O OH  . TYR B 1 7  ? -9.260  -0.641  -15.974 1.00 35.44 ? 6   TYR B OH  1 
ATOM   203 N N   . THR B 1 8  ? -4.130  -2.557  -13.293 1.00 11.03 ? 7   THR B N   1 
ATOM   204 C CA  . THR B 1 8  ? -3.588  -3.353  -14.400 1.00 13.18 ? 7   THR B CA  1 
ATOM   205 C C   . THR B 1 8  ? -4.676  -3.493  -15.483 1.00 26.44 ? 7   THR B C   1 
ATOM   206 O O   . THR B 1 8  ? -4.440  -4.097  -16.533 1.00 25.82 ? 7   THR B O   1 
ATOM   207 C CB  . THR B 1 8  ? -3.064  -4.727  -13.929 1.00 19.12 ? 7   THR B CB  1 
ATOM   208 O OG1 . THR B 1 8  ? -4.145  -5.475  -13.377 1.00 14.76 ? 7   THR B OG1 1 
ATOM   209 C CG2 . THR B 1 8  ? -1.915  -4.613  -12.910 1.00 15.81 ? 7   THR B CG2 1 
HETATM 210 N N   . ORN B 1 9  ? -7.754  -7.704  -15.366 1.00 22.49 ? 8   ORN B N   1 
HETATM 211 C CA  . ORN B 1 9  ? -7.581  -6.340  -14.878 1.00 23.66 ? 8   ORN B CA  1 
HETATM 212 C CB  . ORN B 1 9  ? -8.526  -5.398  -15.638 1.00 26.23 ? 8   ORN B CB  1 
HETATM 213 C CG  . ORN B 1 9  ? -8.316  -3.919  -15.365 1.00 26.10 ? 8   ORN B CG  1 
HETATM 214 C CD  . ORN B 1 9  ? -7.128  -3.331  -16.083 1.00 26.22 ? 8   ORN B CD  1 
HETATM 215 N NE  . ORN B 1 9  ? -5.978  -3.201  -15.184 1.00 25.06 ? 8   ORN B NE  1 
HETATM 216 C C   . ORN B 1 9  ? -7.848  -6.275  -13.367 1.00 24.06 ? 8   ORN B C   1 
HETATM 217 O O   . ORN B 1 9  ? -8.952  -6.589  -12.900 1.00 25.23 ? 8   ORN B O   1 
ATOM   218 N N   . LYS B 1 10 ? -6.887  -5.668  -12.614 1.00 19.60 ? 9   LYS B N   1 
ATOM   219 C CA  . LYS B 1 10 ? -6.909  -5.485  -11.160 1.00 17.91 ? 9   LYS B CA  1 
ATOM   220 C C   . LYS B 1 10 ? -6.843  -4.017  -10.787 1.00 20.33 ? 9   LYS B C   1 
ATOM   221 O O   . LYS B 1 10 ? -6.275  -3.213  -11.518 1.00 20.27 ? 9   LYS B O   1 
ATOM   222 C CB  . LYS B 1 10 ? -5.775  -6.271  -10.459 1.00 20.72 ? 9   LYS B CB  1 
ATOM   223 C CG  . LYS B 1 10 ? -5.905  -7.804  -10.541 1.00 23.20 ? 9   LYS B CG  1 
ATOM   224 C CD  . LYS B 1 10 ? -6.887  -8.357  -9.521  1.00 37.66 ? 9   LYS B CD  1 
ATOM   225 C CE  . LYS B 1 10 ? -7.108  -9.842  -9.670  1.00 54.32 ? 9   LYS B CE  1 
ATOM   226 N NZ  . LYS B 1 10 ? -8.070  -10.348 -8.654  1.00 65.84 ? 9   LYS B NZ  1 
ATOM   227 N N   . ASN B 1 11 ? -7.469  -3.675  -9.667  1.00 15.06 ? 10  ASN B N   1 
ATOM   228 C CA  . ASN B 1 11 ? -7.495  -2.335  -9.123  1.00 19.11 ? 10  ASN B CA  1 
ATOM   229 C C   . ASN B 1 11 ? -7.352  -2.435  -7.596  1.00 25.08 ? 10  ASN B C   1 
ATOM   230 O O   . ASN B 1 11 ? -7.516  -3.523  -7.037  1.00 18.16 ? 10  ASN B O   1 
ATOM   231 C CB  . ASN B 1 11 ? -8.800  -1.636  -9.485  1.00 21.48 ? 10  ASN B CB  1 
ATOM   232 C CG  . ASN B 1 11 ? -8.849  -0.209  -9.000  1.00 39.30 ? 10  ASN B CG  1 
ATOM   233 O OD1 . ASN B 1 11 ? -8.012  0.627   -9.368  1.00 29.38 ? 10  ASN B OD1 1 
ATOM   234 N ND2 . ASN B 1 11 ? -9.793  0.080   -8.113  1.00 33.32 ? 10  ASN B ND2 1 
HETATM 235 N N   . HAO B 1 12 ? -6.264  -1.768  -7.133  1.00 18.92 ? 11  HAO B N   1 
HETATM 236 N N9  . HAO B 1 12 ? -5.941  -1.931  -5.949  1.00 12.98 ? 11  HAO B N9  1 
HETATM 237 C C10 . HAO B 1 12 ? -5.435  -0.922  -5.246  1.00 11.64 ? 11  HAO B C10 1 
HETATM 238 O O11 . HAO B 1 12 ? -5.187  0.194   -5.709  1.00 9.52  ? 11  HAO B O11 1 
HETATM 239 C CA  . HAO B 1 12 ? -5.155  -1.227  -3.764  1.00 10.99 ? 11  HAO B CA  1 
HETATM 240 C C13 . HAO B 1 12 ? -4.631  -0.207  -2.973  1.00 10.38 ? 11  HAO B C13 1 
HETATM 241 C C14 . HAO B 1 12 ? -5.474  -2.471  -3.182  1.00 13.39 ? 11  HAO B C14 1 
HETATM 242 C C15 . HAO B 1 12 ? -7.159  -4.096  -3.446  1.00 22.40 ? 11  HAO B C15 1 
HETATM 243 O O15 . HAO B 1 12 ? -5.957  -3.471  -3.962  1.00 15.60 ? 11  HAO B O15 1 
HETATM 244 C C17 . HAO B 1 12 ? -5.193  -2.716  -1.825  1.00 13.24 ? 11  HAO B C17 1 
HETATM 245 C C18 . HAO B 1 12 ? -4.670  -1.681  -1.049  1.00 13.27 ? 11  HAO B C18 1 
HETATM 246 C C19 . HAO B 1 12 ? -4.360  -0.441  -1.626  1.00 10.34 ? 11  HAO B C19 1 
HETATM 247 N N20 . HAO B 1 12 ? -3.908  0.605   -0.906  1.00 11.03 ? 11  HAO B N20 1 
HETATM 248 C C21 . HAO B 1 12 ? -4.236  0.910   0.358   1.00 9.61  ? 11  HAO B C21 1 
HETATM 249 O O22 . HAO B 1 12 ? -4.966  0.236   1.093   1.00 11.28 ? 11  HAO B O22 1 
HETATM 250 C C   . HAO B 1 12 ? -3.570  2.157   0.945   1.00 10.72 ? 11  HAO B C   1 
HETATM 251 O OXT . HAO B 1 12 ? -2.821  2.828   0.230   1.00 12.69 ? 11  HAO B OXT 1 
ATOM   252 N N   . SER B 1 13 ? -4.209  2.513   2.131   0.60 7.84  ? 12  SER B N   1 
ATOM   253 C CA  . SER B 1 13 ? -3.719  3.703   2.824   0.60 8.13  ? 12  SER B CA  1 
ATOM   254 C C   . SER B 1 13 ? -3.485  3.473   4.297   0.60 10.55 ? 12  SER B C   1 
ATOM   255 O O   . SER B 1 13 ? -4.088  2.577   4.884   0.60 8.86  ? 12  SER B O   1 
ATOM   256 C CB  . SER B 1 13 ? -4.648  4.897   2.617   1.00 15.48 ? 12  SER B CB  1 
ATOM   257 O OG  . SER B 1 13 ? -5.974  4.647   3.053   1.00 21.85 ? 12  SER B OG  1 
ATOM   258 N N   . ALA B 1 14 ? -2.596  4.280   4.891   1.00 9.44  ? 13  ALA B N   1 
ATOM   259 C CA  . ALA B 1 14 ? -2.265  4.189   6.306   1.00 15.86 ? 13  ALA B CA  1 
ATOM   260 C C   . ALA B 1 14 ? -2.240  5.578   6.892   1.00 20.94 ? 13  ALA B C   1 
ATOM   261 O O   . ALA B 1 14 ? -1.274  6.296   6.670   1.00 11.05 ? 13  ALA B O   1 
ATOM   262 C CB  . ALA B 1 14 ? -0.919  3.509   6.485   1.00 16.65 ? 13  ALA B CB  1 
HETATM 263 N N   . ORN C 1 1  ? 10.223  4.104   -0.122  1.00 19.12 ? 0   ORN C N   1 
HETATM 264 C CA  . ORN C 1 1  ? 8.981   3.480   -0.580  1.00 16.23 ? 0   ORN C CA  1 
HETATM 265 C CB  . ORN C 1 1  ? 9.263   2.122   -1.230  1.00 15.23 ? 0   ORN C CB  1 
HETATM 266 C CG  . ORN C 1 1  ? 9.899   2.191   -2.630  1.00 15.24 ? 0   ORN C CG  1 
HETATM 267 C CD  . ORN C 1 1  ? 9.025   2.824   -3.717  1.00 15.41 ? 0   ORN C CD  1 
HETATM 268 N NE  . ORN C 1 1  ? 7.838   2.016   -3.980  1.00 14.62 ? 0   ORN C NE  1 
HETATM 269 C C   . ORN C 1 1  ? 7.963   3.318   0.541   1.00 15.47 ? 0   ORN C C   1 
HETATM 270 O O   . ORN C 1 1  ? 8.332   3.060   1.683   1.00 17.79 ? 0   ORN C O   1 
ATOM   271 N N   . PHE C 1 2  ? 6.614   3.104   0.281   1.00 13.17 ? 1   PHE C N   1 
ATOM   272 C CA  . PHE C 1 2  ? 5.509   2.742   1.173   1.00 9.95  ? 1   PHE C CA  1 
ATOM   273 C C   . PHE C 1 2  ? 5.256   1.234   1.096   1.00 12.13 ? 1   PHE C C   1 
ATOM   274 O O   . PHE C 1 2  ? 4.855   0.727   0.050   1.00 11.04 ? 1   PHE C O   1 
ATOM   275 C CB  . PHE C 1 2  ? 4.229   3.496   0.791   1.00 10.87 ? 1   PHE C CB  1 
ATOM   276 C CG  . PHE C 1 2  ? 3.017   3.154   1.644   1.00 10.76 ? 1   PHE C CG  1 
ATOM   277 C CD1 . PHE C 1 2  ? 3.098   3.148   3.036   1.00 12.20 ? 1   PHE C CD1 1 
ATOM   278 C CD2 . PHE C 1 2  ? 1.773   2.950   1.062   1.00 11.21 ? 1   PHE C CD2 1 
ATOM   279 C CE1 . PHE C 1 2  ? 1.974   2.879   3.817   1.00 12.38 ? 1   PHE C CE1 1 
ATOM   280 C CE2 . PHE C 1 2  ? 0.647   2.688   1.849   1.00 12.84 ? 1   PHE C CE2 1 
ATOM   281 C CZ  . PHE C 1 2  ? 0.760   2.644   3.219   1.00 11.22 ? 1   PHE C CZ  1 
ATOM   282 N N   . TYR C 1 3  ? 5.524   0.536   2.197   1.00 8.73  ? 2   TYR C N   1 
ATOM   283 C CA  . TYR C 1 3  ? 5.332   -0.910  2.319   1.00 9.54  ? 2   TYR C CA  1 
ATOM   284 C C   . TYR C 1 3  ? 4.057   -1.106  3.114   1.00 12.92 ? 2   TYR C C   1 
ATOM   285 O O   . TYR C 1 3  ? 3.905   -0.489  4.169   1.00 13.09 ? 2   TYR C O   1 
ATOM   286 C CB  . TYR C 1 3  ? 6.555   -1.552  3.029   1.00 11.61 ? 2   TYR C CB  1 
ATOM   287 C CG  . TYR C 1 3  ? 7.849   -1.335  2.259   1.00 16.90 ? 2   TYR C CG  1 
ATOM   288 C CD1 . TYR C 1 3  ? 8.319   -2.291  1.363   1.00 20.19 ? 2   TYR C CD1 1 
ATOM   289 C CD2 . TYR C 1 3  ? 8.572   -0.154  2.390   1.00 18.11 ? 2   TYR C CD2 1 
ATOM   290 C CE1 . TYR C 1 3  ? 9.482   -2.080  0.622   1.00 21.25 ? 2   TYR C CE1 1 
ATOM   291 C CE2 . TYR C 1 3  ? 9.752   0.056   1.675   1.00 19.80 ? 2   TYR C CE2 1 
ATOM   292 C CZ  . TYR C 1 3  ? 10.194  -0.901  0.779   1.00 27.21 ? 2   TYR C CZ  1 
ATOM   293 O OH  . TYR C 1 3  ? 11.349  -0.681  0.068   1.00 27.08 ? 2   TYR C OH  1 
ATOM   294 N N   . LEU C 1 4  ? 3.102   -1.871  2.564   1.00 8.81  ? 3   LEU C N   1 
ATOM   295 C CA  . LEU C 1 4  ? 1.813   -2.102  3.193   1.00 9.14  ? 3   LEU C CA  1 
ATOM   296 C C   . LEU C 1 4  ? 1.482   -3.569  3.155   1.00 13.42 ? 3   LEU C C   1 
ATOM   297 O O   . LEU C 1 4  ? 1.612   -4.201  2.110   1.00 13.89 ? 3   LEU C O   1 
ATOM   298 C CB  . LEU C 1 4  ? 0.690   -1.301  2.483   1.00 8.77  ? 3   LEU C CB  1 
ATOM   299 C CG  . LEU C 1 4  ? -0.705  -1.430  3.096   1.00 11.79 ? 3   LEU C CG  1 
ATOM   300 C CD1 . LEU C 1 4  ? -0.787  -0.763  4.462   1.00 11.86 ? 3   LEU C CD1 1 
ATOM   301 C CD2 . LEU C 1 4  ? -1.775  -0.886  2.129   1.00 10.61 ? 3   LEU C CD2 1 
ATOM   302 N N   . LEU C 1 5  ? 1.056   -4.104  4.300   1.00 9.13  ? 4   LEU C N   1 
ATOM   303 C CA  . LEU C 1 5  ? 0.663   -5.499  4.436   1.00 9.16  ? 4   LEU C CA  1 
ATOM   304 C C   . LEU C 1 5  ? -0.631  -5.571  5.228   1.00 11.50 ? 4   LEU C C   1 
ATOM   305 O O   . LEU C 1 5  ? -0.740  -4.900  6.234   1.00 10.80 ? 4   LEU C O   1 
ATOM   306 C CB  . LEU C 1 5  ? 1.779   -6.280  5.151   1.00 10.06 ? 4   LEU C CB  1 
ATOM   307 C CG  . LEU C 1 5  ? 1.665   -7.779  5.076   1.00 16.50 ? 4   LEU C CG  1 
ATOM   308 C CD1 . LEU C 1 5  ? 1.797   -8.256  3.631   1.00 17.72 ? 4   LEU C CD1 1 
ATOM   309 C CD2 . LEU C 1 5  ? 2.751   -8.426  5.926   1.00 20.34 ? 4   LEU C CD2 1 
ATOM   310 N N   . TYR C 1 6  ? -1.617  -6.358  4.773   1.00 8.87  ? 5   TYR C N   1 
ATOM   311 C CA  . TYR C 1 6  ? -2.868  -6.450  5.526   1.00 8.98  ? 5   TYR C CA  1 
ATOM   312 C C   . TYR C 1 6  ? -3.518  -7.804  5.440   1.00 11.23 ? 5   TYR C C   1 
ATOM   313 O O   . TYR C 1 6  ? -3.249  -8.579  4.519   1.00 9.96  ? 5   TYR C O   1 
ATOM   314 C CB  . TYR C 1 6  ? -3.879  -5.335  5.178   1.00 9.77  ? 5   TYR C CB  1 
ATOM   315 C CG  . TYR C 1 6  ? -4.371  -5.382  3.750   1.00 9.96  ? 5   TYR C CG  1 
ATOM   316 C CD1 . TYR C 1 6  ? -5.510  -6.108  3.409   1.00 11.61 ? 5   TYR C CD1 1 
ATOM   317 C CD2 . TYR C 1 6  ? -3.704  -4.696  2.741   1.00 10.01 ? 5   TYR C CD2 1 
ATOM   318 C CE1 . TYR C 1 6  ? -5.957  -6.171  2.088   1.00 12.43 ? 5   TYR C CE1 1 
ATOM   319 C CE2 . TYR C 1 6  ? -4.144  -4.749  1.418   1.00 11.52 ? 5   TYR C CE2 1 
ATOM   320 C CZ  . TYR C 1 6  ? -5.264  -5.497  1.094   1.00 15.15 ? 5   TYR C CZ  1 
ATOM   321 O OH  . TYR C 1 6  ? -5.730  -5.508  -0.199  1.00 18.44 ? 5   TYR C OH  1 
ATOM   322 N N   . TYR C 1 7  ? -4.420  -8.057  6.388   1.00 8.33  ? 6   TYR C N   1 
ATOM   323 C CA  . TYR C 1 7  ? -5.193  -9.299  6.472   1.00 8.25  ? 6   TYR C CA  1 
ATOM   324 C C   . TYR C 1 7  ? -6.572  -8.906  6.971   1.00 11.32 ? 6   TYR C C   1 
ATOM   325 O O   . TYR C 1 7  ? -6.677  -8.342  8.048   1.00 13.31 ? 6   TYR C O   1 
ATOM   326 C CB  . TYR C 1 7  ? -4.532  -10.256 7.457   1.00 8.90  ? 6   TYR C CB  1 
ATOM   327 C CG  . TYR C 1 7  ? -5.338  -11.506 7.733   1.00 9.75  ? 6   TYR C CG  1 
ATOM   328 C CD1 . TYR C 1 7  ? -5.743  -12.340 6.698   1.00 11.77 ? 6   TYR C CD1 1 
ATOM   329 C CD2 . TYR C 1 7  ? -5.688  -11.861 9.034   1.00 10.15 ? 6   TYR C CD2 1 
ATOM   330 C CE1 . TYR C 1 7  ? -6.501  -13.482 6.950   1.00 11.21 ? 6   TYR C CE1 1 
ATOM   331 C CE2 . TYR C 1 7  ? -6.412  -13.017 9.297   1.00 11.26 ? 6   TYR C CE2 1 
ATOM   332 C CZ  . TYR C 1 7  ? -6.819  -13.824 8.251   1.00 19.77 ? 6   TYR C CZ  1 
ATOM   333 O OH  . TYR C 1 7  ? -7.531  -14.978 8.493   1.00 22.95 ? 6   TYR C OH  1 
ATOM   334 N N   . THR C 1 8  ? -7.605  -9.131  6.164   1.00 9.01  ? 7   THR C N   1 
ATOM   335 C CA  . THR C 1 8  ? -8.993  -8.751  6.492   1.00 11.55 ? 7   THR C CA  1 
ATOM   336 C C   . THR C 1 8  ? -9.810  -9.926  7.037   1.00 22.10 ? 7   THR C C   1 
ATOM   337 O O   . THR C 1 8  ? -11.018 -9.771  7.281   1.00 13.51 ? 7   THR C O   1 
ATOM   338 C CB  . THR C 1 8  ? -9.691  -8.179  5.256   1.00 18.21 ? 7   THR C CB  1 
ATOM   339 O OG1 . THR C 1 8  ? -9.882  -9.245  4.334   1.00 18.26 ? 7   THR C OG1 1 
ATOM   340 C CG2 . THR C 1 8  ? -8.905  -7.063  4.604   1.00 15.12 ? 7   THR C CG2 1 
HETATM 341 N N   . ORN C 1 9  ? -12.326 -12.410 3.530   1.00 30.61 ? 8   ORN C N   1 
HETATM 342 C CA  . ORN C 1 9  ? -11.043 -12.498 4.213   1.00 26.44 ? 8   ORN C CA  1 
HETATM 343 C CB  . ORN C 1 9  ? -11.136 -13.489 5.382   1.00 25.84 ? 8   ORN C CB  1 
HETATM 344 C CG  . ORN C 1 9  ? -9.943  -13.484 6.338   1.00 23.39 ? 8   ORN C CG  1 
HETATM 345 C CD  . ORN C 1 9  ? -10.067 -12.527 7.520   1.00 20.04 ? 8   ORN C CD  1 
HETATM 346 N NE  . ORN C 1 9  ? -9.415  -11.243 7.238   1.00 21.97 ? 8   ORN C NE  1 
HETATM 347 C C   . ORN C 1 9  ? -9.926  -12.883 3.233   1.00 23.82 ? 8   ORN C C   1 
HETATM 348 O O   . ORN C 1 9  ? -10.020 -13.883 2.517   1.00 28.26 ? 8   ORN C O   1 
ATOM   349 N N   . LYS C 1 10 ? -9.149  -11.780 3.176   1.00 18.46 ? 9   LYS C N   1 
ATOM   350 C CA  . LYS C 1 10 ? -8.121  -11.644 2.141   1.00 18.15 ? 9   LYS C CA  1 
ATOM   351 C C   . LYS C 1 10 ? -6.796  -11.124 2.684   1.00 17.92 ? 9   LYS C C   1 
ATOM   352 O O   . LYS C 1 10 ? -6.771  -10.494 3.740   1.00 16.98 ? 9   LYS C O   1 
ATOM   353 C CB  . LYS C 1 10 ? -8.624  -10.786 0.954   1.00 22.06 ? 9   LYS C CB  1 
ATOM   354 C CG  . LYS C 1 10 ? -8.650  -9.277  1.177   1.00 39.34 ? 9   LYS C CG  1 
ATOM   355 C CD  . LYS C 1 10 ? -9.209  -8.539  -0.043  1.00 46.89 ? 9   LYS C CD  1 
ATOM   356 C CE  . LYS C 1 10 ? -9.426  -7.066  0.228   1.00 50.70 ? 9   LYS C CE  1 
ATOM   357 N NZ  . LYS C 1 10 ? -10.095 -6.389  -0.914  1.00 42.90 ? 9   LYS C NZ  1 
ATOM   358 N N   . ASN C 1 11 ? -5.708  -11.368 1.936   1.00 11.66 ? 10  ASN C N   1 
ATOM   359 C CA  . ASN C 1 11 ? -4.350  -10.893 2.225   1.00 14.19 ? 10  ASN C CA  1 
ATOM   360 C C   . ASN C 1 11 ? -3.920  -9.928  1.132   1.00 12.61 ? 10  ASN C C   1 
ATOM   361 O O   . ASN C 1 11 ? -4.382  -10.065 -0.008  1.00 14.03 ? 10  ASN C O   1 
ATOM   362 C CB  . ASN C 1 11 ? -3.378  -12.049 2.276   1.00 12.38 ? 10  ASN C CB  1 
ATOM   363 C CG  . ASN C 1 11 ? -3.480  -12.815 3.545   1.00 15.06 ? 10  ASN C CG  1 
ATOM   364 O OD1 . ASN C 1 11 ? -4.334  -13.686 3.698   1.00 15.40 ? 10  ASN C OD1 1 
ATOM   365 N ND2 . ASN C 1 11 ? -2.599  -12.522 4.483   1.00 11.72 ? 10  ASN C ND2 1 
HETATM 366 N N   . HAO C 1 12 ? -3.364  -8.786  1.651   1.00 9.95  ? 11  HAO C N   1 
HETATM 367 N N9  . HAO C 1 12 ? -2.987  -7.960  0.790   1.00 9.92  ? 11  HAO C N9  1 
HETATM 368 C C10 . HAO C 1 12 ? -1.866  -7.255  0.956   1.00 10.75 ? 11  HAO C C10 1 
HETATM 369 O O11 . HAO C 1 12 ? -1.245  -7.191  2.016   1.00 9.92  ? 11  HAO C O11 1 
HETATM 370 C CA  . HAO C 1 12 ? -1.441  -6.336  -0.203  1.00 11.12 ? 11  HAO C CA  1 
HETATM 371 C C13 . HAO C 1 12 ? -0.282  -5.571  -0.022  1.00 14.68 ? 11  HAO C C13 1 
HETATM 372 C C14 . HAO C 1 12 ? -2.065  -6.345  -1.463  1.00 12.38 ? 11  HAO C C14 1 
HETATM 373 C C15 . HAO C 1 12 ? -3.270  -7.781  -2.955  1.00 18.17 ? 11  HAO C C15 1 
HETATM 374 O O15 . HAO C 1 12 ? -3.180  -7.108  -1.650  1.00 16.17 ? 11  HAO C O15 1 
HETATM 375 C C17 . HAO C 1 12 ? -1.632  -5.442  -2.449  1.00 13.95 ? 11  HAO C C17 1 
HETATM 376 C C18 . HAO C 1 12 ? -0.506  -4.639  -2.236  1.00 17.28 ? 11  HAO C C18 1 
HETATM 377 C C19 . HAO C 1 12 ? 0.164   -4.671  -0.997  1.00 15.53 ? 11  HAO C C19 1 
HETATM 378 N N20 . HAO C 1 12 ? 1.299   -4.000  -0.723  1.00 16.82 ? 11  HAO C N20 1 
HETATM 379 C C21 . HAO C 1 12 ? 2.188   -3.513  -1.602  1.00 20.28 ? 11  HAO C C21 1 
HETATM 380 O O22 . HAO C 1 12 ? 1.981   -3.336  -2.803  1.00 22.74 ? 11  HAO C O22 1 
HETATM 381 C C   . HAO C 1 12 ? 3.518   -3.005  -1.078  1.00 15.06 ? 11  HAO C C   1 
HETATM 382 O OXT . HAO C 1 12 ? 3.720   -2.906  0.119   1.00 12.70 ? 11  HAO C OXT 1 
ATOM   383 N N   . SER C 1 13 ? 4.529   -2.744  -1.944  0.60 9.32  ? 12  SER C N   1 
ATOM   384 C CA  . SER C 1 13 ? 5.852   -2.179  -1.721  0.60 8.80  ? 12  SER C CA  1 
ATOM   385 C C   . SER C 1 13 ? 6.108   -1.213  -2.859  0.60 9.55  ? 12  SER C C   1 
ATOM   386 O O   . SER C 1 13 ? 6.815   -1.533  -3.817  0.60 8.51  ? 12  SER C O   1 
ATOM   387 C CB  . SER C 1 13 ? 6.900   -3.290  -1.685  1.00 16.20 ? 12  SER C CB  1 
ATOM   388 O OG  . SER C 1 13 ? 6.740   -4.145  -2.803  1.00 29.77 ? 12  SER C OG  1 
ATOM   389 N N   . ALA C 1 14 ? 5.493   -0.028  -2.747  1.00 8.27  ? 13  ALA C N   1 
ATOM   390 C CA  . ALA C 1 14 ? 5.524   1.015   -3.751  1.00 8.94  ? 13  ALA C CA  1 
ATOM   391 C C   . ALA C 1 14 ? 6.576   2.055   -3.457  1.00 13.81 ? 13  ALA C C   1 
ATOM   392 O O   . ALA C 1 14 ? 6.362   2.979   -2.682  1.00 10.49 ? 13  ALA C O   1 
ATOM   393 C CB  . ALA C 1 14 ? 4.131   1.642   -3.858  1.00 9.55  ? 13  ALA C CB  1 
HETATM 394 N N   . ORN D 1 1  ? -6.965  -12.802 14.195  1.00 16.20 ? 0   ORN D N   1 
HETATM 395 C CA  . ORN D 1 1  ? -7.173  -11.349 14.201  1.00 16.14 ? 0   ORN D CA  1 
HETATM 396 C CB  . ORN D 1 1  ? -6.367  -10.697 15.325  1.00 15.96 ? 0   ORN D CB  1 
HETATM 397 C CG  . ORN D 1 1  ? -6.932  -10.960 16.726  1.00 14.72 ? 0   ORN D CG  1 
HETATM 398 C CD  . ORN D 1 1  ? -8.181  -10.151 17.089  1.00 14.16 ? 0   ORN D CD  1 
HETATM 399 N NE  . ORN D 1 1  ? -7.924  -8.710  17.031  1.00 17.18 ? 0   ORN D NE  1 
HETATM 400 C C   . ORN D 1 1  ? -6.794  -10.723 12.866  1.00 16.44 ? 0   ORN D C   1 
HETATM 401 O O   . ORN D 1 1  ? -5.840  -11.158 12.238  1.00 13.97 ? 0   ORN D O   1 
ATOM   402 N N   . PHE D 1 2  ? -7.462  -9.564  12.654  1.00 11.62 ? 1   PHE D N   1 
ATOM   403 C CA  . PHE D 1 2  ? -7.165  -8.799  11.429  1.00 11.21 ? 1   PHE D CA  1 
ATOM   404 C C   . PHE D 1 2  ? -5.993  -7.906  11.711  1.00 12.32 ? 1   PHE D C   1 
ATOM   405 O O   . PHE D 1 2  ? -5.774  -7.539  12.858  1.00 12.50 ? 1   PHE D O   1 
ATOM   406 C CB  . PHE D 1 2  ? -8.374  -7.944  11.003  1.00 13.36 ? 1   PHE D CB  1 
ATOM   407 C CG  . PHE D 1 2  ? -9.690  -8.676  11.062  1.00 15.69 ? 1   PHE D CG  1 
ATOM   408 C CD1 . PHE D 1 2  ? -9.870  -9.872  10.379  1.00 19.50 ? 1   PHE D CD1 1 
ATOM   409 C CD2 . PHE D 1 2  ? -10.729 -8.206  11.856  1.00 19.98 ? 1   PHE D CD2 1 
ATOM   410 C CE1 . PHE D 1 2  ? -11.069 -10.581 10.474  1.00 21.61 ? 1   PHE D CE1 1 
ATOM   411 C CE2 . PHE D 1 2  ? -11.929 -8.911  11.946  1.00 23.62 ? 1   PHE D CE2 1 
ATOM   412 C CZ  . PHE D 1 2  ? -12.095 -10.093 11.247  1.00 22.07 ? 1   PHE D CZ  1 
ATOM   413 N N   . TYR D 1 3  ? -5.265  -7.514  10.683  1.00 8.93  ? 2   TYR D N   1 
ATOM   414 C CA  . TYR D 1 3  ? -4.152  -6.588  10.867  1.00 8.23  ? 2   TYR D CA  1 
ATOM   415 C C   . TYR D 1 3  ? -3.788  -5.743  9.678   1.00 10.49 ? 2   TYR D C   1 
ATOM   416 O O   . TYR D 1 3  ? -4.056  -6.094  8.541   1.00 9.82  ? 2   TYR D O   1 
ATOM   417 C CB  . TYR D 1 3  ? -2.885  -7.290  11.414  1.00 8.68  ? 2   TYR D CB  1 
ATOM   418 C CG  . TYR D 1 3  ? -2.338  -8.383  10.521  1.00 9.70  ? 2   TYR D CG  1 
ATOM   419 C CD1 . TYR D 1 3  ? -1.517  -8.080  9.436   1.00 11.28 ? 2   TYR D CD1 1 
ATOM   420 C CD2 . TYR D 1 3  ? -2.649  -9.717  10.752  1.00 9.53  ? 2   TYR D CD2 1 
ATOM   421 C CE1 . TYR D 1 3  ? -0.975  -9.087  8.637   1.00 10.88 ? 2   TYR D CE1 1 
ATOM   422 C CE2 . TYR D 1 3  ? -2.132  -10.732 9.946   1.00 9.92  ? 2   TYR D CE2 1 
ATOM   423 C CZ  . TYR D 1 3  ? -1.282  -10.410 8.900   1.00 15.51 ? 2   TYR D CZ  1 
ATOM   424 O OH  . TYR D 1 3  ? -0.751  -11.407 8.113   1.00 16.27 ? 2   TYR D OH  1 
ATOM   425 N N   . LEU D 1 4  ? -3.097  -4.652  9.956   1.00 8.71  ? 3   LEU D N   1 
ATOM   426 C CA  . LEU D 1 4  ? -2.450  -3.865  8.919   1.00 9.42  ? 3   LEU D CA  1 
ATOM   427 C C   . LEU D 1 4  ? -1.085  -3.469  9.460   1.00 10.79 ? 3   LEU D C   1 
ATOM   428 O O   . LEU D 1 4  ? -0.941  -3.233  10.663  1.00 10.89 ? 3   LEU D O   1 
ATOM   429 C CB  . LEU D 1 4  ? -3.277  -2.671  8.403   1.00 9.55  ? 3   LEU D CB  1 
ATOM   430 C CG  . LEU D 1 4  ? -3.623  -1.547  9.388   1.00 13.12 ? 3   LEU D CG  1 
ATOM   431 C CD1 . LEU D 1 4  ? -2.497  -0.515  9.450   1.00 12.79 ? 3   LEU D CD1 1 
ATOM   432 C CD2 . LEU D 1 4  ? -4.911  -0.867  8.964   1.00 16.98 ? 3   LEU D CD2 1 
ATOM   433 N N   . LEU D 1 5  ? -0.085  -3.445  8.592   1.00 7.90  ? 4   LEU D N   1 
ATOM   434 C CA  . LEU D 1 5  ? 1.283   -3.080  8.940   1.00 8.87  ? 4   LEU D CA  1 
ATOM   435 C C   . LEU D 1 5  ? 1.846   -2.249  7.822   1.00 12.18 ? 4   LEU D C   1 
ATOM   436 O O   . LEU D 1 5  ? 1.567   -2.510  6.655   1.00 12.35 ? 4   LEU D O   1 
ATOM   437 C CB  . LEU D 1 5  ? 2.169   -4.328  9.104   1.00 9.90  ? 4   LEU D CB  1 
ATOM   438 C CG  . LEU D 1 5  ? 1.784   -5.276  10.236  1.00 14.83 ? 4   LEU D CG  1 
ATOM   439 C CD1 . LEU D 1 5  ? 2.484   -6.611  10.067  1.00 14.65 ? 4   LEU D CD1 1 
ATOM   440 C CD2 . LEU D 1 5  ? 2.073   -4.651  11.605  1.00 18.15 ? 4   LEU D CD2 1 
ATOM   441 N N   . TYR D 1 6  ? 2.667   -1.279  8.172   1.00 8.96  ? 5   TYR D N   1 
ATOM   442 C CA  . TYR D 1 6  ? 3.238   -0.398  7.173   1.00 9.31  ? 5   TYR D CA  1 
ATOM   443 C C   . TYR D 1 6  ? 4.588   0.134   7.574   1.00 12.38 ? 5   TYR D C   1 
ATOM   444 O O   . TYR D 1 6  ? 4.914   0.188   8.760   1.00 11.44 ? 5   TYR D O   1 
ATOM   445 C CB  . TYR D 1 6  ? 2.264   0.741   6.823   1.00 10.30 ? 5   TYR D CB  1 
ATOM   446 C CG  . TYR D 1 6  ? 1.957   1.674   7.976   1.00 10.69 ? 5   TYR D CG  1 
ATOM   447 C CD1 . TYR D 1 6  ? 2.682   2.847   8.160   1.00 14.06 ? 5   TYR D CD1 1 
ATOM   448 C CD2 . TYR D 1 6  ? 0.869   1.443   8.816   1.00 10.99 ? 5   TYR D CD2 1 
ATOM   449 C CE1 . TYR D 1 6  ? 2.380   3.733   9.194   1.00 14.65 ? 5   TYR D CE1 1 
ATOM   450 C CE2 . TYR D 1 6  ? 0.540   2.339   9.841   1.00 10.48 ? 5   TYR D CE2 1 
ATOM   451 C CZ  . TYR D 1 6  ? 1.301   3.482   10.021  1.00 16.89 ? 5   TYR D CZ  1 
ATOM   452 O OH  . TYR D 1 6  ? 1.007   4.371   11.032  1.00 15.57 ? 5   TYR D OH  1 
ATOM   453 N N   . TYR D 1 7  ? 5.359   0.558   6.572   1.00 10.45 ? 6   TYR D N   1 
ATOM   454 C CA  . TYR D 1 7  ? 6.674   1.130   6.791   1.00 11.45 ? 6   TYR D CA  1 
ATOM   455 C C   . TYR D 1 7  ? 6.946   2.156   5.715   1.00 13.44 ? 6   TYR D C   1 
ATOM   456 O O   . TYR D 1 7  ? 6.647   1.894   4.563   1.00 15.14 ? 6   TYR D O   1 
ATOM   457 C CB  . TYR D 1 7  ? 7.712   0.014   6.707   1.00 13.22 ? 6   TYR D CB  1 
ATOM   458 C CG  . TYR D 1 7  ? 9.145   0.429   6.955   1.00 18.67 ? 6   TYR D CG  1 
ATOM   459 C CD1 . TYR D 1 7  ? 9.650   0.508   8.248   1.00 21.82 ? 6   TYR D CD1 1 
ATOM   460 C CD2 . TYR D 1 7  ? 10.039  0.581   5.897   1.00 20.70 ? 6   TYR D CD2 1 
ATOM   461 C CE1 . TYR D 1 7  ? 10.992  0.800   8.486   1.00 24.15 ? 6   TYR D CE1 1 
ATOM   462 C CE2 . TYR D 1 7  ? 11.383  0.885   6.122   1.00 22.56 ? 6   TYR D CE2 1 
ATOM   463 C CZ  . TYR D 1 7  ? 11.855  0.987   7.421   1.00 31.94 ? 6   TYR D CZ  1 
ATOM   464 O OH  . TYR D 1 7  ? 13.169  1.312   7.666   1.00 36.02 ? 6   TYR D OH  1 
ATOM   465 N N   . THR D 1 8  ? 7.517   3.313   6.079   1.00 8.46  ? 7   THR D N   1 
ATOM   466 C CA  . THR D 1 8  ? 7.935   4.297   5.068   1.00 13.53 ? 7   THR D CA  1 
ATOM   467 C C   . THR D 1 8  ? 9.447   4.544   5.145   1.00 31.01 ? 7   THR D C   1 
ATOM   468 O O   . THR D 1 8  ? 9.985   5.371   4.404   1.00 19.45 ? 7   THR D O   1 
ATOM   469 C CB  . THR D 1 8  ? 7.130   5.593   5.159   1.00 18.67 ? 7   THR D CB  1 
ATOM   470 O OG1 . THR D 1 8  ? 7.351   6.179   6.437   1.00 16.10 ? 7   THR D OG1 1 
ATOM   471 C CG2 . THR D 1 8  ? 5.628   5.371   4.904   1.00 16.22 ? 7   THR D CG2 1 
HETATM 472 N N   . ORN D 1 9  ? 10.617  8.727   8.415   1.00 39.72 ? 8   ORN D N   1 
HETATM 473 C CA  . ORN D 1 9  ? 10.355  7.292   8.382   1.00 36.89 ? 8   ORN D CA  1 
HETATM 474 C CB  . ORN D 1 9  ? 11.679  6.517   8.305   1.00 37.30 ? 8   ORN D CB  1 
HETATM 475 C CG  . ORN D 1 9  ? 11.552  5.001   8.212   1.00 35.58 ? 8   ORN D CG  1 
HETATM 476 C CD  . ORN D 1 9  ? 11.567  4.461   6.802   1.00 32.68 ? 8   ORN D CD  1 
HETATM 477 N NE  . ORN D 1 9  ? 10.220  4.395   6.242   1.00 30.82 ? 8   ORN D NE  1 
HETATM 478 C C   . ORN D 1 9  ? 9.533   6.872   9.602   1.00 33.41 ? 8   ORN D C   1 
HETATM 479 O O   . ORN D 1 9  ? 9.869   7.218   10.739  1.00 35.01 ? 8   ORN D O   1 
ATOM   480 N N   . LYS D 1 10 ? 8.506   6.156   9.003   1.00 28.17 ? 9   LYS D N   1 
ATOM   481 C CA  . LYS D 1 10 ? 7.485   5.598   9.891   1.00 26.71 ? 9   LYS D CA  1 
ATOM   482 C C   . LYS D 1 10 ? 7.407   4.068   9.860   1.00 29.86 ? 9   LYS D C   1 
ATOM   483 O O   . LYS D 1 10 ? 7.869   3.414   8.922   1.00 29.46 ? 9   LYS D O   1 
ATOM   484 C CB  . LYS D 1 10 ? 6.092   6.205   9.624   1.00 27.85 ? 9   LYS D CB  1 
ATOM   485 C CG  . LYS D 1 10 ? 6.005   7.732   9.753   1.00 31.41 ? 9   LYS D CG  1 
ATOM   486 C CD  . LYS D 1 10 ? 5.780   8.221   11.183  1.00 40.93 ? 9   LYS D CD  1 
ATOM   487 C CE  . LYS D 1 10 ? 5.712   9.726   11.248  1.00 49.48 ? 9   LYS D CE  1 
ATOM   488 N NZ  . LYS D 1 10 ? 7.060   10.345  11.189  1.00 61.28 ? 9   LYS D NZ  1 
ATOM   489 N N   . ASN D 1 11 ? 6.848   3.510   10.928  1.00 25.35 ? 10  ASN D N   1 
ATOM   490 C CA  . ASN D 1 11 ? 6.579   2.091   11.104  1.00 27.64 ? 10  ASN D CA  1 
ATOM   491 C C   . ASN D 1 11 ? 5.277   1.986   11.904  1.00 24.06 ? 10  ASN D C   1 
ATOM   492 O O   . ASN D 1 11 ? 4.801   3.000   12.439  1.00 19.39 ? 10  ASN D O   1 
ATOM   493 C CB  . ASN D 1 11 ? 7.728   1.381   11.832  1.00 28.30 ? 10  ASN D CB  1 
ATOM   494 C CG  . ASN D 1 11 ? 7.638   -0.132  11.780  1.00 46.38 ? 10  ASN D CG  1 
ATOM   495 O OD1 . ASN D 1 11 ? 7.302   -0.734  10.749  1.00 39.42 ? 10  ASN D OD1 1 
ATOM   496 N ND2 . ASN D 1 11 ? 7.956   -0.787  12.887  1.00 37.28 ? 10  ASN D ND2 1 
HETATM 497 N N   . HAO D 1 12 ? 4.313   1.298   11.257  1.00 17.20 ? 11  HAO D N   1 
HETATM 498 N N9  . HAO D 1 12 ? 3.206   1.289   11.812  1.00 13.85 ? 11  HAO D N9  1 
HETATM 499 C C10 . HAO D 1 12 ? 2.431   0.202   11.796  1.00 13.74 ? 11  HAO D C10 1 
HETATM 500 O O11 . HAO D 1 12 ? 2.616   -0.759  11.067  1.00 12.29 ? 11  HAO D O11 1 
HETATM 501 C CA  . HAO D 1 12 ? 1.120   0.291   12.585  1.00 11.36 ? 11  HAO D CA  1 
HETATM 502 C C13 . HAO D 1 12 ? 0.244   -0.797  12.528  1.00 9.54  ? 11  HAO D C13 1 
HETATM 503 C C14 . HAO D 1 12 ? 0.797   1.403   13.370  1.00 12.07 ? 11  HAO D C14 1 
HETATM 504 C C15 . HAO D 1 12 ? 1.552   3.376   14.537  1.00 17.70 ? 11  HAO D C15 1 
HETATM 505 O O15 . HAO D 1 12 ? 1.667   2.448   13.420  1.00 14.77 ? 11  HAO D O15 1 
HETATM 506 C C17 . HAO D 1 12 ? -0.429  1.427   14.044  1.00 9.75  ? 11  HAO D C17 1 
HETATM 507 C C18 . HAO D 1 12 ? -1.286  0.325   13.988  1.00 11.96 ? 11  HAO D C18 1 
HETATM 508 C C19 . HAO D 1 12 ? -0.973  -0.768  13.186  1.00 7.77  ? 11  HAO D C19 1 
HETATM 509 N N20 . HAO D 1 12 ? -1.718  -1.895  13.160  1.00 10.93 ? 11  HAO D N20 1 
HETATM 510 C C21 . HAO D 1 12 ? -2.432  -2.423  14.181  1.00 12.54 ? 11  HAO D C21 1 
HETATM 511 O O22 . HAO D 1 12 ? -2.614  -1.904  15.282  1.00 12.73 ? 11  HAO D O22 1 
HETATM 512 C C   . HAO D 1 12 ? -3.196  -3.704  13.889  1.00 11.80 ? 11  HAO D C   1 
HETATM 513 O OXT . HAO D 1 12 ? -3.198  -4.094  12.721  1.00 11.54 ? 11  HAO D OXT 1 
ATOM   514 N N   . SER D 1 13 ? -3.689  -4.247  15.055  0.60 7.39  ? 12  SER D N   1 
ATOM   515 C CA  . SER D 1 13 ? -4.462  -5.478  14.884  0.60 7.16  ? 12  SER D CA  1 
ATOM   516 C C   . SER D 1 13 ? -5.758  -5.462  15.654  0.60 10.52 ? 12  SER D C   1 
ATOM   517 O O   . SER D 1 13 ? -5.914  -4.647  16.561  0.60 8.08  ? 12  SER D O   1 
ATOM   518 C CB  . SER D 1 13 ? -3.637  -6.730  15.214  1.00 13.01 ? 12  SER D CB  1 
ATOM   519 O OG  . SER D 1 13 ? -3.156  -6.786  16.545  1.00 18.25 ? 12  SER D OG  1 
ATOM   520 N N   . ALA D 1 14 ? -6.717  -6.314  15.238  1.00 9.30  ? 13  ALA D N   1 
ATOM   521 C CA  . ALA D 1 14 ? -8.020  -6.455  15.878  1.00 10.04 ? 13  ALA D CA  1 
ATOM   522 C C   . ALA D 1 14 ? -8.383  -7.920  15.992  1.00 18.33 ? 13  ALA D C   1 
ATOM   523 O O   . ALA D 1 14 ? -8.776  -8.520  14.997  1.00 10.93 ? 13  ALA D O   1 
ATOM   524 C CB  . ALA D 1 14 ? -9.089  -5.703  15.095  1.00 9.91  ? 13  ALA D CB  1 
HETATM 525 C C1  . MPD E 2 .  ? 1.000   10.571  -12.325 1.00 47.41 ? 101 MPD A C1  1 
HETATM 526 C C2  . MPD E 2 .  ? 2.467   10.230  -12.567 1.00 47.39 ? 101 MPD A C2  1 
HETATM 527 O O2  . MPD E 2 .  ? 2.708   10.416  -13.973 1.00 46.64 ? 101 MPD A O2  1 
HETATM 528 C CM  . MPD E 2 .  ? 2.735   8.756   -12.263 1.00 46.86 ? 101 MPD A CM  1 
HETATM 529 C C3  . MPD E 2 .  ? 3.415   11.213  -11.789 1.00 49.99 ? 101 MPD A C3  1 
HETATM 530 C C4  . MPD E 2 .  ? 3.915   10.840  -10.365 1.00 52.28 ? 101 MPD A C4  1 
HETATM 531 O O4  . MPD E 2 .  ? 5.252   11.321  -10.182 1.00 54.57 ? 101 MPD A O4  1 
HETATM 532 C C5  . MPD E 2 .  ? 3.020   11.412  -9.292  1.00 52.00 ? 101 MPD A C5  1 
HETATM 533 C C1  . MPD F 2 .  ? 4.796   -9.235  0.955   1.00 32.60 ? 101 MPD C C1  1 
HETATM 534 C C2  . MPD F 2 .  ? 3.638   -9.041  -0.018  1.00 32.43 ? 101 MPD C C2  1 
HETATM 535 O O2  . MPD F 2 .  ? 3.212   -7.665  0.071   1.00 35.84 ? 101 MPD C O2  1 
HETATM 536 C CM  . MPD F 2 .  ? 4.110   -9.262  -1.448  1.00 31.47 ? 101 MPD C CM  1 
HETATM 537 C C3  . MPD F 2 .  ? 2.485   -10.039 0.389   1.00 29.15 ? 101 MPD C C3  1 
HETATM 538 C C4  . MPD F 2 .  ? 1.169   -9.961  -0.441  1.00 25.15 ? 101 MPD C C4  1 
HETATM 539 O O4  . MPD F 2 .  ? 1.360   -10.670 -1.671  1.00 24.18 ? 101 MPD C O4  1 
HETATM 540 C C5  . MPD F 2 .  ? 0.002   -10.559 0.306   1.00 21.28 ? 101 MPD C C5  1 
HETATM 541 O O   . HOH G 3 .  ? 10.827  8.981   1.005   1.00 32.49 ? 201 HOH A O   1 
HETATM 542 O O   . HOH G 3 .  ? 10.947  6.719   -3.526  1.00 28.38 ? 202 HOH A O   1 
HETATM 543 O O   . HOH G 3 .  ? 7.156   8.848   5.901   1.00 30.22 ? 203 HOH A O   1 
HETATM 544 O O   . HOH G 3 .  ? 4.022   8.035   -15.350 1.00 45.98 ? 204 HOH A O   1 
HETATM 545 O O   . HOH H 3 .  ? -2.270  12.907  -2.184  1.00 23.60 ? 101 HOH B O   1 
HETATM 546 O O   . HOH H 3 .  ? -7.030  1.687   -7.082  1.00 29.81 ? 102 HOH B O   1 
HETATM 547 O O   . HOH H 3 .  ? -7.762  -7.663  -18.289 1.00 32.30 ? 103 HOH B O   1 
HETATM 548 O O   . HOH H 3 .  ? -2.326  -4.394  -17.993 1.00 35.93 ? 104 HOH B O   1 
HETATM 549 O O   . HOH H 3 .  ? -9.619  -5.815  -9.042  1.00 32.08 ? 105 HOH B O   1 
HETATM 550 O O   . HOH I 3 .  ? -13.595 -10.202 7.794   1.00 24.38 ? 201 HOH C O   1 
HETATM 551 O O   . HOH J 3 .  ? -0.900  -13.742 9.306   1.00 25.06 ? 101 HOH D O   1 
HETATM 552 O O   . HOH J 3 .  ? 9.895   6.020   1.806   1.00 29.68 ? 102 HOH D O   1 
HETATM 553 O O   . HOH J 3 .  ? -8.553  -14.069 12.668  1.00 36.62 ? 103 HOH D O   1 
HETATM 554 O O   . HOH J 3 .  ? -11.262 -9.978  15.224  1.00 31.94 ? 104 HOH D O   1 
HETATM 555 O O   . HOH J 3 .  ? -7.564  -14.336 16.387  1.00 19.73 ? 105 HOH D O   1 
HETATM 556 O O   . HOH J 3 .  ? 7.385   4.975   13.281  1.00 30.31 ? 106 HOH D O   1 
# 
loop_
_atom_site_anisotrop.id 
_atom_site_anisotrop.type_symbol 
_atom_site_anisotrop.pdbx_label_atom_id 
_atom_site_anisotrop.pdbx_label_alt_id 
_atom_site_anisotrop.pdbx_label_comp_id 
_atom_site_anisotrop.pdbx_label_asym_id 
_atom_site_anisotrop.pdbx_label_seq_id 
_atom_site_anisotrop.pdbx_PDB_ins_code 
_atom_site_anisotrop.U[1][1] 
_atom_site_anisotrop.U[2][2] 
_atom_site_anisotrop.U[3][3] 
_atom_site_anisotrop.U[1][2] 
_atom_site_anisotrop.U[1][3] 
_atom_site_anisotrop.U[2][3] 
_atom_site_anisotrop.pdbx_auth_seq_id 
_atom_site_anisotrop.pdbx_auth_comp_id 
_atom_site_anisotrop.pdbx_auth_asym_id 
_atom_site_anisotrop.pdbx_auth_atom_id 
1   N N   . ORN A 1  ? 0.2986 0.1244 0.0921 0.0837 0.0717  0.0162  0  ORN A N   
2   C CA  . ORN A 1  ? 0.2948 0.1322 0.1028 0.0877 0.0768  0.0127  0  ORN A CA  
3   C CB  . ORN A 1  ? 0.2795 0.1155 0.0930 0.0880 0.0771  0.0118  0  ORN A CB  
4   C CG  . ORN A 1  ? 0.2804 0.0968 0.0796 0.0872 0.0813  0.0136  0  ORN A CG  
5   C CD  . ORN A 1  ? 0.2840 0.0965 0.0836 0.0890 0.0883  0.0153  0  ORN A CD  
6   N NE  . ORN A 1  ? 0.2919 0.1199 0.1080 0.0933 0.0928  0.0103  0  ORN A NE  
7   C C   . ORN A 1  ? 0.3163 0.1721 0.1392 0.0896 0.0751  0.0099  0  ORN A C   
8   O O   . ORN A 1  ? 0.3730 0.2340 0.1985 0.0882 0.0699  0.0104  0  ORN A O   
9   N N   . PHE A 2  ? 0.2685 0.1320 0.0996 0.0926 0.0799  0.0074  1  PHE A N   
10  C CA  . PHE A 2  ? 0.2250 0.1035 0.0763 0.0870 0.0685  0.0148  1  PHE A CA  
11  C C   . PHE A 2  ? 0.2291 0.1152 0.0888 0.0900 0.0719  0.0093  1  PHE A C   
12  O O   . PHE A 2  ? 0.2109 0.0970 0.0773 0.0836 0.0669  0.0176  1  PHE A O   
13  C CB  . PHE A 2  ? 0.2467 0.1282 0.0944 0.0938 0.0792  0.0070  1  PHE A CB  
14  C CG  . PHE A 2  ? 0.2353 0.1292 0.0946 0.0942 0.0769  0.0051  1  PHE A CG  
15  C CD1 . PHE A 2  ? 0.2492 0.1483 0.1141 0.0993 0.0845  -0.0006 1  PHE A CD1 
16  C CD2 . PHE A 2  ? 0.2616 0.1606 0.1203 0.0973 0.0778  -0.0013 1  PHE A CD2 
17  C CE1 . PHE A 2  ? 0.2437 0.1513 0.1166 0.0999 0.0826  -0.0031 1  PHE A CE1 
18  C CE2 . PHE A 2  ? 0.2830 0.1900 0.1497 0.0984 0.0772  -0.0041 1  PHE A CE2 
19  C CZ  . PHE A 2  ? 0.2530 0.1636 0.1258 0.0995 0.0792  -0.0051 1  PHE A CZ  
20  N N   . TYR A 3  ? 0.2030 0.0962 0.0721 0.0828 0.0604  0.0171  2  TYR A N   
21  C CA  . TYR A 3  ? 0.2064 0.1051 0.0824 0.0848 0.0631  0.0130  2  TYR A CA  
22  C C   . TYR A 3  ? 0.2336 0.1387 0.1128 0.0964 0.0748  -0.0017 2  TYR A C   
23  O O   . TYR A 3  ? 0.2270 0.1343 0.1058 0.0960 0.0725  -0.0014 2  TYR A O   
24  C CB  . TYR A 3  ? 0.2224 0.1194 0.0967 0.0919 0.0687  0.0053  2  TYR A CB  
25  C CG  . TYR A 3  ? 0.2889 0.1756 0.1540 0.0921 0.0692  0.0057  2  TYR A CG  
26  C CD1 . TYR A 3  ? 0.3314 0.2134 0.1958 0.0920 0.0707  0.0055  2  TYR A CD1 
27  C CD2 . TYR A 3  ? 0.3064 0.1862 0.1619 0.0900 0.0664  0.0082  2  TYR A CD2 
28  C CE1 . TYR A 3  ? 0.3539 0.2241 0.2085 0.0900 0.0691  0.0078  2  TYR A CE1 
29  C CE2 . TYR A 3  ? 0.3373 0.2047 0.1820 0.0876 0.0645  0.0110  2  TYR A CE2 
30  C CZ  . TYR A 3  ? 0.4532 0.3154 0.2974 0.0876 0.0659  0.0107  2  TYR A CZ  
31  O OH  . TYR A 3  ? 0.5014 0.3490 0.3335 0.0850 0.0638  0.0133  2  TYR A OH  
32  N N   . LEU A 4  ? 0.1904 0.1002 0.0787 0.0810 0.0598  0.0145  3  LEU A N   
33  C CA  . LEU A 4  ? 0.1826 0.0973 0.0757 0.0783 0.0566  0.0154  3  LEU A CA  
34  C C   . LEU A 4  ? 0.2305 0.1444 0.1245 0.0970 0.0770  -0.0060 3  LEU A C   
35  O O   . LEU A 4  ? 0.2224 0.1352 0.1174 0.0956 0.0773  -0.0044 3  LEU A O   
36  C CB  . LEU A 4  ? 0.1811 0.0970 0.0753 0.0778 0.0567  0.0160  3  LEU A CB  
37  C CG  . LEU A 4  ? 0.2176 0.1361 0.1124 0.0942 0.0731  -0.0041 3  LEU A CG  
38  C CD1 . LEU A 4  ? 0.2090 0.1279 0.1014 0.0911 0.0675  -0.0015 3  LEU A CD1 
39  C CD2 . LEU A 4  ? 0.2166 0.1372 0.1143 0.0953 0.0751  -0.0043 3  LEU A CD2 
40  N N   . LEU A 5  ? 0.1979 0.1139 0.0948 0.0854 0.0648  0.0053  4  LEU A N   
41  C CA  . LEU A 5  ? 0.2099 0.1240 0.1078 0.0892 0.0704  0.0003  4  LEU A CA  
42  C C   . LEU A 5  ? 0.2380 0.1497 0.1344 0.0958 0.0766  -0.0088 4  LEU A C   
43  O O   . LEU A 5  ? 0.2165 0.1281 0.1121 0.0923 0.0720  -0.0050 4  LEU A O   
44  C CB  . LEU A 5  ? 0.2260 0.1376 0.1238 0.0948 0.0763  -0.0032 4  LEU A CB  
45  C CG  . LEU A 5  ? 0.3221 0.2330 0.2203 0.0970 0.0790  -0.0039 4  LEU A CG  
46  C CD1 . LEU A 5  ? 0.3257 0.2357 0.2261 0.0977 0.0798  -0.0013 4  LEU A CD1 
47  C CD2 . LEU A 5  ? 0.4063 0.3163 0.3042 0.0961 0.0808  -0.0050 4  LEU A CD2 
48  N N   . TYR A 6  ? 0.1936 0.1062 0.0917 0.0801 0.0627  0.0056  5  TYR A N   
49  C CA  . TYR A 6  ? 0.1929 0.1025 0.0890 0.0780 0.0608  0.0054  5  TYR A CA  
50  C C   . TYR A 6  ? 0.2171 0.1187 0.1086 0.0861 0.0710  -0.0054 5  TYR A C   
51  O O   . TYR A 6  ? 0.2073 0.1112 0.1010 0.0817 0.0683  -0.0004 5  TYR A O   
52  C CB  . TYR A 6  ? 0.2057 0.1174 0.1028 0.0834 0.0638  -0.0017 5  TYR A CB  
53  C CG  . TYR A 6  ? 0.2042 0.1189 0.1057 0.0853 0.0660  -0.0040 5  TYR A CG  
54  C CD1 . TYR A 6  ? 0.2335 0.1443 0.1347 0.0879 0.0691  -0.0096 5  TYR A CD1 
55  C CD2 . TYR A 6  ? 0.2052 0.1243 0.1104 0.0880 0.0689  -0.0043 5  TYR A CD2 
56  C CE1 . TYR A 6  ? 0.2666 0.1818 0.1746 0.0866 0.0681  -0.0076 5  TYR A CE1 
57  C CE2 . TYR A 6  ? 0.2197 0.1413 0.1307 0.0916 0.0733  -0.0071 5  TYR A CE2 
58  C CZ  . TYR A 6  ? 0.3249 0.2458 0.2386 0.0887 0.0707  -0.0064 5  TYR A CZ  
59  O OH  . TYR A 6  ? 0.3376 0.2624 0.2592 0.0878 0.0706  -0.0039 5  TYR A OH  
60  N N   . TYR A 7  ? 0.1999 0.0969 0.0878 0.0754 0.0616  0.0046  6  TYR A N   
61  C CA  . TYR A 7  ? 0.2082 0.0958 0.0896 0.0750 0.0640  0.0030  6  TYR A CA  
62  C C   . TYR A 7  ? 0.2523 0.1276 0.1249 0.0836 0.0709  -0.0113 6  TYR A C   
63  O O   . TYR A 7  ? 0.2496 0.1200 0.1187 0.0850 0.0714  -0.0127 6  TYR A O   
64  C CB  . TYR A 7  ? 0.2242 0.1020 0.0989 0.0795 0.0719  0.0002  6  TYR A CB  
65  C CG  . TYR A 7  ? 0.2402 0.1032 0.1033 0.0802 0.0767  -0.0031 6  TYR A CG  
66  C CD1 . TYR A 7  ? 0.2628 0.1238 0.1225 0.0812 0.0791  -0.0073 6  TYR A CD1 
67  C CD2 . TYR A 7  ? 0.2613 0.1084 0.1132 0.0828 0.0821  -0.0061 6  TYR A CD2 
68  C CE1 . TYR A 7  ? 0.2944 0.1413 0.1417 0.0776 0.0798  -0.0059 6  TYR A CE1 
69  C CE2 . TYR A 7  ? 0.2816 0.1122 0.1199 0.0809 0.0850  -0.0065 6  TYR A CE2 
70  C CZ  . TYR A 7  ? 0.3816 0.2126 0.2175 0.0774 0.0829  -0.0054 6  TYR A CZ  
71  O OH  . TYR A 7  ? 0.4113 0.2254 0.2321 0.0735 0.0841  -0.0037 6  TYR A OH  
72  N N   . THR A 8  ? 0.2326 0.1093 0.1065 0.0762 0.0636  -0.0060 7  THR A N   
73  C CA  . THR A 8  ? 0.2963 0.1637 0.1643 0.0766 0.0617  -0.0108 7  THR A CA  
74  C C   . THR A 8  ? 0.5290 0.3790 0.3833 0.0722 0.0607  -0.0098 7  THR A C   
75  O O   . THR A 8  ? 0.3615 0.2022 0.2094 0.0688 0.0560  -0.0099 7  THR A O   
76  C CB  . THR A 8  ? 0.3308 0.2087 0.2091 0.0749 0.0569  -0.0093 7  THR A CB  
77  O OG1 . THR A 8  ? 0.3066 0.1853 0.1866 0.0720 0.0558  -0.0069 7  THR A OG1 
78  C CG2 . THR A 8  ? 0.3175 0.2092 0.2066 0.0792 0.0589  -0.0098 7  THR A CG2 
79  N N   . ORN A 9  ? 0.5503 0.3869 0.3940 0.0521 0.0470  0.0011  8  ORN A N   
80  C CA  . ORN A 9  ? 0.4928 0.3375 0.3423 0.0591 0.0532  -0.0020 8  ORN A CA  
81  C CB  . ORN A 9  ? 0.5071 0.3375 0.3420 0.0608 0.0597  -0.0031 8  ORN A CB  
82  C CG  . ORN A 9  ? 0.5305 0.3490 0.3570 0.0613 0.0595  -0.0048 8  ORN A CG  
83  C CD  . ORN A 9  ? 0.5057 0.3285 0.3360 0.0676 0.0659  -0.0069 8  ORN A CD  
84  N NE  . ORN A 9  ? 0.5153 0.3565 0.3614 0.0712 0.0646  -0.0084 8  ORN A NE  
85  C C   . ORN A 9  ? 0.4133 0.2744 0.2762 0.0629 0.0568  -0.0023 8  ORN A C   
86  O O   . ORN A 9  ? 0.4184 0.2797 0.2800 0.0617 0.0587  -0.0012 8  ORN A O   
87  N N   . LYS A 10 ? 0.3461 0.2184 0.2184 0.0684 0.0604  -0.0042 9  LYS A N   
88  C CA  . LYS A 10 ? 0.3260 0.2118 0.2103 0.0719 0.0631  -0.0043 9  LYS A CA  
89  C C   . LYS A 10 ? 0.3203 0.2097 0.2056 0.0771 0.0679  -0.0063 9  LYS A C   
90  O O   . LYS A 10 ? 0.3021 0.1891 0.1849 0.0786 0.0680  -0.0075 9  LYS A O   
91  C CB  . LYS A 10 ? 0.3685 0.2646 0.2657 0.0715 0.0592  -0.0027 9  LYS A CB  
92  C CG  . LYS A 10 ? 0.5994 0.5062 0.5077 0.0742 0.0624  -0.0020 9  LYS A CG  
93  C CD  . LYS A 10 ? 0.7300 0.6367 0.6398 0.0716 0.0625  -0.0004 9  LYS A CD  
94  C CE  . LYS A 10 ? 0.8044 0.7184 0.7225 0.0749 0.0671  -0.0004 9  LYS A CE  
95  N NZ  . LYS A 10 ? 0.8668 0.7804 0.7860 0.0726 0.0677  0.0007  9  LYS A NZ  
96  N N   . ASN A 11 ? 0.2473 0.1420 0.1361 0.0795 0.0718  -0.0064 10 ASN A N   
97  C CA  . ASN A 11 ? 0.2634 0.1618 0.1541 0.0837 0.0753  -0.0074 10 ASN A CA  
98  C C   . ASN A 11 ? 0.2292 0.1364 0.1288 0.0856 0.0752  -0.0073 10 ASN A C   
99  O O   . ASN A 11 ? 0.2570 0.1675 0.1617 0.0846 0.0750  -0.0063 10 ASN A O   
100 C CB  . ASN A 11 ? 0.2464 0.1421 0.1333 0.0848 0.0794  -0.0072 10 ASN A CB  
101 C CG  . ASN A 11 ? 0.3036 0.1897 0.1816 0.0845 0.0817  -0.0067 10 ASN A CG  
102 O OD1 . ASN A 11 ? 0.2510 0.1368 0.1293 0.0873 0.0841  -0.0064 10 ASN A OD1 
103 N ND2 . ASN A 11 ? 0.2273 0.1059 0.0994 0.0771 0.0768  -0.0008 10 ASN A ND2 
104 N N   . HAO A 12 ? 0.2235 0.1338 0.1247 0.0884 0.0758  -0.0079 11 HAO A N   
105 N N9  . HAO A 12 ? 0.2085 0.1238 0.1148 0.0868 0.0738  -0.0043 11 HAO A N9  
106 C C10 . HAO A 12 ? 0.2182 0.1341 0.1233 0.0900 0.0761  -0.0054 11 HAO A C10 
107 O O11 . HAO A 12 ? 0.1962 0.1115 0.0987 0.0817 0.0670  0.0040  11 HAO A O11 
108 C CA  . HAO A 12 ? 0.2176 0.1352 0.1256 0.0927 0.0793  -0.0057 11 HAO A CA  
109 C C13 . HAO A 12 ? 0.2362 0.1518 0.1403 0.0952 0.0810  -0.0062 11 HAO A C13 
110 C C14 . HAO A 12 ? 0.2262 0.1460 0.1403 0.0929 0.0809  -0.0051 11 HAO A C14 
111 C C15 . HAO A 12 ? 0.2686 0.1902 0.1912 0.0898 0.0808  -0.0034 11 HAO A C15 
112 O O15 . HAO A 12 ? 0.2624 0.1836 0.1804 0.0905 0.0789  -0.0046 11 HAO A O15 
113 C C17 . HAO A 12 ? 0.2098 0.1287 0.1249 0.0914 0.0811  -0.0006 11 HAO A C17 
114 C C18 . HAO A 12 ? 0.2263 0.1411 0.1351 0.0954 0.0848  -0.0029 11 HAO A C18 
115 C C19 . HAO A 12 ? 0.2189 0.1328 0.1225 0.0942 0.0814  -0.0028 11 HAO A C19 
116 N N20 . HAO A 12 ? 0.2543 0.1640 0.1514 0.0970 0.0835  -0.0044 11 HAO A N20 
117 C C21 . HAO A 12 ? 0.2993 0.2029 0.1916 0.0976 0.0859  -0.0030 11 HAO A C21 
118 O O22 . HAO A 12 ? 0.3513 0.2523 0.2450 0.0983 0.0895  -0.0019 11 HAO A O22 
119 C C   . HAO A 12 ? 0.2715 0.1694 0.1554 0.0973 0.0843  -0.0021 11 HAO A C   
120 O OXT . HAO A 12 ? 0.2419 0.1428 0.1261 0.0968 0.0811  -0.0024 11 HAO A OXT 
121 N N   . SER A 13 ? 0.2119 0.1023 0.0915 0.0843 0.0732  0.0135  12 SER A N   
122 C CA  . SER A 13 ? 0.2101 0.0932 0.0815 0.0815 0.0694  0.0176  12 SER A CA  
123 C C   . SER A 13 ? 0.2370 0.1063 0.0967 0.0894 0.0811  0.0108  12 SER A C   
124 O O   . SER A 13 ? 0.2319 0.0927 0.0871 0.0841 0.0783  0.0172  12 SER A O   
125 C CB  . SER A 13 ? 0.2683 0.1457 0.1354 0.0951 0.0823  0.0008  12 SER A CB  
126 O OG  . SER A 13 ? 0.4051 0.2924 0.2805 0.0952 0.0799  -0.0002 12 SER A OG  
127 N N   . ALA A 14 ? 0.2133 0.0842 0.0751 0.0798 0.0712  0.0242  13 ALA A N   
128 C CA  . ALA A 14 ? 0.2622 0.1181 0.1077 0.0963 0.0940  0.0075  13 ALA A CA  
129 C C   . ALA A 14 ? 0.2939 0.1375 0.1227 0.0953 0.0934  0.0086  13 ALA A C   
130 O O   . ALA A 14 ? 0.2546 0.1025 0.0860 0.0899 0.0847  0.0162  13 ALA A O   
131 C CB  . ALA A 14 ? 0.2719 0.1352 0.1247 0.0995 0.0990  0.0066  13 ALA A CB  
132 N N   . ORN B 1  ? 0.2049 0.1280 0.1078 0.0940 0.0285  -0.0116 0  ORN B N   
133 C CA  . ORN B 1  ? 0.2216 0.1436 0.1159 0.0938 0.0272  -0.0082 0  ORN B CA  
134 C CB  . ORN B 1  ? 0.2237 0.1456 0.1092 0.0931 0.0342  -0.0027 0  ORN B CB  
135 C CG  . ORN B 1  ? 0.2265 0.1423 0.0959 0.0971 0.0373  -0.0038 0  ORN B CG  
136 C CD  . ORN B 1  ? 0.2294 0.1387 0.0817 0.1009 0.0341  -0.0043 0  ORN B CD  
137 N NE  . ORN B 1  ? 0.2994 0.2105 0.1515 0.0991 0.0359  0.0015  0  ORN B NE  
138 C C   . ORN B 1  ? 0.2425 0.1685 0.1495 0.0907 0.0255  -0.0057 0  ORN B C   
139 O O   . ORN B 1  ? 0.2645 0.1952 0.1835 0.0882 0.0287  -0.0033 0  ORN B O   
140 N N   . PHE B 2  ? 0.2146 0.1385 0.1160 0.0908 0.0223  -0.0045 1  PHE B N   
141 C CA  . PHE B 2  ? 0.1959 0.1226 0.1076 0.0880 0.0221  -0.0016 1  PHE B CA  
142 C C   . PHE B 2  ? 0.2036 0.1332 0.1129 0.0852 0.0280  0.0041  1  PHE B C   
143 O O   . PHE B 2  ? 0.1906 0.1194 0.0902 0.0859 0.0311  0.0059  1  PHE B O   
144 C CB  . PHE B 2  ? 0.2181 0.1416 0.1275 0.0893 0.0162  -0.0028 1  PHE B CB  
145 C CG  . PHE B 2  ? 0.2503 0.1695 0.1575 0.0929 0.0086  -0.0092 1  PHE B CG  
146 C CD1 . PHE B 2  ? 0.2992 0.2194 0.2194 0.0935 0.0057  -0.0141 1  PHE B CD1 
147 C CD2 . PHE B 2  ? 0.3042 0.2188 0.1964 0.0963 0.0042  -0.0104 1  PHE B CD2 
148 C CE1 . PHE B 2  ? 0.3243 0.2405 0.2432 0.0970 -0.0025 -0.0212 1  PHE B CE1 
149 C CE2 . PHE B 2  ? 0.3536 0.2639 0.2419 0.1002 -0.0042 -0.0169 1  PHE B CE2 
150 C CZ  . PHE B 2  ? 0.3343 0.2454 0.2363 0.1004 -0.0080 -0.0229 1  PHE B CZ  
151 N N   . TYR B 3  ? 0.1721 0.1047 0.0904 0.0826 0.0297  0.0067  2  TYR B N   
152 C CA  . TYR B 3  ? 0.1661 0.1016 0.0817 0.0795 0.0336  0.0114  2  TYR B CA  
153 C C   . TYR B 3  ? 0.1999 0.1358 0.1217 0.0781 0.0344  0.0128  2  TYR B C   
154 O O   . TYR B 3  ? 0.1764 0.1114 0.1066 0.0785 0.0330  0.0118  2  TYR B O   
155 C CB  . TYR B 3  ? 0.1616 0.1007 0.0792 0.0785 0.0372  0.0132  2  TYR B CB  
156 C CG  . TYR B 3  ? 0.1832 0.1245 0.1116 0.0793 0.0381  0.0126  2  TYR B CG  
157 C CD1 . TYR B 3  ? 0.1977 0.1409 0.1310 0.0779 0.0396  0.0155  2  TYR B CD1 
158 C CD2 . TYR B 3  ? 0.1954 0.1366 0.1283 0.0810 0.0377  0.0100  2  TYR B CD2 
159 C CE1 . TYR B 3  ? 0.1911 0.1362 0.1336 0.0787 0.0412  0.0164  2  TYR B CE1 
160 C CE2 . TYR B 3  ? 0.1960 0.1397 0.1403 0.0812 0.0390  0.0106  2  TYR B CE2 
161 C CZ  . TYR B 3  ? 0.2500 0.1955 0.1990 0.0802 0.0411  0.0143  2  TYR B CZ  
162 O OH  . TYR B 3  ? 0.2340 0.1815 0.1940 0.0812 0.0434  0.0158  2  TYR B OH  
163 N N   . LEU B 4  ? 0.1545 0.0926 0.0712 0.0739 0.0359  0.0165  3  LEU B N   
164 C CA  . LEU B 4  ? 0.1491 0.0885 0.0677 0.0701 0.0369  0.0190  3  LEU B CA  
165 C C   . LEU B 4  ? 0.1946 0.1351 0.1127 0.0726 0.0407  0.0189  3  LEU B C   
166 O O   . LEU B 4  ? 0.1988 0.1401 0.1135 0.0725 0.0412  0.0193  3  LEU B O   
167 C CB  . LEU B 4  ? 0.1470 0.0847 0.0647 0.0681 0.0360  0.0193  3  LEU B CB  
168 C CG  . LEU B 4  ? 0.1910 0.1245 0.1057 0.0731 0.0377  0.0179  3  LEU B CG  
169 C CD1 . LEU B 4  ? 0.1886 0.1237 0.1028 0.0706 0.0407  0.0193  3  LEU B CD1 
170 C CD2 . LEU B 4  ? 0.2480 0.1781 0.1640 0.0739 0.0353  0.0176  3  LEU B CD2 
171 N N   . LEU B 5  ? 0.1589 0.1005 0.0788 0.0720 0.0419  0.0201  4  LEU B N   
172 C CA  . LEU B 5  ? 0.1629 0.1074 0.0804 0.0707 0.0423  0.0212  4  LEU B CA  
173 C C   . LEU B 5  ? 0.2001 0.1427 0.1152 0.0699 0.0432  0.0215  4  LEU B C   
174 O O   . LEU B 5  ? 0.2144 0.1547 0.1312 0.0710 0.0447  0.0221  4  LEU B O   
175 C CB  . LEU B 5  ? 0.1683 0.1160 0.0883 0.0718 0.0424  0.0226  4  LEU B CB  
176 C CG  . LEU B 5  ? 0.2297 0.1790 0.1522 0.0725 0.0425  0.0222  4  LEU B CG  
177 C CD1 . LEU B 5  ? 0.2192 0.1714 0.1463 0.0737 0.0430  0.0239  4  LEU B CD1 
178 C CD2 . LEU B 5  ? 0.2620 0.2123 0.1829 0.0714 0.0428  0.0223  4  LEU B CD2 
179 N N   . TYR B 6  ? 0.1482 0.0917 0.0605 0.0680 0.0421  0.0212  5  TYR B N   
180 C CA  . TYR B 6  ? 0.1712 0.1121 0.0789 0.0678 0.0432  0.0202  5  TYR B CA  
181 C C   . TYR B 6  ? 0.2139 0.1572 0.1183 0.0670 0.0409  0.0191  5  TYR B C   
182 O O   . TYR B 6  ? 0.1924 0.1392 0.1003 0.0660 0.0389  0.0186  5  TYR B O   
183 C CB  . TYR B 6  ? 0.1793 0.1168 0.0878 0.0665 0.0449  0.0190  5  TYR B CB  
184 C CG  . TYR B 6  ? 0.1658 0.1046 0.0763 0.0646 0.0442  0.0179  5  TYR B CG  
185 C CD1 . TYR B 6  ? 0.1991 0.1384 0.1090 0.0628 0.0437  0.0160  5  TYR B CD1 
186 C CD2 . TYR B 6  ? 0.1669 0.1060 0.0802 0.0652 0.0442  0.0187  5  TYR B CD2 
187 C CE1 . TYR B 6  ? 0.2033 0.1438 0.1178 0.0614 0.0441  0.0154  5  TYR B CE1 
188 C CE2 . TYR B 6  ? 0.1691 0.1086 0.0840 0.0643 0.0448  0.0188  5  TYR B CE2 
189 C CZ  . TYR B 6  ? 0.2318 0.1724 0.1487 0.0622 0.0452  0.0174  5  TYR B CZ  
190 O OH  . TYR B 6  ? 0.2674 0.2084 0.1887 0.0615 0.0469  0.0178  5  TYR B OH  
191 N N   . TYR B 7  ? 0.1913 0.1319 0.0889 0.0677 0.0411  0.0185  6  TYR B N   
192 C CA  . TYR B 7  ? 0.2012 0.1429 0.0937 0.0674 0.0375  0.0163  6  TYR B CA  
193 C C   . TYR B 7  ? 0.2421 0.1784 0.1259 0.0678 0.0391  0.0143  6  TYR B C   
194 O O   . TYR B 7  ? 0.2318 0.1638 0.1117 0.0697 0.0434  0.0164  6  TYR B O   
195 C CB  . TYR B 7  ? 0.2268 0.1713 0.1170 0.0698 0.0350  0.0188  6  TYR B CB  
196 C CG  . TYR B 7  ? 0.2829 0.2294 0.1688 0.0700 0.0293  0.0166  6  TYR B CG  
197 C CD1 . TYR B 7  ? 0.3137 0.2649 0.2082 0.0679 0.0251  0.0146  6  TYR B CD1 
198 C CD2 . TYR B 7  ? 0.3224 0.2656 0.1958 0.0728 0.0280  0.0165  6  TYR B CD2 
199 C CE1 . TYR B 7  ? 0.3393 0.2922 0.2322 0.0681 0.0185  0.0121  6  TYR B CE1 
200 C CE2 . TYR B 7  ? 0.3547 0.2993 0.2231 0.0735 0.0211  0.0139  6  TYR B CE2 
201 C CZ  . TYR B 7  ? 0.4479 0.3980 0.3274 0.0709 0.0157  0.0114  6  TYR B CZ  
202 O OH  . TYR B 7  ? 0.5060 0.4576 0.3829 0.0716 0.0076  0.0081  6  TYR B OH  
203 N N   . THR B 8  ? 0.2002 0.1365 0.0825 0.0660 0.0362  0.0101  7  THR B N   
204 C CA  . THR B 8  ? 0.2325 0.1630 0.1054 0.0664 0.0375  0.0070  7  THR B CA  
205 C C   . THR B 8  ? 0.4030 0.3342 0.2675 0.0675 0.0310  0.0036  7  THR B C   
206 O O   . THR B 8  ? 0.4000 0.3264 0.2545 0.0683 0.0307  -0.0001 7  THR B O   
207 C CB  . THR B 8  ? 0.3062 0.2350 0.1854 0.0633 0.0400  0.0041  7  THR B CB  
208 O OG1 . THR B 8  ? 0.2462 0.1798 0.1346 0.0608 0.0360  0.0014  7  THR B OG1 
209 C CG2 . THR B 8  ? 0.2623 0.1898 0.1486 0.0627 0.0452  0.0076  7  THR B CG2 
210 N N   . ORN B 9  ? 0.3392 0.2794 0.2361 0.0577 0.0152  -0.0164 8  ORN B N   
211 C CA  . ORN B 9  ? 0.3542 0.2963 0.2483 0.0597 0.0171  -0.0097 8  ORN B CA  
212 C CB  . ORN B 9  ? 0.3879 0.3325 0.2761 0.0622 0.0098  -0.0097 8  ORN B CB  
213 C CG  . ORN B 9  ? 0.3877 0.3333 0.2709 0.0648 0.0122  -0.0029 8  ORN B CG  
214 C CD  . ORN B 9  ? 0.3965 0.3361 0.2633 0.0679 0.0165  -0.0006 8  ORN B CD  
215 N NE  . ORN B 9  ? 0.3815 0.3189 0.2516 0.0671 0.0247  0.0030  8  ORN B NE  
216 C C   . ORN B 9  ? 0.3528 0.2993 0.2621 0.0578 0.0206  -0.0057 8  ORN B C   
217 O O   . ORN B 9  ? 0.3616 0.3123 0.2845 0.0563 0.0179  -0.0072 8  ORN B O   
218 N N   . LYS B 10 ? 0.2978 0.2426 0.2043 0.0586 0.0267  -0.0010 9  LYS B N   
219 C CA  . LYS B 10 ? 0.2726 0.2197 0.1885 0.0579 0.0305  0.0030  9  LYS B CA  
220 C C   . LYS B 10 ? 0.3039 0.2521 0.2164 0.0601 0.0312  0.0075  9  LYS B C   
221 O O   . LYS B 10 ? 0.3069 0.2533 0.2101 0.0621 0.0310  0.0087  9  LYS B O   
222 C CB  . LYS B 10 ? 0.3087 0.2523 0.2261 0.0568 0.0361  0.0040  9  LYS B CB  
223 C CG  . LYS B 10 ? 0.3376 0.2809 0.2631 0.0544 0.0368  0.0004  9  LYS B CG  
224 C CD  . LYS B 10 ? 0.5150 0.4616 0.4542 0.0535 0.0383  0.0019  9  LYS B CD  
225 C CE  . LYS B 10 ? 0.7223 0.6691 0.6726 0.0513 0.0386  -0.0020 9  LYS B CE  
226 N NZ  . LYS B 10 ? 0.8622 0.8120 0.8274 0.0510 0.0414  0.0004  9  LYS B NZ  
227 N N   . ASN B 11 ? 0.2334 0.1846 0.1541 0.0600 0.0324  0.0101  10 ASN B N   
228 C CA  . ASN B 11 ? 0.2847 0.2372 0.2042 0.0618 0.0334  0.0138  10 ASN B CA  
229 C C   . ASN B 11 ? 0.3587 0.3109 0.2832 0.0619 0.0376  0.0159  10 ASN B C   
230 O O   . ASN B 11 ? 0.2697 0.2212 0.1992 0.0606 0.0395  0.0153  10 ASN B O   
231 C CB  . ASN B 11 ? 0.3118 0.2687 0.2356 0.0624 0.0294  0.0142  10 ASN B CB  
232 C CG  . ASN B 11 ? 0.5374 0.4956 0.4604 0.0643 0.0305  0.0177  10 ASN B CG  
233 O OD1 . ASN B 11 ? 0.4147 0.3707 0.3310 0.0659 0.0322  0.0192  10 ASN B OD1 
234 N ND2 . ASN B 11 ? 0.4576 0.4193 0.3891 0.0643 0.0298  0.0191  10 ASN B ND2 
235 N N   . HAO B 12 ? 0.2833 0.2329 0.2025 0.0632 0.0396  0.0175  11 HAO B N   
236 N N9  . HAO B 12 ? 0.2082 0.1566 0.1285 0.0638 0.0422  0.0187  11 HAO B N9  
237 C C10 . HAO B 12 ? 0.1924 0.1397 0.1102 0.0656 0.0429  0.0201  11 HAO B C10 
238 O O11 . HAO B 12 ? 0.1657 0.1137 0.0823 0.0667 0.0419  0.0205  11 HAO B O11 
239 C CA  . HAO B 12 ? 0.1852 0.1303 0.1020 0.0669 0.0451  0.0212  11 HAO B CA  
240 C C13 . HAO B 12 ? 0.1790 0.1225 0.0928 0.0691 0.0447  0.0214  11 HAO B C13 
241 C C14 . HAO B 12 ? 0.2153 0.1593 0.1341 0.0664 0.0473  0.0218  11 HAO B C14 
242 C C15 . HAO B 12 ? 0.3245 0.2712 0.2554 0.0639 0.0499  0.0218  11 HAO B C15 
243 O O15 . HAO B 12 ? 0.2412 0.1865 0.1650 0.0641 0.0474  0.0207  11 HAO B O15 
244 C C17 . HAO B 12 ? 0.2156 0.1566 0.1310 0.0685 0.0495  0.0235  11 HAO B C17 
245 C C18 . HAO B 12 ? 0.2184 0.1576 0.1280 0.0710 0.0483  0.0234  11 HAO B C18 
246 C C19 . HAO B 12 ? 0.1807 0.1212 0.0906 0.0710 0.0458  0.0219  11 HAO B C19 
247 N N20 . HAO B 12 ? 0.1911 0.1300 0.0979 0.0734 0.0445  0.0210  11 HAO B N20 
248 C C21 . HAO B 12 ? 0.1757 0.1122 0.0772 0.0760 0.0455  0.0211  11 HAO B C21 
249 O O22 . HAO B 12 ? 0.1984 0.1334 0.0970 0.0771 0.0489  0.0230  11 HAO B O22 
250 C C   . HAO B 12 ? 0.1911 0.1259 0.0903 0.0783 0.0427  0.0185  11 HAO B C   
251 O OXT . HAO B 12 ? 0.2139 0.1501 0.1182 0.0776 0.0401  0.0170  11 HAO B OXT 
252 N N   . SER B 13 ? 0.1572 0.0889 0.0518 0.0765 0.0387  0.0239  12 SER B N   
253 C CA  . SER B 13 ? 0.1626 0.0931 0.0532 0.0787 0.0364  0.0204  12 SER B CA  
254 C C   . SER B 13 ? 0.2000 0.1240 0.0767 0.0879 0.0409  0.0137  12 SER B C   
255 O O   . SER B 13 ? 0.1809 0.1020 0.0539 0.0873 0.0413  0.0199  12 SER B O   
256 C CB  . SER B 13 ? 0.2540 0.1862 0.1481 0.0835 0.0442  0.0143  12 SER B CB  
257 O OG  . SER B 13 ? 0.3354 0.2673 0.2274 0.0839 0.0498  0.0169  12 SER B OG  
258 N N   . ALA B 14 ? 0.1873 0.1093 0.0620 0.0880 0.0332  0.0120  13 ALA B N   
259 C CA  . ALA B 14 ? 0.2760 0.1910 0.1355 0.0950 0.0328  0.0072  13 ALA B CA  
260 C C   . ALA B 14 ? 0.3417 0.2547 0.1992 0.0975 0.0302  0.0017  13 ALA B C   
261 O O   . ALA B 14 ? 0.2133 0.1274 0.0791 0.0971 0.0241  -0.0027 13 ALA B O   
262 C CB  . ALA B 14 ? 0.2869 0.2002 0.1455 0.0958 0.0261  0.0064  13 ALA B CB  
263 N N   . ORN C 1  ? 0.3000 0.2170 0.2093 0.0284 0.0677  0.0211  0  ORN C N   
264 C CA  . ORN C 1  ? 0.2659 0.1776 0.1732 0.0316 0.0616  0.0288  0  ORN C CA  
265 C CB  . ORN C 1  ? 0.2508 0.1628 0.1650 0.0324 0.0567  0.0284  0  ORN C CB  
266 C CG  . ORN C 1  ? 0.2569 0.1574 0.1647 0.0297 0.0610  0.0225  0  ORN C CG  
267 C CD  . ORN C 1  ? 0.2694 0.1536 0.1626 0.0300 0.0632  0.0244  0  ORN C CD  
268 N NE  . ORN C 1  ? 0.2594 0.1425 0.1537 0.0335 0.0560  0.0320  0  ORN C NE  
269 C C   . ORN C 1  ? 0.2525 0.1712 0.1641 0.0344 0.0565  0.0366  0  ORN C C   
270 O O   . ORN C 1  ? 0.2758 0.2046 0.1958 0.0349 0.0546  0.0367  0  ORN C O   
271 N N   . PHE C 2  ? 0.2260 0.1401 0.1344 0.0370 0.0523  0.0433  1  PHE C N   
272 C CA  . PHE C 2  ? 0.1820 0.1009 0.0952 0.0394 0.0470  0.0502  1  PHE C CA  
273 C C   . PHE C 2  ? 0.2058 0.1280 0.1270 0.0412 0.0406  0.0521  1  PHE C C   
274 O O   . PHE C 2  ? 0.1946 0.1114 0.1136 0.0418 0.0387  0.0526  1  PHE C O   
275 C CB  . PHE C 2  ? 0.1989 0.1109 0.1031 0.0409 0.0472  0.0542  1  PHE C CB  
276 C CG  . PHE C 2  ? 0.1942 0.1107 0.1037 0.0429 0.0424  0.0603  1  PHE C CG  
277 C CD1 . PHE C 2  ? 0.2080 0.1314 0.1239 0.0423 0.0419  0.0626  1  PHE C CD1 
278 C CD2 . PHE C 2  ? 0.2018 0.1148 0.1093 0.0451 0.0387  0.0632  1  PHE C CD2 
279 C CE1 . PHE C 2  ? 0.2082 0.1338 0.1283 0.0435 0.0384  0.0676  1  PHE C CE1 
280 C CE2 . PHE C 2  ? 0.2194 0.1364 0.1321 0.0463 0.0351  0.0675  1  PHE C CE2 
281 C CZ  . PHE C 2  ? 0.1949 0.1177 0.1139 0.0453 0.0353  0.0697  1  PHE C CZ  
282 N N   . TYR C 3  ? 0.1551 0.0886 0.0878 0.0420 0.0379  0.0495  2  TYR C N   
283 C CA  . TYR C 3  ? 0.1650 0.0973 0.1002 0.0440 0.0326  0.0547  2  TYR C CA  
284 C C   . TYR C 3  ? 0.2074 0.1399 0.1437 0.0453 0.0299  0.0601  2  TYR C C   
285 O O   . TYR C 3  ? 0.2086 0.1432 0.1456 0.0453 0.0308  0.0617  2  TYR C O   
286 C CB  . TYR C 3  ? 0.1871 0.1259 0.1282 0.0448 0.0317  0.0508  2  TYR C CB  
287 C CG  . TYR C 3  ? 0.2539 0.1932 0.1952 0.0430 0.0349  0.0442  2  TYR C CG  
288 C CD1 . TYR C 3  ? 0.2956 0.2333 0.2383 0.0430 0.0334  0.0422  2  TYR C CD1 
289 C CD2 . TYR C 3  ? 0.2691 0.2101 0.2088 0.0408 0.0401  0.0396  2  TYR C CD2 
290 C CE1 . TYR C 3  ? 0.3090 0.2462 0.2522 0.0408 0.0368  0.0355  2  TYR C CE1 
291 C CE2 . TYR C 3  ? 0.2905 0.2313 0.2304 0.0385 0.0440  0.0323  2  TYR C CE2 
292 C CZ  . TYR C 3  ? 0.3843 0.3231 0.3263 0.0384 0.0423  0.0300  2  TYR C CZ  
293 O OH  . TYR C 3  ? 0.3829 0.3207 0.3255 0.0356 0.0466  0.0222  2  TYR C OH  
294 N N   . LEU C 4  ? 0.1496 0.0910 0.0942 0.0441 0.0287  0.0524  3  LEU C N   
295 C CA  . LEU C 4  ? 0.1524 0.0954 0.0996 0.0443 0.0271  0.0549  3  LEU C CA  
296 C C   . LEU C 4  ? 0.2132 0.1430 0.1538 0.0477 0.0220  0.0667  3  LEU C C   
297 O O   . LEU C 4  ? 0.2198 0.1482 0.1596 0.0476 0.0212  0.0657  3  LEU C O   
298 C CB  . LEU C 4  ? 0.1474 0.0916 0.0940 0.0437 0.0279  0.0526  3  LEU C CB  
299 C CG  . LEU C 4  ? 0.1946 0.1221 0.1313 0.0474 0.0233  0.0708  3  LEU C CG  
300 C CD1 . LEU C 4  ? 0.1946 0.1234 0.1326 0.0467 0.0249  0.0729  3  LEU C CD1 
301 C CD2 . LEU C 4  ? 0.1804 0.1077 0.1150 0.0481 0.0227  0.0693  3  LEU C CD2 
302 N N   . LEU C 5  ? 0.1507 0.0943 0.1019 0.0449 0.0238  0.0563  4  LEU C N   
303 C CA  . LEU C 5  ? 0.1515 0.0938 0.1028 0.0452 0.0226  0.0560  4  LEU C CA  
304 C C   . LEU C 5  ? 0.1893 0.1148 0.1330 0.0483 0.0198  0.0698  4  LEU C C   
305 O O   . LEU C 5  ? 0.1787 0.1068 0.1249 0.0474 0.0213  0.0682  4  LEU C O   
306 C CB  . LEU C 5  ? 0.1677 0.1016 0.1130 0.0491 0.0204  0.0611  4  LEU C CB  
307 C CG  . LEU C 5  ? 0.2546 0.1789 0.1934 0.0520 0.0182  0.0658  4  LEU C CG  
308 C CD1 . LEU C 5  ? 0.2697 0.1951 0.2085 0.0509 0.0179  0.0655  4  LEU C CD1 
309 C CD2 . LEU C 5  ? 0.3046 0.2276 0.2407 0.0552 0.0173  0.0637  4  LEU C CD2 
310 N N   . TYR C 6  ? 0.1458 0.0900 0.1011 0.0428 0.0231  0.0533  5  TYR C N   
311 C CA  . TYR C 6  ? 0.1465 0.0906 0.1041 0.0414 0.0241  0.0523  5  TYR C CA  
312 C C   . TYR C 6  ? 0.1876 0.1070 0.1320 0.0456 0.0209  0.0678  5  TYR C C   
313 O O   . TYR C 6  ? 0.1671 0.0963 0.1148 0.0438 0.0219  0.0601  5  TYR C O   
314 C CB  . TYR C 6  ? 0.1590 0.0973 0.1150 0.0427 0.0220  0.0603  5  TYR C CB  
315 C CG  . TYR C 6  ? 0.1628 0.0993 0.1167 0.0440 0.0196  0.0629  5  TYR C CG  
316 C CD1 . TYR C 6  ? 0.1864 0.1162 0.1385 0.0452 0.0177  0.0673  5  TYR C CD1 
317 C CD2 . TYR C 6  ? 0.1647 0.1004 0.1151 0.0455 0.0186  0.0644  5  TYR C CD2 
318 C CE1 . TYR C 6  ? 0.1958 0.1283 0.1483 0.0459 0.0156  0.0660  5  TYR C CE1 
319 C CE2 . TYR C 6  ? 0.1874 0.1171 0.1331 0.0480 0.0156  0.0688  5  TYR C CE2 
320 C CZ  . TYR C 6  ? 0.2316 0.1633 0.1805 0.0476 0.0143  0.0670  5  TYR C CZ  
321 O OH  . TYR C 6  ? 0.2735 0.2057 0.2215 0.0488 0.0122  0.0657  5  TYR C OH  
322 N N   . TYR C 7  ? 0.1394 0.0803 0.0969 0.0390 0.0266  0.0474  6  TYR C N   
323 C CA  . TYR C 7  ? 0.1409 0.0772 0.0956 0.0381 0.0284  0.0452  6  TYR C CA  
324 C C   . TYR C 7  ? 0.1909 0.1014 0.1379 0.0403 0.0267  0.0621  6  TYR C C   
325 O O   . TYR C 7  ? 0.2175 0.1236 0.1647 0.0399 0.0276  0.0631  6  TYR C O   
326 C CB  . TYR C 7  ? 0.1577 0.0791 0.1012 0.0405 0.0295  0.0485  6  TYR C CB  
327 C CG  . TYR C 7  ? 0.1786 0.0807 0.1112 0.0410 0.0319  0.0535  6  TYR C CG  
328 C CD1 . TYR C 7  ? 0.2071 0.1042 0.1358 0.0407 0.0321  0.0576  6  TYR C CD1 
329 C CD2 . TYR C 7  ? 0.1909 0.0785 0.1160 0.0409 0.0350  0.0536  6  TYR C CD2 
330 C CE1 . TYR C 7  ? 0.2042 0.0944 0.1272 0.0384 0.0369  0.0536  6  TYR C CE1 
331 C CE2 . TYR C 7  ? 0.2130 0.0860 0.1289 0.0395 0.0395  0.0530  6  TYR C CE2 
332 C CZ  . TYR C 7  ? 0.3192 0.1969 0.2352 0.0377 0.0410  0.0510  6  TYR C CZ  
333 O OH  . TYR C 7  ? 0.3650 0.2337 0.2732 0.0352 0.0470  0.0460  6  TYR C OH  
334 N N   . THR C 8  ? 0.1528 0.0802 0.1094 0.0369 0.0280  0.0512  7  THR C N   
335 C CA  . THR C 8  ? 0.1880 0.1054 0.1454 0.0365 0.0278  0.0563  7  THR C CA  
336 C C   . THR C 8  ? 0.3244 0.2355 0.2799 0.0334 0.0326  0.0510  7  THR C C   
337 O O   . THR C 8  ? 0.2131 0.1258 0.1744 0.0308 0.0343  0.0469  7  THR C O   
338 C CB  . THR C 8  ? 0.2669 0.1945 0.2307 0.0374 0.0245  0.0551  7  THR C CB  
339 O OG1 . THR C 8  ? 0.2667 0.1969 0.2300 0.0367 0.0248  0.0522  7  THR C OG1 
340 C CG2 . THR C 8  ? 0.2268 0.1581 0.1898 0.0405 0.0208  0.0594  7  THR C CG2 
341 N N   . ORN C 9  ? 0.4213 0.3548 0.3870 0.0286 0.0342  0.0361  8  ORN C N   
342 C CA  . ORN C 9  ? 0.3747 0.2984 0.3314 0.0300 0.0351  0.0414  8  ORN C CA  
343 C CB  . ORN C 9  ? 0.3738 0.2854 0.3226 0.0271 0.0419  0.0380  8  ORN C CB  
344 C CG  . ORN C 9  ? 0.3496 0.2501 0.2890 0.0294 0.0424  0.0423  8  ORN C CG  
345 C CD  . ORN C 9  ? 0.3080 0.2038 0.2498 0.0296 0.0420  0.0435  8  ORN C CD  
346 N NE  . ORN C 9  ? 0.3282 0.2315 0.2752 0.0326 0.0362  0.0491  8  ORN C NE  
347 C C   . ORN C 9  ? 0.3430 0.2675 0.2945 0.0321 0.0328  0.0458  8  ORN C C   
348 O O   . ORN C 9  ? 0.3999 0.3251 0.3488 0.0306 0.0347  0.0441  8  ORN C O   
349 N N   . LYS C 10 ? 0.2740 0.2003 0.2272 0.0352 0.0284  0.0505  9  LYS C N   
350 C CA  . LYS C 10 ? 0.2700 0.1984 0.2211 0.0374 0.0251  0.0547  9  LYS C CA  
351 C C   . LYS C 10 ? 0.2697 0.1942 0.2170 0.0397 0.0238  0.0589  9  LYS C C   
352 O O   . LYS C 10 ? 0.2584 0.1803 0.2062 0.0400 0.0243  0.0594  9  LYS C O   
353 C CB  . LYS C 10 ? 0.3152 0.2511 0.2719 0.0389 0.0207  0.0545  9  LYS C CB  
354 C CG  . LYS C 10 ? 0.5322 0.4704 0.4922 0.0412 0.0178  0.0560  9  LYS C CG  
355 C CD  . LYS C 10 ? 0.6253 0.5685 0.5877 0.0436 0.0137  0.0552  9  LYS C CD  
356 C CE  . LYS C 10 ? 0.6730 0.6172 0.6361 0.0461 0.0115  0.0564  9  LYS C CE  
357 N NZ  . LYS C 10 ? 0.5734 0.5204 0.5364 0.0495 0.0075  0.0549  9  LYS C NZ  
358 N N   . ASN C 11 ? 0.1918 0.1158 0.1355 0.0410 0.0225  0.0614  10 ASN C N   
359 C CA  . ASN C 11 ? 0.2253 0.1475 0.1665 0.0431 0.0212  0.0642  10 ASN C CA  
360 C C   . ASN C 11 ? 0.2032 0.1291 0.1467 0.0442 0.0183  0.0657  10 ASN C C   
361 O O   . ASN C 11 ? 0.2204 0.1480 0.1648 0.0438 0.0171  0.0653  10 ASN C O   
362 C CB  . ASN C 11 ? 0.2061 0.1238 0.1406 0.0437 0.0226  0.0647  10 ASN C CB  
363 C CG  . ASN C 11 ? 0.2441 0.1549 0.1729 0.0440 0.0256  0.0631  10 ASN C CG  
364 O OD1 . ASN C 11 ? 0.2507 0.1581 0.1764 0.0420 0.0288  0.0608  10 ASN C OD1 
365 N ND2 . ASN C 11 ? 0.2038 0.1114 0.1300 0.0464 0.0249  0.0637  10 ASN C ND2 
366 N N   . HAO C 12 ? 0.1666 0.0978 0.1138 0.0441 0.0187  0.0627  11 HAO C N   
367 N N9  . HAO C 12 ? 0.1653 0.0986 0.1130 0.0445 0.0175  0.0624  11 HAO C N9  
368 C C10 . HAO C 12 ? 0.1788 0.1072 0.1226 0.0464 0.0170  0.0666  11 HAO C C10 
369 O O11 . HAO C 12 ? 0.1658 0.0988 0.1124 0.0455 0.0189  0.0624  11 HAO C O11 
370 C CA  . HAO C 12 ? 0.1855 0.1109 0.1260 0.0472 0.0161  0.0675  11 HAO C CA  
371 C C13 . HAO C 12 ? 0.2316 0.1558 0.1701 0.0473 0.0176  0.0673  11 HAO C C13 
372 C C14 . HAO C 12 ? 0.2027 0.1261 0.1415 0.0476 0.0147  0.0676  11 HAO C C14 
373 C C15 . HAO C 12 ? 0.2759 0.1990 0.2155 0.0470 0.0123  0.0670  11 HAO C C15 
374 O O15 . HAO C 12 ? 0.2492 0.1747 0.1905 0.0473 0.0134  0.0672  11 HAO C O15 
375 C C17 . HAO C 12 ? 0.2258 0.1444 0.1598 0.0483 0.0148  0.0668  11 HAO C C17 
376 C C18 . HAO C 12 ? 0.2696 0.1861 0.2009 0.0479 0.0172  0.0661  11 HAO C C18 
377 C C19 . HAO C 12 ? 0.2450 0.1656 0.1794 0.0474 0.0185  0.0662  11 HAO C C19 
378 N N20 . HAO C 12 ? 0.2618 0.1822 0.1950 0.0468 0.0209  0.0646  11 HAO C N20 
379 C C21 . HAO C 12 ? 0.3086 0.2243 0.2375 0.0459 0.0231  0.0620  11 HAO C C21 
380 O O22 . HAO C 12 ? 0.3436 0.2528 0.2676 0.0459 0.0232  0.0614  11 HAO C O22 
381 C C   . HAO C 12 ? 0.2417 0.1594 0.1713 0.0449 0.0262  0.0589  11 HAO C C   
382 O OXT . HAO C 12 ? 0.2086 0.1320 0.1419 0.0453 0.0262  0.0592  11 HAO C OXT 
383 N N   . SER C 13 ? 0.1693 0.0865 0.0985 0.0427 0.0294  0.0520  12 SER C N   
384 C CA  . SER C 13 ? 0.1619 0.0809 0.0917 0.0411 0.0332  0.0465  12 SER C CA  
385 C C   . SER C 13 ? 0.1801 0.0843 0.0983 0.0397 0.0374  0.0466  12 SER C C   
386 O O   . SER C 13 ? 0.1665 0.0706 0.0864 0.0377 0.0392  0.0390  12 SER C O   
387 C CB  . SER C 13 ? 0.2545 0.1734 0.1876 0.0413 0.0316  0.0475  12 SER C CB  
388 O OG  . SER C 13 ? 0.4287 0.3421 0.3605 0.0408 0.0301  0.0488  12 SER C OG  
389 N N   . ALA C 14 ? 0.1599 0.0737 0.0807 0.0397 0.0402  0.0360  13 ALA C N   
390 C CA  . ALA C 14 ? 0.1815 0.0742 0.0839 0.0395 0.0444  0.0401  13 ALA C CA  
391 C C   . ALA C 14 ? 0.2478 0.1345 0.1423 0.0367 0.0515  0.0388  13 ALA C C   
392 O O   . ALA C 14 ? 0.2058 0.0954 0.0976 0.0369 0.0540  0.0395  13 ALA C O   
393 C CB  . ALA C 14 ? 0.1940 0.0807 0.0880 0.0425 0.0426  0.0455  13 ALA C CB  
394 N N   . ORN D 1  ? 0.2374 0.1775 0.2008 0.0468 0.0370  0.0562  0  ORN D N   
395 C CA  . ORN D 1  ? 0.2342 0.1797 0.1993 0.0486 0.0444  0.0531  0  ORN D CA  
396 C CB  . ORN D 1  ? 0.2339 0.1817 0.1909 0.0495 0.0497  0.0503  0  ORN D CB  
397 C CG  . ORN D 1  ? 0.2173 0.1692 0.1727 0.0470 0.0538  0.0549  0  ORN D CG  
398 C CD  . ORN D 1  ? 0.2055 0.1657 0.1670 0.0470 0.0609  0.0571  0  ORN D CD  
399 N NE  . ORN D 1  ? 0.2438 0.2057 0.2030 0.0507 0.0650  0.0516  0  ORN D NE  
400 C C   . ORN D 1  ? 0.2390 0.1811 0.2045 0.0519 0.0427  0.0483  0  ORN D C   
401 O O   . ORN D 1  ? 0.2110 0.1479 0.1717 0.0539 0.0382  0.0456  0  ORN D O   
402 N N   . PHE D 2  ? 0.1752 0.1211 0.1451 0.0526 0.0474  0.0470  1  PHE D N   
403 C CA  . PHE D 2  ? 0.1714 0.1139 0.1407 0.0552 0.0465  0.0427  1  PHE D CA  
404 C C   . PHE D 2  ? 0.1874 0.1309 0.1499 0.0568 0.0499  0.0383  1  PHE D C   
405 O O   . PHE D 2  ? 0.1894 0.1366 0.1491 0.0563 0.0536  0.0381  1  PHE D O   
406 C CB  . PHE D 2  ? 0.1954 0.1400 0.1722 0.0553 0.0487  0.0428  1  PHE D CB  
407 C CG  . PHE D 2  ? 0.2210 0.1675 0.2075 0.0530 0.0469  0.0481  1  PHE D CG  
408 C CD1 . PHE D 2  ? 0.2705 0.2109 0.2597 0.0522 0.0395  0.0513  1  PHE D CD1 
409 C CD2 . PHE D 2  ? 0.2703 0.2252 0.2636 0.0518 0.0523  0.0504  1  PHE D CD2 
410 C CE1 . PHE D 2  ? 0.2930 0.2353 0.2926 0.0495 0.0368  0.0571  1  PHE D CE1 
411 C CE2 . PHE D 2  ? 0.3116 0.2700 0.3158 0.0493 0.0509  0.0562  1  PHE D CE2 
412 C CZ  . PHE D 2  ? 0.2930 0.2449 0.3008 0.0477 0.0429  0.0598  1  PHE D CZ  
413 N N   . TYR D 3  ? 0.1465 0.0866 0.1062 0.0588 0.0483  0.0350  2  TYR D N   
414 C CA  . TYR D 3  ? 0.1386 0.0806 0.0934 0.0593 0.0511  0.0315  2  TYR D CA  
415 C C   . TYR D 3  ? 0.1682 0.1078 0.1227 0.0611 0.0511  0.0289  2  TYR D C   
416 O O   . TYR D 3  ? 0.1610 0.0963 0.1160 0.0624 0.0482  0.0291  2  TYR D O   
417 C CB  . TYR D 3  ? 0.1459 0.0875 0.0965 0.0601 0.0494  0.0308  2  TYR D CB  
418 C CG  . TYR D 3  ? 0.1605 0.0984 0.1095 0.0619 0.0447  0.0307  2  TYR D CG  
419 C CD1 . TYR D 3  ? 0.1815 0.1187 0.1287 0.0644 0.0443  0.0282  2  TYR D CD1 
420 C CD2 . TYR D 3  ? 0.1595 0.0945 0.1082 0.0614 0.0400  0.0331  2  TYR D CD2 
421 C CE1 . TYR D 3  ? 0.1783 0.1122 0.1227 0.0674 0.0400  0.0275  2  TYR D CE1 
422 C CE2 . TYR D 3  ? 0.1668 0.0974 0.1129 0.0641 0.0344  0.0323  2  TYR D CE2 
423 C CZ  . TYR D 3  ? 0.2385 0.1688 0.1823 0.0676 0.0346  0.0292  2  TYR D CZ  
424 O OH  . TYR D 3  ? 0.2507 0.1768 0.1907 0.0715 0.0293  0.0280  2  TYR D OH  
425 N N   . LEU D 4  ? 0.1456 0.0873 0.0980 0.0610 0.0536  0.0267  3  LEU D N   
426 C CA  . LEU D 4  ? 0.1557 0.0958 0.1065 0.0616 0.0537  0.0249  3  LEU D CA  
427 C C   . LEU D 4  ? 0.1726 0.1160 0.1214 0.0612 0.0548  0.0238  3  LEU D C   
428 O O   . LEU D 4  ? 0.1734 0.1186 0.1217 0.0605 0.0556  0.0236  3  LEU D O   
429 C CB  . LEU D 4  ? 0.1575 0.0957 0.1096 0.0611 0.0544  0.0239  3  LEU D CB  
430 C CG  . LEU D 4  ? 0.2018 0.1422 0.1544 0.0603 0.0562  0.0228  3  LEU D CG  
431 C CD1 . LEU D 4  ? 0.1984 0.1392 0.1483 0.0595 0.0563  0.0213  3  LEU D CD1 
432 C CD2 . LEU D 4  ? 0.2505 0.1887 0.2059 0.0604 0.0559  0.0220  3  LEU D CD2 
433 N N   . LEU D 5  ? 0.1366 0.0812 0.0825 0.0585 0.0526  0.0255  4  LEU D N   
434 C CA  . LEU D 5  ? 0.1468 0.0949 0.0953 0.0615 0.0552  0.0228  4  LEU D CA  
435 C C   . LEU D 5  ? 0.1884 0.1374 0.1370 0.0610 0.0565  0.0230  4  LEU D C   
436 O O   . LEU D 5  ? 0.1919 0.1388 0.1386 0.0626 0.0567  0.0233  4  LEU D O   
437 C CB  . LEU D 5  ? 0.1594 0.1094 0.1075 0.0633 0.0538  0.0225  4  LEU D CB  
438 C CG  . LEU D 5  ? 0.2228 0.1712 0.1697 0.0632 0.0519  0.0227  4  LEU D CG  
439 C CD1 . LEU D 5  ? 0.2207 0.1693 0.1665 0.0655 0.0490  0.0223  4  LEU D CD1 
440 C CD2 . LEU D 5  ? 0.2647 0.2139 0.2112 0.0616 0.0523  0.0223  4  LEU D CD2 
441 N N   . TYR D 6  ? 0.1459 0.0978 0.0966 0.0590 0.0569  0.0232  5  TYR D N   
442 C CA  . TYR D 6  ? 0.1497 0.1031 0.1011 0.0576 0.0581  0.0245  5  TYR D CA  
443 C C   . TYR D 6  ? 0.1851 0.1441 0.1411 0.0557 0.0581  0.0255  5  TYR D C   
444 O O   . TYR D 6  ? 0.1725 0.1318 0.1302 0.0552 0.0561  0.0249  5  TYR D O   
445 C CB  . TYR D 6  ? 0.1645 0.1127 0.1140 0.0558 0.0574  0.0243  5  TYR D CB  
446 C CG  . TYR D 6  ? 0.1699 0.1164 0.1200 0.0542 0.0553  0.0234  5  TYR D CG  
447 C CD1 . TYR D 6  ? 0.2119 0.1588 0.1634 0.0515 0.0534  0.0242  5  TYR D CD1 
448 C CD2 . TYR D 6  ? 0.1750 0.1189 0.1237 0.0556 0.0547  0.0218  5  TYR D CD2 
449 C CE1 . TYR D 6  ? 0.2209 0.1644 0.1714 0.0511 0.0502  0.0229  5  TYR D CE1 
450 C CE2 . TYR D 6  ? 0.1696 0.1115 0.1171 0.0554 0.0529  0.0205  5  TYR D CE2 
451 C CZ  . TYR D 6  ? 0.2509 0.1920 0.1988 0.0535 0.0502  0.0207  5  TYR D CZ  
452 O OH  . TYR D 6  ? 0.2362 0.1739 0.1814 0.0543 0.0472  0.0191  5  TYR D OH  
453 N N   . TYR D 7  ? 0.1587 0.1218 0.1165 0.0547 0.0600  0.0276  6  TYR D N   
454 C CA  . TYR D 7  ? 0.1670 0.1367 0.1314 0.0523 0.0600  0.0298  6  TYR D CA  
455 C C   . TYR D 7  ? 0.1915 0.1627 0.1564 0.0493 0.0616  0.0330  6  TYR D C   
456 O O   . TYR D 7  ? 0.2148 0.1852 0.1753 0.0509 0.0645  0.0334  6  TYR D O   
457 C CB  . TYR D 7  ? 0.1858 0.1630 0.1538 0.0552 0.0619  0.0296  6  TYR D CB  
458 C CG  . TYR D 7  ? 0.2489 0.2344 0.2260 0.0530 0.0619  0.0319  6  TYR D CG  
459 C CD1 . TYR D 7  ? 0.2875 0.2725 0.2691 0.0519 0.0578  0.0310  6  TYR D CD1 
460 C CD2 . TYR D 7  ? 0.2703 0.2647 0.2517 0.0528 0.0659  0.0349  6  TYR D CD2 
461 C CE1 . TYR D 7  ? 0.3112 0.3036 0.3027 0.0500 0.0570  0.0332  6  TYR D CE1 
462 C CE2 . TYR D 7  ? 0.2870 0.2909 0.2792 0.0506 0.0660  0.0376  6  TYR D CE2 
463 C CZ  . TYR D 7  ? 0.4045 0.4070 0.4022 0.0491 0.0611  0.0366  6  TYR D CZ  
464 O OH  . TYR D 7  ? 0.4491 0.4604 0.4589 0.0468 0.0602  0.0394  6  TYR D OH  
465 N N   . THR D 8  ? 0.1264 0.0989 0.0963 0.0449 0.0592  0.0354  7  THR D N   
466 C CA  . THR D 8  ? 0.1896 0.1640 0.1607 0.0411 0.0603  0.0395  7  THR D CA  
467 C C   . THR D 8  ? 0.4038 0.3888 0.3854 0.0384 0.0611  0.0436  7  THR D C   
468 O O   . THR D 8  ? 0.2552 0.2439 0.2399 0.0343 0.0622  0.0483  7  THR D O   
469 C CB  . THR D 8  ? 0.2589 0.2243 0.2263 0.0377 0.0556  0.0395  7  THR D CB  
470 O OG1 . THR D 8  ? 0.2259 0.1889 0.1968 0.0362 0.0500  0.0388  7  THR D OG1 
471 C CG2 . THR D 8  ? 0.2337 0.1901 0.1923 0.0404 0.0554  0.0359  7  THR D CG2 
472 N N   . ORN D 9  ? 0.5144 0.4837 0.5111 0.0243 0.0341  0.0494  8  ORN D N   
473 C CA  . ORN D 9  ? 0.4783 0.4512 0.4723 0.0296 0.0401  0.0455  8  ORN D CA  
474 C CB  . ORN D 9  ? 0.4757 0.4606 0.4808 0.0298 0.0432  0.0477  8  ORN D CB  
475 C CG  . ORN D 9  ? 0.4534 0.4429 0.4557 0.0352 0.0492  0.0442  8  ORN D CG  
476 C CD  . ORN D 9  ? 0.4147 0.4114 0.4156 0.0363 0.0568  0.0459  8  ORN D CD  
477 N NE  . ORN D 9  ? 0.3977 0.3864 0.3870 0.0382 0.0584  0.0433  8  ORN D NE  
478 C C   . ORN D 9  ? 0.4395 0.4034 0.4266 0.0338 0.0366  0.0400  8  ORN D C   
479 O O   . ORN D 9  ? 0.4608 0.4200 0.4493 0.0337 0.0301  0.0394  8  ORN D O   
480 N N   . LYS D 10 ? 0.3760 0.3389 0.3555 0.0368 0.0418  0.0372  9  LYS D N   
481 C CA  . LYS D 10 ? 0.3622 0.3185 0.3342 0.0409 0.0411  0.0325  9  LYS D CA  
482 C C   . LYS D 10 ? 0.4010 0.3614 0.3719 0.0446 0.0462  0.0306  9  LYS D C   
483 O O   . LYS D 10 ? 0.3932 0.3599 0.3663 0.0449 0.0506  0.0320  9  LYS D O   
484 C CB  . LYS D 10 ? 0.3817 0.3305 0.3460 0.0413 0.0401  0.0306  9  LYS D CB  
485 C CG  . LYS D 10 ? 0.4292 0.3716 0.3926 0.0386 0.0334  0.0316  9  LYS D CG  
486 C CD  . LYS D 10 ? 0.5536 0.4886 0.5130 0.0412 0.0275  0.0287  9  LYS D CD  
487 C CE  . LYS D 10 ? 0.6651 0.5925 0.6226 0.0393 0.0193  0.0291  9  LYS D CE  
488 N NZ  . LYS D 10 ? 0.8112 0.7404 0.7768 0.0346 0.0144  0.0338  9  LYS D NZ  
489 N N   . ASN D 11 ? 0.3468 0.3029 0.3133 0.0476 0.0450  0.0275  10 ASN D N   
490 C CA  . ASN D 11 ? 0.3760 0.3337 0.3403 0.0507 0.0481  0.0257  10 ASN D CA  
491 C C   . ASN D 11 ? 0.3353 0.2867 0.2923 0.0529 0.0476  0.0232  10 ASN D C   
492 O O   . ASN D 11 ? 0.2788 0.2250 0.2329 0.0527 0.0449  0.0224  10 ASN D O   
493 C CB  . ASN D 11 ? 0.3819 0.3428 0.3505 0.0515 0.0466  0.0254  10 ASN D CB  
494 C CG  . ASN D 11 ? 0.6108 0.5739 0.5777 0.0544 0.0488  0.0238  10 ASN D CG  
495 O OD1 . ASN D 11 ? 0.5223 0.4878 0.4878 0.0558 0.0520  0.0239  10 ASN D OD1 
496 N ND2 . ASN D 11 ? 0.4966 0.4574 0.4627 0.0558 0.0461  0.0222  10 ASN D ND2 
497 N N   . HAO D 12 ? 0.2492 0.2006 0.2037 0.0543 0.0509  0.0227  11 HAO D N   
498 N N9  . HAO D 12 ? 0.2095 0.1572 0.1598 0.0557 0.0510  0.0214  11 HAO D N9  
499 C C10 . HAO D 12 ? 0.2086 0.1564 0.1572 0.0573 0.0530  0.0211  11 HAO D C10 
500 O O11 . HAO D 12 ? 0.1889 0.1391 0.1388 0.0578 0.0542  0.0217  11 HAO D O11 
501 C CA  . HAO D 12 ? 0.1806 0.1255 0.1256 0.0585 0.0538  0.0203  11 HAO D CA  
502 C C13 . HAO D 12 ? 0.1574 0.1028 0.1022 0.0595 0.0555  0.0210  11 HAO D C13 
503 C C14 . HAO D 12 ? 0.1915 0.1335 0.1337 0.0593 0.0523  0.0189  11 HAO D C14 
504 C C15 . HAO D 12 ? 0.2664 0.2019 0.2042 0.0599 0.0460  0.0171  11 HAO D C15 
505 O O15 . HAO D 12 ? 0.2262 0.1664 0.1687 0.0581 0.0490  0.0187  11 HAO D O15 
506 C C17 . HAO D 12 ? 0.1633 0.1045 0.1025 0.0613 0.0539  0.0182  11 HAO D C17 
507 C C18 . HAO D 12 ? 0.1903 0.1336 0.1307 0.0617 0.0567  0.0195  11 HAO D C18 
508 C C19 . HAO D 12 ? 0.1361 0.0805 0.0785 0.0576 0.0544  0.0233  11 HAO D C19 
509 N N20 . HAO D 12 ? 0.1749 0.1209 0.1196 0.0606 0.0581  0.0227  11 HAO D N20 
510 C C21 . HAO D 12 ? 0.1954 0.1425 0.1385 0.0611 0.0597  0.0239  11 HAO D C21 
511 O O22 . HAO D 12 ? 0.1992 0.1461 0.1385 0.0623 0.0610  0.0234  11 HAO D O22 
512 C C   . HAO D 12 ? 0.1847 0.1327 0.1310 0.0602 0.0598  0.0268  11 HAO D C   
513 O OXT . HAO D 12 ? 0.1807 0.1277 0.1301 0.0599 0.0579  0.0271  11 HAO D OXT 
514 N N   . SER D 13 ? 0.1301 0.0766 0.0743 0.0565 0.0562  0.0324  12 SER D N   
515 C CA  . SER D 13 ? 0.1251 0.0731 0.0737 0.0550 0.0554  0.0351  12 SER D CA  
516 C C   . SER D 13 ? 0.1648 0.1198 0.1153 0.0582 0.0647  0.0356  12 SER D C   
517 O O   . SER D 13 ? 0.1351 0.0892 0.0828 0.0590 0.0646  0.0356  12 SER D O   
518 C CB  . SER D 13 ? 0.2006 0.1484 0.1452 0.0575 0.0576  0.0339  12 SER D CB  
519 O OG  . SER D 13 ? 0.2695 0.2163 0.2075 0.0576 0.0586  0.0338  12 SER D OG  
520 N N   . ALA D 14 ? 0.1464 0.1032 0.1037 0.0564 0.0639  0.0395  13 ALA D N   
521 C CA  . ALA D 14 ? 0.1520 0.1149 0.1144 0.0555 0.0677  0.0434  13 ALA D CA  
522 C C   . ALA D 14 ? 0.2560 0.2189 0.2218 0.0522 0.0650  0.0492  13 ALA D C   
523 O O   . ALA D 14 ? 0.1608 0.1213 0.1332 0.0509 0.0605  0.0508  13 ALA D O   
524 C CB  . ALA D 14 ? 0.1468 0.1125 0.1174 0.0565 0.0688  0.0426  13 ALA D CB  
# 
loop_
_pdbx_poly_seq_scheme.asym_id 
_pdbx_poly_seq_scheme.entity_id 
_pdbx_poly_seq_scheme.seq_id 
_pdbx_poly_seq_scheme.mon_id 
_pdbx_poly_seq_scheme.ndb_seq_num 
_pdbx_poly_seq_scheme.pdb_seq_num 
_pdbx_poly_seq_scheme.auth_seq_num 
_pdbx_poly_seq_scheme.pdb_mon_id 
_pdbx_poly_seq_scheme.auth_mon_id 
_pdbx_poly_seq_scheme.pdb_strand_id 
_pdbx_poly_seq_scheme.pdb_ins_code 
_pdbx_poly_seq_scheme.hetero 
A 1 1  ORN 1  0  0  ORN ORN A . n 
A 1 2  PHE 2  1  1  PHE PHE A . n 
A 1 3  TYR 3  2  2  TYR TYR A . n 
A 1 4  LEU 4  3  3  LEU LEU A . n 
A 1 5  LEU 5  4  4  LEU LEU A . n 
A 1 6  TYR 6  5  5  TYR TYR A . n 
A 1 7  TYR 7  6  6  TYR TYR A . n 
A 1 8  THR 8  7  7  THR THR A . n 
A 1 9  ORN 9  8  8  ORN ORN A . n 
A 1 10 LYS 10 9  9  LYS LYS A . n 
A 1 11 ASN 11 10 10 ASN ASN A . n 
A 1 12 HAO 12 11 11 HAO HAO A . n 
A 1 13 SER 13 12 12 SER SER A . n 
A 1 14 ALA 14 13 13 ALA ALA A . n 
B 1 1  ORN 1  0  0  ORN ORN B . n 
B 1 2  PHE 2  1  1  PHE PHE B . n 
B 1 3  TYR 3  2  2  TYR TYR B . n 
B 1 4  LEU 4  3  3  LEU LEU B . n 
B 1 5  LEU 5  4  4  LEU LEU B . n 
B 1 6  TYR 6  5  5  TYR TYR B . n 
B 1 7  TYR 7  6  6  TYR TYR B . n 
B 1 8  THR 8  7  7  THR THR B . n 
B 1 9  ORN 9  8  8  ORN ORN B . n 
B 1 10 LYS 10 9  9  LYS LYS B . n 
B 1 11 ASN 11 10 10 ASN ASN B . n 
B 1 12 HAO 12 11 11 HAO HAO B . n 
B 1 13 SER 13 12 12 SER SER B . n 
B 1 14 ALA 14 13 13 ALA ALA B . n 
C 1 1  ORN 1  0  0  ORN ORN C . n 
C 1 2  PHE 2  1  1  PHE PHE C . n 
C 1 3  TYR 3  2  2  TYR TYR C . n 
C 1 4  LEU 4  3  3  LEU LEU C . n 
C 1 5  LEU 5  4  4  LEU LEU C . n 
C 1 6  TYR 6  5  5  TYR TYR C . n 
C 1 7  TYR 7  6  6  TYR TYR C . n 
C 1 8  THR 8  7  7  THR THR C . n 
C 1 9  ORN 9  8  8  ORN ORN C . n 
C 1 10 LYS 10 9  9  LYS LYS C . n 
C 1 11 ASN 11 10 10 ASN ASN C . n 
C 1 12 HAO 12 11 11 HAO HAO C . n 
C 1 13 SER 13 12 12 SER SER C . n 
C 1 14 ALA 14 13 13 ALA ALA C . n 
D 1 1  ORN 1  0  0  ORN ORN D . n 
D 1 2  PHE 2  1  1  PHE PHE D . n 
D 1 3  TYR 3  2  2  TYR TYR D . n 
D 1 4  LEU 4  3  3  LEU LEU D . n 
D 1 5  LEU 5  4  4  LEU LEU D . n 
D 1 6  TYR 6  5  5  TYR TYR D . n 
D 1 7  TYR 7  6  6  TYR TYR D . n 
D 1 8  THR 8  7  7  THR THR D . n 
D 1 9  ORN 9  8  8  ORN ORN D . n 
D 1 10 LYS 10 9  9  LYS LYS D . n 
D 1 11 ASN 11 10 10 ASN ASN D . n 
D 1 12 HAO 12 11 11 HAO HAO D . n 
D 1 13 SER 13 12 12 SER SER D . n 
D 1 14 ALA 14 13 13 ALA ALA D . n 
# 
loop_
_pdbx_nonpoly_scheme.asym_id 
_pdbx_nonpoly_scheme.entity_id 
_pdbx_nonpoly_scheme.mon_id 
_pdbx_nonpoly_scheme.ndb_seq_num 
_pdbx_nonpoly_scheme.pdb_seq_num 
_pdbx_nonpoly_scheme.auth_seq_num 
_pdbx_nonpoly_scheme.pdb_mon_id 
_pdbx_nonpoly_scheme.auth_mon_id 
_pdbx_nonpoly_scheme.pdb_strand_id 
_pdbx_nonpoly_scheme.pdb_ins_code 
E 2 MPD 1 101 1  MPD MPD A . 
F 2 MPD 1 101 1  MPD MPD C . 
G 3 HOH 1 201 3  HOH HOH A . 
G 3 HOH 2 202 8  HOH HOH A . 
G 3 HOH 3 203 12 HOH HOH A . 
G 3 HOH 4 204 16 HOH HOH A . 
H 3 HOH 1 101 1  HOH HOH B . 
H 3 HOH 2 102 5  HOH HOH B . 
H 3 HOH 3 103 9  HOH HOH B . 
H 3 HOH 4 104 10 HOH HOH B . 
H 3 HOH 5 105 15 HOH HOH B . 
I 3 HOH 1 201 6  HOH HOH C . 
J 3 HOH 1 101 2  HOH HOH D . 
J 3 HOH 2 102 4  HOH HOH D . 
J 3 HOH 3 103 7  HOH HOH D . 
J 3 HOH 4 104 11 HOH HOH D . 
J 3 HOH 5 105 13 HOH HOH D . 
J 3 HOH 6 106 14 HOH HOH D . 
# 
loop_
_pdbx_struct_mod_residue.id 
_pdbx_struct_mod_residue.label_asym_id 
_pdbx_struct_mod_residue.label_comp_id 
_pdbx_struct_mod_residue.label_seq_id 
_pdbx_struct_mod_residue.auth_asym_id 
_pdbx_struct_mod_residue.auth_comp_id 
_pdbx_struct_mod_residue.auth_seq_id 
_pdbx_struct_mod_residue.PDB_ins_code 
_pdbx_struct_mod_residue.parent_comp_id 
_pdbx_struct_mod_residue.details 
1 A ORN 1 A ORN 0 ? ALA L-ORNITHINE 
2 A ORN 9 A ORN 8 ? ALA L-ORNITHINE 
3 B ORN 1 B ORN 0 ? ALA L-ORNITHINE 
4 B ORN 9 B ORN 8 ? ALA L-ORNITHINE 
5 C ORN 1 C ORN 0 ? ALA L-ORNITHINE 
6 C ORN 9 C ORN 8 ? ALA L-ORNITHINE 
7 D ORN 1 D ORN 0 ? ALA L-ORNITHINE 
8 D ORN 9 D ORN 8 ? ALA L-ORNITHINE 
# 
loop_
_pdbx_struct_assembly.id 
_pdbx_struct_assembly.details 
_pdbx_struct_assembly.method_details 
_pdbx_struct_assembly.oligomeric_details 
_pdbx_struct_assembly.oligomeric_count 
1 software_defined_assembly PISA dimeric 2 
2 software_defined_assembly PISA dimeric 2 
# 
loop_
_pdbx_struct_assembly_gen.assembly_id 
_pdbx_struct_assembly_gen.oper_expression 
_pdbx_struct_assembly_gen.asym_id_list 
1 1 A,B,E,G,H 
2 1 C,D,F,I,J 
# 
loop_
_pdbx_struct_assembly_prop.biol_id 
_pdbx_struct_assembly_prop.type 
_pdbx_struct_assembly_prop.value 
_pdbx_struct_assembly_prop.details 
1 'ABSA (A^2)' 880  ? 
1 MORE         -11  ? 
1 'SSA (A^2)'  2930 ? 
2 'ABSA (A^2)' 880  ? 
2 MORE         -11  ? 
2 'SSA (A^2)'  2890 ? 
# 
_pdbx_struct_oper_list.id                   1 
_pdbx_struct_oper_list.type                 'identity operation' 
_pdbx_struct_oper_list.name                 1_555 
_pdbx_struct_oper_list.symmetry_operation   x,y,z 
_pdbx_struct_oper_list.matrix[1][1]         1.0000000000 
_pdbx_struct_oper_list.matrix[1][2]         0.0000000000 
_pdbx_struct_oper_list.matrix[1][3]         0.0000000000 
_pdbx_struct_oper_list.vector[1]            0.0000000000 
_pdbx_struct_oper_list.matrix[2][1]         0.0000000000 
_pdbx_struct_oper_list.matrix[2][2]         1.0000000000 
_pdbx_struct_oper_list.matrix[2][3]         0.0000000000 
_pdbx_struct_oper_list.vector[2]            0.0000000000 
_pdbx_struct_oper_list.matrix[3][1]         0.0000000000 
_pdbx_struct_oper_list.matrix[3][2]         0.0000000000 
_pdbx_struct_oper_list.matrix[3][3]         1.0000000000 
_pdbx_struct_oper_list.vector[3]            0.0000000000 
# 
loop_
_pdbx_audit_revision_history.ordinal 
_pdbx_audit_revision_history.data_content_type 
_pdbx_audit_revision_history.major_revision 
_pdbx_audit_revision_history.minor_revision 
_pdbx_audit_revision_history.revision_date 
1 'Structure model' 1 0 2012-12-19 
2 'Structure model' 1 1 2013-06-19 
3 'Structure model' 1 2 2017-09-20 
4 'Structure model' 2 0 2023-11-15 
# 
_pdbx_audit_revision_details.ordinal             1 
_pdbx_audit_revision_details.revision_ordinal    1 
_pdbx_audit_revision_details.data_content_type   'Structure model' 
_pdbx_audit_revision_details.provider            repository 
_pdbx_audit_revision_details.type                'Initial release' 
_pdbx_audit_revision_details.description         ? 
_pdbx_audit_revision_details.details             ? 
# 
loop_
_pdbx_audit_revision_group.ordinal 
_pdbx_audit_revision_group.revision_ordinal 
_pdbx_audit_revision_group.data_content_type 
_pdbx_audit_revision_group.group 
1 2 'Structure model' 'Database references'  
2 3 'Structure model' Advisory               
3 4 'Structure model' 'Atomic model'         
4 4 'Structure model' 'Data collection'      
5 4 'Structure model' 'Database references'  
6 4 'Structure model' 'Derived calculations' 
# 
loop_
_pdbx_audit_revision_category.ordinal 
_pdbx_audit_revision_category.revision_ordinal 
_pdbx_audit_revision_category.data_content_type 
_pdbx_audit_revision_category.category 
1  3 'Structure model' pdbx_validate_polymer_linkage  
2  4 'Structure model' atom_site                      
3  4 'Structure model' atom_site_anisotrop            
4  4 'Structure model' chem_comp_atom                 
5  4 'Structure model' chem_comp_bond                 
6  4 'Structure model' database_2                     
7  4 'Structure model' pdbx_validate_main_chain_plane 
8  4 'Structure model' pdbx_validate_rmsd_angle       
9  4 'Structure model' struct_conn                    
10 4 'Structure model' struct_site                    
# 
loop_
_pdbx_audit_revision_item.ordinal 
_pdbx_audit_revision_item.revision_ordinal 
_pdbx_audit_revision_item.data_content_type 
_pdbx_audit_revision_item.item 
1  4 'Structure model' '_atom_site.auth_atom_id'                 
2  4 'Structure model' '_atom_site.label_atom_id'                
3  4 'Structure model' '_atom_site_anisotrop.pdbx_auth_atom_id'  
4  4 'Structure model' '_atom_site_anisotrop.pdbx_label_atom_id' 
5  4 'Structure model' '_database_2.pdbx_DOI'                    
6  4 'Structure model' '_database_2.pdbx_database_accession'     
7  4 'Structure model' '_struct_conn.pdbx_dist_value'            
8  4 'Structure model' '_struct_conn.pdbx_leaving_atom_flag'     
9  4 'Structure model' '_struct_conn.ptnr1_auth_asym_id'         
10 4 'Structure model' '_struct_conn.ptnr1_auth_comp_id'         
11 4 'Structure model' '_struct_conn.ptnr1_auth_seq_id'          
12 4 'Structure model' '_struct_conn.ptnr1_label_asym_id'        
13 4 'Structure model' '_struct_conn.ptnr1_label_atom_id'        
14 4 'Structure model' '_struct_conn.ptnr1_label_comp_id'        
15 4 'Structure model' '_struct_conn.ptnr1_label_seq_id'         
16 4 'Structure model' '_struct_conn.ptnr2_auth_asym_id'         
17 4 'Structure model' '_struct_conn.ptnr2_auth_comp_id'         
18 4 'Structure model' '_struct_conn.ptnr2_auth_seq_id'          
19 4 'Structure model' '_struct_conn.ptnr2_label_asym_id'        
20 4 'Structure model' '_struct_conn.ptnr2_label_atom_id'        
21 4 'Structure model' '_struct_conn.ptnr2_label_comp_id'        
22 4 'Structure model' '_struct_conn.ptnr2_label_seq_id'         
23 4 'Structure model' '_struct_site.pdbx_auth_asym_id'          
24 4 'Structure model' '_struct_site.pdbx_auth_comp_id'          
25 4 'Structure model' '_struct_site.pdbx_auth_seq_id'           
# 
_diffrn_reflns.diffrn_id                   1 
_diffrn_reflns.pdbx_d_res_high             2.310 
_diffrn_reflns.pdbx_d_res_low              ? 
_diffrn_reflns.pdbx_number_obs             5394 
_diffrn_reflns.pdbx_Rmerge_I_obs           0.154 
_diffrn_reflns.pdbx_Rsym_value             ? 
_diffrn_reflns.pdbx_chi_squared            ? 
_diffrn_reflns.av_sigmaI_over_netI         ? 
_diffrn_reflns.pdbx_redundancy             ? 
_diffrn_reflns.pdbx_percent_possible_obs   93.90 
_diffrn_reflns.number                      16557 
_diffrn_reflns.pdbx_observed_criterion     ? 
_diffrn_reflns.limit_h_max                 ? 
_diffrn_reflns.limit_h_min                 ? 
_diffrn_reflns.limit_k_max                 ? 
_diffrn_reflns.limit_k_min                 ? 
_diffrn_reflns.limit_l_max                 ? 
_diffrn_reflns.limit_l_min                 ? 
# 
loop_
_pdbx_diffrn_reflns_shell.diffrn_id 
_pdbx_diffrn_reflns_shell.d_res_high 
_pdbx_diffrn_reflns_shell.d_res_low 
_pdbx_diffrn_reflns_shell.number_obs 
_pdbx_diffrn_reflns_shell.rejects 
_pdbx_diffrn_reflns_shell.Rmerge_I_obs 
_pdbx_diffrn_reflns_shell.Rsym_value 
_pdbx_diffrn_reflns_shell.chi_squared 
_pdbx_diffrn_reflns_shell.redundancy 
_pdbx_diffrn_reflns_shell.percent_possible_obs 
1 7.31 10.34 124 ? 0.129 ? ? ? 100.00 
1 5.97 7.31  142 ? 0.107 ? ? ? 100.00 
1 5.17 5.97  195 ? 0.118 ? ? ? 100.00 
1 4.62 5.17  201 ? 0.120 ? ? ? 100.00 
1 4.22 4.62  232 ? 0.134 ? ? ? 99.60  
1 3.91 4.22  228 ? 0.112 ? ? ? 99.60  
1 3.65 3.91  259 ? 0.137 ? ? ? 99.20  
1 3.45 3.65  263 ? 0.164 ? ? ? 99.60  
1 3.27 3.45  318 ? 0.139 ? ? ? 99.70  
1 3.12 3.27  312 ? 0.183 ? ? ? 99.00  
1 2.98 3.12  308 ? 0.212 ? ? ? 99.40  
1 2.87 2.98  349 ? 0.211 ? ? ? 100.0  
1 2.76 2.87  353 ? 0.291 ? ? ? 100.00 
1 2.67 2.76  360 ? 0.338 ? ? ? 99.40  
1 2.58 2.67  387 ? 0.421 ? ? ? 97.50  
1 2.51 2.58  349 ? 0.332 ? ? ? 93.80  
1 2.44 2.51  365 ? 0.336 ? ? ? 91.50  
1 2.37 2.44  341 ? 0.332 ? ? ? 85.20  
1 2.31 2.37  249 ? 0.299 ? ? ? 54.40  
# 
loop_
_pdbx_refine_tls.pdbx_refine_id 
_pdbx_refine_tls.id 
_pdbx_refine_tls.details 
_pdbx_refine_tls.method 
_pdbx_refine_tls.origin_x 
_pdbx_refine_tls.origin_y 
_pdbx_refine_tls.origin_z 
_pdbx_refine_tls.T[1][1] 
_pdbx_refine_tls.T[2][2] 
_pdbx_refine_tls.T[3][3] 
_pdbx_refine_tls.T[1][2] 
_pdbx_refine_tls.T[1][3] 
_pdbx_refine_tls.T[2][3] 
_pdbx_refine_tls.L[1][1] 
_pdbx_refine_tls.L[2][2] 
_pdbx_refine_tls.L[3][3] 
_pdbx_refine_tls.L[1][2] 
_pdbx_refine_tls.L[1][3] 
_pdbx_refine_tls.L[2][3] 
_pdbx_refine_tls.S[1][1] 
_pdbx_refine_tls.S[1][2] 
_pdbx_refine_tls.S[1][3] 
_pdbx_refine_tls.S[2][1] 
_pdbx_refine_tls.S[2][2] 
_pdbx_refine_tls.S[2][3] 
_pdbx_refine_tls.S[3][1] 
_pdbx_refine_tls.S[3][2] 
_pdbx_refine_tls.S[3][3] 
'X-RAY DIFFRACTION' 1 ? refined 3.4107  5.8291  -8.0206 0.0658 -0.0181 -0.0332 0.0950 0.0777 -0.0077 -0.4563 1.2176 0.3558  0.1702  -0.2654 -0.5449 0.0222  0.0025  0.0455  -0.0056 -0.0143 -0.0693 -0.0316 0.0388  -0.0079 
'X-RAY DIFFRACTION' 2 ? refined -3.7317 1.1098  -4.6568 0.0487 -0.0067 -0.0364 0.0690 0.0424 0.0207  1.0022  1.5817 -0.0648 -0.4591 -0.2750 -0.0583 -0.0209 0.0147  0.0037  0.0091  0.0224  0.0176  0.0223  -0.0631 -0.0015 
'X-RAY DIFFRACTION' 3 ? refined -0.8340 -5.2012 2.2665  0.0454 -0.0271 -0.0124 0.0477 0.0184 0.0688  -0.5512 0.6071 0.6113  -0.0780 -0.4501 0.6616  0.0108  0.0184  -0.0282 -0.0341 0.0143  0.0286  0.0098  -0.0023 -0.0251 
'X-RAY DIFFRACTION' 4 ? refined 1.0056  -1.7245 10.4976 0.0381 -0.0142 -0.0136 0.0593 0.0555 0.0220  0.3461  1.0363 0.6343  -0.3156 0.7733  -0.1216 0.0045  -0.0228 0.0169  0.0232  -0.0002 -0.0177 -0.0122 0.0536  -0.0042 
# 
loop_
_pdbx_refine_tls_group.pdbx_refine_id 
_pdbx_refine_tls_group.id 
_pdbx_refine_tls_group.refine_tls_id 
_pdbx_refine_tls_group.beg_auth_asym_id 
_pdbx_refine_tls_group.beg_auth_seq_id 
_pdbx_refine_tls_group.beg_label_asym_id 
_pdbx_refine_tls_group.beg_label_seq_id 
_pdbx_refine_tls_group.end_auth_asym_id 
_pdbx_refine_tls_group.end_auth_seq_id 
_pdbx_refine_tls_group.end_label_asym_id 
_pdbx_refine_tls_group.end_label_seq_id 
_pdbx_refine_tls_group.selection 
_pdbx_refine_tls_group.selection_details 
'X-RAY DIFFRACTION' 1 1 A 0 ? ? A 13 ? ? ? ? 
'X-RAY DIFFRACTION' 2 2 B 0 ? ? B 13 ? ? ? ? 
'X-RAY DIFFRACTION' 3 3 C 0 ? ? C 13 ? ? ? ? 
'X-RAY DIFFRACTION' 4 4 D 0 ? ? D 13 ? ? ? ? 
# 
loop_
_software.pdbx_ordinal 
_software.name 
_software.version 
_software.date 
_software.type 
_software.contact_author 
_software.contact_author_email 
_software.classification 
_software.location 
_software.language 
_software.citation_id 
1 XSCALE      .      ?               package 'Wolfgang Kabsch'    ?                        'data scaling'    
http://www.mpimf-heidelberg.mpg.de/~kabsch/xds/html_doc/xscale_program.html ?          ? 
2 REFMAC      .      ?               program 'Garib N. Murshudov' garib@ysbl.york.ac.uk    refinement        
http://www.ccp4.ac.uk/dist/html/refmac5.html                                Fortran_77 ? 
3 PDB_EXTRACT 3.10   'June 10, 2010' package PDB                  deposit@deposit.rcsb.org 'data extraction' 
http://sw-tools.pdb.org/apps/PDB_EXTRACT/                                   C++        ? 
4 BUSTER      2.10.0 ?               ?       ?                    ?                        refinement        ? ?          ? 
# 
_pdbx_validate_close_contact.id               1 
_pdbx_validate_close_contact.PDB_model_num    1 
_pdbx_validate_close_contact.auth_atom_id_1   NE 
_pdbx_validate_close_contact.auth_asym_id_1   C 
_pdbx_validate_close_contact.auth_comp_id_1   ORN 
_pdbx_validate_close_contact.auth_seq_id_1    0 
_pdbx_validate_close_contact.PDB_ins_code_1   ? 
_pdbx_validate_close_contact.label_alt_id_1   ? 
_pdbx_validate_close_contact.auth_atom_id_2   O 
_pdbx_validate_close_contact.auth_asym_id_2   C 
_pdbx_validate_close_contact.auth_comp_id_2   ALA 
_pdbx_validate_close_contact.auth_seq_id_2    13 
_pdbx_validate_close_contact.PDB_ins_code_2   ? 
_pdbx_validate_close_contact.label_alt_id_2   ? 
_pdbx_validate_close_contact.dist             2.19 
# 
loop_
_pdbx_validate_rmsd_angle.id 
_pdbx_validate_rmsd_angle.PDB_model_num 
_pdbx_validate_rmsd_angle.auth_atom_id_1 
_pdbx_validate_rmsd_angle.auth_asym_id_1 
_pdbx_validate_rmsd_angle.auth_comp_id_1 
_pdbx_validate_rmsd_angle.auth_seq_id_1 
_pdbx_validate_rmsd_angle.PDB_ins_code_1 
_pdbx_validate_rmsd_angle.label_alt_id_1 
_pdbx_validate_rmsd_angle.auth_atom_id_2 
_pdbx_validate_rmsd_angle.auth_asym_id_2 
_pdbx_validate_rmsd_angle.auth_comp_id_2 
_pdbx_validate_rmsd_angle.auth_seq_id_2 
_pdbx_validate_rmsd_angle.PDB_ins_code_2 
_pdbx_validate_rmsd_angle.label_alt_id_2 
_pdbx_validate_rmsd_angle.auth_atom_id_3 
_pdbx_validate_rmsd_angle.auth_asym_id_3 
_pdbx_validate_rmsd_angle.auth_comp_id_3 
_pdbx_validate_rmsd_angle.auth_seq_id_3 
_pdbx_validate_rmsd_angle.PDB_ins_code_3 
_pdbx_validate_rmsd_angle.label_alt_id_3 
_pdbx_validate_rmsd_angle.angle_value 
_pdbx_validate_rmsd_angle.angle_target_value 
_pdbx_validate_rmsd_angle.angle_deviation 
_pdbx_validate_rmsd_angle.angle_standard_deviation 
_pdbx_validate_rmsd_angle.linker_flag 
1  1 O  A ORN 8  ? ? C A ORN 8  ? ? N A LYS 9  ? ? 109.67 122.70 -13.03 1.60 Y 
2  1 CA A HAO 11 ? ? C A HAO 11 ? ? N A SER 12 ? ? 141.00 117.20 23.80  2.20 Y 
3  1 O  B ASN 10 ? ? C B ASN 10 ? ? N B HAO 11 ? ? 112.65 122.70 -10.05 1.60 Y 
4  1 CA B HAO 11 ? ? C B HAO 11 ? ? N B SER 12 ? ? 133.58 117.20 16.38  2.20 Y 
5  1 CA C ORN 8  ? ? C C ORN 8  ? ? N C LYS 9  ? ? 103.94 117.20 -13.26 2.20 Y 
6  1 O  C ORN 8  ? ? C C ORN 8  ? ? N C LYS 9  ? ? 132.95 122.70 10.25  1.60 Y 
7  1 CA C HAO 11 ? ? C C HAO 11 ? ? N C SER 12 ? ? 144.16 117.20 26.96  2.20 Y 
8  1 CA D ORN 8  ? ? C D ORN 8  ? ? N D LYS 9  ? ? 101.19 117.20 -16.01 2.20 Y 
9  1 O  D ORN 8  ? ? C D ORN 8  ? ? N D LYS 9  ? ? 138.06 122.70 15.36  1.60 Y 
10 1 O  D ASN 10 ? ? C D ASN 10 ? ? N D HAO 11 ? ? 110.39 122.70 -12.31 1.60 Y 
11 1 CA D HAO 11 ? ? C D HAO 11 ? ? N D SER 12 ? ? 134.52 117.20 17.32  2.20 Y 
# 
loop_
_pdbx_validate_main_chain_plane.id 
_pdbx_validate_main_chain_plane.PDB_model_num 
_pdbx_validate_main_chain_plane.auth_comp_id 
_pdbx_validate_main_chain_plane.auth_asym_id 
_pdbx_validate_main_chain_plane.auth_seq_id 
_pdbx_validate_main_chain_plane.PDB_ins_code 
_pdbx_validate_main_chain_plane.label_alt_id 
_pdbx_validate_main_chain_plane.improper_torsion_angle 
1 1 ORN A 8  ? ? -12.25 
2 1 ORN B 0  ? ? -10.67 
3 1 ASN B 10 ? ? 22.97  
4 1 ASN D 10 ? ? 24.54  
# 
loop_
_chem_comp_atom.comp_id 
_chem_comp_atom.atom_id 
_chem_comp_atom.type_symbol 
_chem_comp_atom.pdbx_aromatic_flag 
_chem_comp_atom.pdbx_stereo_config 
_chem_comp_atom.pdbx_ordinal 
ALA N    N N N 1   
ALA CA   C N S 2   
ALA C    C N N 3   
ALA O    O N N 4   
ALA CB   C N N 5   
ALA OXT  O N N 6   
ALA H    H N N 7   
ALA H2   H N N 8   
ALA HA   H N N 9   
ALA HB1  H N N 10  
ALA HB2  H N N 11  
ALA HB3  H N N 12  
ALA HXT  H N N 13  
ASN N    N N N 14  
ASN CA   C N S 15  
ASN C    C N N 16  
ASN O    O N N 17  
ASN CB   C N N 18  
ASN CG   C N N 19  
ASN OD1  O N N 20  
ASN ND2  N N N 21  
ASN OXT  O N N 22  
ASN H    H N N 23  
ASN H2   H N N 24  
ASN HA   H N N 25  
ASN HB2  H N N 26  
ASN HB3  H N N 27  
ASN HD21 H N N 28  
ASN HD22 H N N 29  
ASN HXT  H N N 30  
HAO N    N N N 31  
HAO N9   N N N 32  
HAO C10  C N N 33  
HAO O11  O N N 34  
HAO CA   C Y N 35  
HAO C13  C Y N 36  
HAO C14  C Y N 37  
HAO C15  C N N 38  
HAO O15  O N N 39  
HAO C17  C Y N 40  
HAO C18  C Y N 41  
HAO C19  C Y N 42  
HAO N20  N N N 43  
HAO C21  C N N 44  
HAO O22  O N N 45  
HAO C    C N N 46  
HAO O    O N N 47  
HAO H    H N N 48  
HAO H13  H N N 49  
HAO H15  H N N 50  
HAO H15A H N N 51  
HAO H15B H N N 52  
HAO H17  H N N 53  
HAO H18  H N N 54  
HAO HN20 H N N 55  
HAO OXT  O N N 56  
HAO H2   H N N 57  
HAO H10  H N N 58  
HAO HXT  H N N 59  
HOH O    O N N 60  
HOH H1   H N N 61  
HOH H2   H N N 62  
LEU N    N N N 63  
LEU CA   C N S 64  
LEU C    C N N 65  
LEU O    O N N 66  
LEU CB   C N N 67  
LEU CG   C N N 68  
LEU CD1  C N N 69  
LEU CD2  C N N 70  
LEU OXT  O N N 71  
LEU H    H N N 72  
LEU H2   H N N 73  
LEU HA   H N N 74  
LEU HB2  H N N 75  
LEU HB3  H N N 76  
LEU HG   H N N 77  
LEU HD11 H N N 78  
LEU HD12 H N N 79  
LEU HD13 H N N 80  
LEU HD21 H N N 81  
LEU HD22 H N N 82  
LEU HD23 H N N 83  
LEU HXT  H N N 84  
LYS N    N N N 85  
LYS CA   C N S 86  
LYS C    C N N 87  
LYS O    O N N 88  
LYS CB   C N N 89  
LYS CG   C N N 90  
LYS CD   C N N 91  
LYS CE   C N N 92  
LYS NZ   N N N 93  
LYS OXT  O N N 94  
LYS H    H N N 95  
LYS H2   H N N 96  
LYS HA   H N N 97  
LYS HB2  H N N 98  
LYS HB3  H N N 99  
LYS HG2  H N N 100 
LYS HG3  H N N 101 
LYS HD2  H N N 102 
LYS HD3  H N N 103 
LYS HE2  H N N 104 
LYS HE3  H N N 105 
LYS HZ1  H N N 106 
LYS HZ2  H N N 107 
LYS HZ3  H N N 108 
LYS HXT  H N N 109 
MPD C1   C N N 110 
MPD C2   C N N 111 
MPD O2   O N N 112 
MPD CM   C N N 113 
MPD C3   C N N 114 
MPD C4   C N S 115 
MPD O4   O N N 116 
MPD C5   C N N 117 
MPD H11  H N N 118 
MPD H12  H N N 119 
MPD H13  H N N 120 
MPD HO2  H N N 121 
MPD HM1  H N N 122 
MPD HM2  H N N 123 
MPD HM3  H N N 124 
MPD H31  H N N 125 
MPD H32  H N N 126 
MPD H4   H N N 127 
MPD HO4  H N N 128 
MPD H51  H N N 129 
MPD H52  H N N 130 
MPD H53  H N N 131 
ORN N    N N N 132 
ORN CA   C N S 133 
ORN CB   C N N 134 
ORN CG   C N N 135 
ORN CD   C N N 136 
ORN NE   N N N 137 
ORN C    C N N 138 
ORN O    O N N 139 
ORN OXT  O N N 140 
ORN H    H N N 141 
ORN H2   H N N 142 
ORN HA   H N N 143 
ORN HB2  H N N 144 
ORN HB3  H N N 145 
ORN HG2  H N N 146 
ORN HG3  H N N 147 
ORN HD2  H N N 148 
ORN HD3  H N N 149 
ORN HE1  H N N 150 
ORN HE2  H N N 151 
ORN HXT  H N N 152 
PHE N    N N N 153 
PHE CA   C N S 154 
PHE C    C N N 155 
PHE O    O N N 156 
PHE CB   C N N 157 
PHE CG   C Y N 158 
PHE CD1  C Y N 159 
PHE CD2  C Y N 160 
PHE CE1  C Y N 161 
PHE CE2  C Y N 162 
PHE CZ   C Y N 163 
PHE OXT  O N N 164 
PHE H    H N N 165 
PHE H2   H N N 166 
PHE HA   H N N 167 
PHE HB2  H N N 168 
PHE HB3  H N N 169 
PHE HD1  H N N 170 
PHE HD2  H N N 171 
PHE HE1  H N N 172 
PHE HE2  H N N 173 
PHE HZ   H N N 174 
PHE HXT  H N N 175 
SER N    N N N 176 
SER CA   C N S 177 
SER C    C N N 178 
SER O    O N N 179 
SER CB   C N N 180 
SER OG   O N N 181 
SER OXT  O N N 182 
SER H    H N N 183 
SER H2   H N N 184 
SER HA   H N N 185 
SER HB2  H N N 186 
SER HB3  H N N 187 
SER HG   H N N 188 
SER HXT  H N N 189 
THR N    N N N 190 
THR CA   C N S 191 
THR C    C N N 192 
THR O    O N N 193 
THR CB   C N R 194 
THR OG1  O N N 195 
THR CG2  C N N 196 
THR OXT  O N N 197 
THR H    H N N 198 
THR H2   H N N 199 
THR HA   H N N 200 
THR HB   H N N 201 
THR HG1  H N N 202 
THR HG21 H N N 203 
THR HG22 H N N 204 
THR HG23 H N N 205 
THR HXT  H N N 206 
TYR N    N N N 207 
TYR CA   C N S 208 
TYR C    C N N 209 
TYR O    O N N 210 
TYR CB   C N N 211 
TYR CG   C Y N 212 
TYR CD1  C Y N 213 
TYR CD2  C Y N 214 
TYR CE1  C Y N 215 
TYR CE2  C Y N 216 
TYR CZ   C Y N 217 
TYR OH   O N N 218 
TYR OXT  O N N 219 
TYR H    H N N 220 
TYR H2   H N N 221 
TYR HA   H N N 222 
TYR HB2  H N N 223 
TYR HB3  H N N 224 
TYR HD1  H N N 225 
TYR HD2  H N N 226 
TYR HE1  H N N 227 
TYR HE2  H N N 228 
TYR HH   H N N 229 
TYR HXT  H N N 230 
# 
loop_
_chem_comp_bond.comp_id 
_chem_comp_bond.atom_id_1 
_chem_comp_bond.atom_id_2 
_chem_comp_bond.value_order 
_chem_comp_bond.pdbx_aromatic_flag 
_chem_comp_bond.pdbx_stereo_config 
_chem_comp_bond.pdbx_ordinal 
ALA N   CA   sing N N 1   
ALA N   H    sing N N 2   
ALA N   H2   sing N N 3   
ALA CA  C    sing N N 4   
ALA CA  CB   sing N N 5   
ALA CA  HA   sing N N 6   
ALA C   O    doub N N 7   
ALA C   OXT  sing N N 8   
ALA CB  HB1  sing N N 9   
ALA CB  HB2  sing N N 10  
ALA CB  HB3  sing N N 11  
ALA OXT HXT  sing N N 12  
ASN N   CA   sing N N 13  
ASN N   H    sing N N 14  
ASN N   H2   sing N N 15  
ASN CA  C    sing N N 16  
ASN CA  CB   sing N N 17  
ASN CA  HA   sing N N 18  
ASN C   O    doub N N 19  
ASN C   OXT  sing N N 20  
ASN CB  CG   sing N N 21  
ASN CB  HB2  sing N N 22  
ASN CB  HB3  sing N N 23  
ASN CG  OD1  doub N N 24  
ASN CG  ND2  sing N N 25  
ASN ND2 HD21 sing N N 26  
ASN ND2 HD22 sing N N 27  
ASN OXT HXT  sing N N 28  
HAO N   N9   sing N N 29  
HAO N   H    sing N N 30  
HAO C10 N9   sing N N 31  
HAO C10 CA   sing N N 32  
HAO O11 C10  doub N N 33  
HAO CA  C14  sing Y N 34  
HAO C13 CA   doub Y N 35  
HAO C13 C19  sing Y N 36  
HAO C13 H13  sing N N 37  
HAO C14 C17  doub Y N 38  
HAO C14 O15  sing N N 39  
HAO C15 H15  sing N N 40  
HAO C15 H15A sing N N 41  
HAO C15 H15B sing N N 42  
HAO O15 C15  sing N N 43  
HAO C17 H17  sing N N 44  
HAO C18 C17  sing Y N 45  
HAO C18 H18  sing N N 46  
HAO C19 C18  doub Y N 47  
HAO N20 C19  sing N N 48  
HAO N20 HN20 sing N N 49  
HAO C21 N20  sing N N 50  
HAO C21 O22  doub N N 51  
HAO C   C21  sing N N 52  
HAO C   OXT  sing N N 53  
HAO O   C    doub N N 54  
HAO N   H2   sing N N 55  
HAO N9  H10  sing N N 56  
HAO OXT HXT  sing N N 57  
HOH O   H1   sing N N 58  
HOH O   H2   sing N N 59  
LEU N   CA   sing N N 60  
LEU N   H    sing N N 61  
LEU N   H2   sing N N 62  
LEU CA  C    sing N N 63  
LEU CA  CB   sing N N 64  
LEU CA  HA   sing N N 65  
LEU C   O    doub N N 66  
LEU C   OXT  sing N N 67  
LEU CB  CG   sing N N 68  
LEU CB  HB2  sing N N 69  
LEU CB  HB3  sing N N 70  
LEU CG  CD1  sing N N 71  
LEU CG  CD2  sing N N 72  
LEU CG  HG   sing N N 73  
LEU CD1 HD11 sing N N 74  
LEU CD1 HD12 sing N N 75  
LEU CD1 HD13 sing N N 76  
LEU CD2 HD21 sing N N 77  
LEU CD2 HD22 sing N N 78  
LEU CD2 HD23 sing N N 79  
LEU OXT HXT  sing N N 80  
LYS N   CA   sing N N 81  
LYS N   H    sing N N 82  
LYS N   H2   sing N N 83  
LYS CA  C    sing N N 84  
LYS CA  CB   sing N N 85  
LYS CA  HA   sing N N 86  
LYS C   O    doub N N 87  
LYS C   OXT  sing N N 88  
LYS CB  CG   sing N N 89  
LYS CB  HB2  sing N N 90  
LYS CB  HB3  sing N N 91  
LYS CG  CD   sing N N 92  
LYS CG  HG2  sing N N 93  
LYS CG  HG3  sing N N 94  
LYS CD  CE   sing N N 95  
LYS CD  HD2  sing N N 96  
LYS CD  HD3  sing N N 97  
LYS CE  NZ   sing N N 98  
LYS CE  HE2  sing N N 99  
LYS CE  HE3  sing N N 100 
LYS NZ  HZ1  sing N N 101 
LYS NZ  HZ2  sing N N 102 
LYS NZ  HZ3  sing N N 103 
LYS OXT HXT  sing N N 104 
MPD C1  C2   sing N N 105 
MPD C1  H11  sing N N 106 
MPD C1  H12  sing N N 107 
MPD C1  H13  sing N N 108 
MPD C2  O2   sing N N 109 
MPD C2  CM   sing N N 110 
MPD C2  C3   sing N N 111 
MPD O2  HO2  sing N N 112 
MPD CM  HM1  sing N N 113 
MPD CM  HM2  sing N N 114 
MPD CM  HM3  sing N N 115 
MPD C3  C4   sing N N 116 
MPD C3  H31  sing N N 117 
MPD C3  H32  sing N N 118 
MPD C4  O4   sing N N 119 
MPD C4  C5   sing N N 120 
MPD C4  H4   sing N N 121 
MPD O4  HO4  sing N N 122 
MPD C5  H51  sing N N 123 
MPD C5  H52  sing N N 124 
MPD C5  H53  sing N N 125 
ORN N   CA   sing N N 126 
ORN N   H    sing N N 127 
ORN N   H2   sing N N 128 
ORN CA  CB   sing N N 129 
ORN CA  C    sing N N 130 
ORN CA  HA   sing N N 131 
ORN CB  CG   sing N N 132 
ORN CB  HB2  sing N N 133 
ORN CB  HB3  sing N N 134 
ORN CG  CD   sing N N 135 
ORN CG  HG2  sing N N 136 
ORN CG  HG3  sing N N 137 
ORN CD  NE   sing N N 138 
ORN CD  HD2  sing N N 139 
ORN CD  HD3  sing N N 140 
ORN NE  HE1  sing N N 141 
ORN NE  HE2  sing N N 142 
ORN C   O    doub N N 143 
ORN C   OXT  sing N N 144 
ORN OXT HXT  sing N N 145 
PHE N   CA   sing N N 146 
PHE N   H    sing N N 147 
PHE N   H2   sing N N 148 
PHE CA  C    sing N N 149 
PHE CA  CB   sing N N 150 
PHE CA  HA   sing N N 151 
PHE C   O    doub N N 152 
PHE C   OXT  sing N N 153 
PHE CB  CG   sing N N 154 
PHE CB  HB2  sing N N 155 
PHE CB  HB3  sing N N 156 
PHE CG  CD1  doub Y N 157 
PHE CG  CD2  sing Y N 158 
PHE CD1 CE1  sing Y N 159 
PHE CD1 HD1  sing N N 160 
PHE CD2 CE2  doub Y N 161 
PHE CD2 HD2  sing N N 162 
PHE CE1 CZ   doub Y N 163 
PHE CE1 HE1  sing N N 164 
PHE CE2 CZ   sing Y N 165 
PHE CE2 HE2  sing N N 166 
PHE CZ  HZ   sing N N 167 
PHE OXT HXT  sing N N 168 
SER N   CA   sing N N 169 
SER N   H    sing N N 170 
SER N   H2   sing N N 171 
SER CA  C    sing N N 172 
SER CA  CB   sing N N 173 
SER CA  HA   sing N N 174 
SER C   O    doub N N 175 
SER C   OXT  sing N N 176 
SER CB  OG   sing N N 177 
SER CB  HB2  sing N N 178 
SER CB  HB3  sing N N 179 
SER OG  HG   sing N N 180 
SER OXT HXT  sing N N 181 
THR N   CA   sing N N 182 
THR N   H    sing N N 183 
THR N   H2   sing N N 184 
THR CA  C    sing N N 185 
THR CA  CB   sing N N 186 
THR CA  HA   sing N N 187 
THR C   O    doub N N 188 
THR C   OXT  sing N N 189 
THR CB  OG1  sing N N 190 
THR CB  CG2  sing N N 191 
THR CB  HB   sing N N 192 
THR OG1 HG1  sing N N 193 
THR CG2 HG21 sing N N 194 
THR CG2 HG22 sing N N 195 
THR CG2 HG23 sing N N 196 
THR OXT HXT  sing N N 197 
TYR N   CA   sing N N 198 
TYR N   H    sing N N 199 
TYR N   H2   sing N N 200 
TYR CA  C    sing N N 201 
TYR CA  CB   sing N N 202 
TYR CA  HA   sing N N 203 
TYR C   O    doub N N 204 
TYR C   OXT  sing N N 205 
TYR CB  CG   sing N N 206 
TYR CB  HB2  sing N N 207 
TYR CB  HB3  sing N N 208 
TYR CG  CD1  doub Y N 209 
TYR CG  CD2  sing Y N 210 
TYR CD1 CE1  sing Y N 211 
TYR CD1 HD1  sing N N 212 
TYR CD2 CE2  doub Y N 213 
TYR CD2 HD2  sing N N 214 
TYR CE1 CZ   doub Y N 215 
TYR CE1 HE1  sing N N 216 
TYR CE2 CZ   sing Y N 217 
TYR CE2 HE2  sing N N 218 
TYR CZ  OH   sing N N 219 
TYR OH  HH   sing N N 220 
TYR OXT HXT  sing N N 221 
# 
loop_
_pdbx_entity_nonpoly.entity_id 
_pdbx_entity_nonpoly.name 
_pdbx_entity_nonpoly.comp_id 
2 '(4S)-2-METHYL-2,4-PENTANEDIOL' MPD 
3 water                           HOH 
# 
